data_6UCV
#
_entry.id   6UCV
#
_cell.length_a   1.00
_cell.length_b   1.00
_cell.length_c   1.00
_cell.angle_alpha   90.00
_cell.angle_beta   90.00
_cell.angle_gamma   90.00
#
_symmetry.space_group_name_H-M   'P 1'
#
loop_
_entity.id
_entity.type
_entity.pdbx_description
1 polymer 'Mitochondrial import receptor subunit TOM40'
2 polymer 'Mitochondrial import receptor subunit TOM22'
3 polymer 'Mitochondrial import receptor subunit TOM5'
4 polymer 'Mitochondrial import receptor subunit TOM6'
5 polymer 'Mitochondrial import receptor subunit TOM7'
6 non-polymer 1,2-DIMYRISTOYL-RAC-GLYCERO-3-PHOSPHOCHOLINE
#
loop_
_entity_poly.entity_id
_entity_poly.type
_entity_poly.pdbx_seq_one_letter_code
_entity_poly.pdbx_strand_id
1 'polypeptide(L)'
;MSAPTPLAEASQIPTIPALSPLTAKQSKGNFFSSNPISSFVVDTYKQLHSHRQSLELVNPGTVENLNKEVSRDVFLSQYF
FTGLRADLNKAFSMNPAFQTSHTFSIGSQALPKYAFSALFANDNLFAQGNIDNDLSVSGRLNYGWDKKNISKVNLQISDG
QPTMCQLEQDYQASDFSVNVKTLNPSFSEKGEFTGVAVASFLQSVTPQLALGLETLYSRTDGSAPGDAGVSYLTRYVSKK
QDWIFSGQLQANGALIASLWRKVAQNVEAGIETTLQAGMVPITDPLMGTPIGIQPTVEGSTTIGAKYEYRQSVYRGTLDS
NGKVACFLERKVLPTLSVLFCGEIDHFKNDTKIGCGLQFETAGNQELLMLQQGLDADGNPLQALPQLGGWSHPQFEK
;
A,I,a,i
2 'polypeptide(L)'
;MVELTEIKDDVVQLDEPQFSRNQAIVEEKASATNNDVVDDEDDSDSDFEDEFDENETLLDRIVALKDIVPPGKRQTISNF
FGFTSSFVRNAFTKSGNLAWTLTTTALLLGVPLSLSILAEQQLIEMEKTFDLQSDANNILAQGEKDAAATANGGHHHHHH
HH
;
B,J,b,j
3 'polypeptide(L)' MFGLPQQEVSEEEKRAHQEQTEKTLKQAAYVAAFLWVSPMIWHLVKKQWK C,K,c,k
4 'polypeptide(L)' MDGMFAMPGAAAGAASPQQPKSRFQAFKESPLYTIALNGAFFVAGVAFIQSPLMDMLAPQL D,L,d,l
5 'polypeptide(L)' MSFLPSFILSDESKERISKILTLTHNVAHYGWIPFVLYLGWAHTSNRPNFLNLLSPLPSV E,M,e,m
#
# COMPACT_ATOMS: atom_id res chain seq x y z
N ASP A 43 54.27 -78.95 -32.39
CA ASP A 43 53.90 -78.49 -33.72
C ASP A 43 52.53 -77.85 -33.69
N THR A 44 52.15 -77.32 -32.53
CA THR A 44 50.82 -76.72 -32.41
C THR A 44 50.78 -75.31 -33.00
N TYR A 45 51.95 -74.68 -33.17
CA TYR A 45 51.99 -73.26 -33.50
C TYR A 45 51.69 -72.98 -34.97
N LYS A 46 52.25 -73.77 -35.87
CA LYS A 46 52.06 -73.51 -37.30
C LYS A 46 50.66 -73.91 -37.76
N GLN A 47 50.22 -75.12 -37.36
CA GLN A 47 48.84 -75.52 -37.62
C GLN A 47 47.85 -74.66 -36.86
N LEU A 48 48.29 -74.12 -35.72
CA LEU A 48 47.51 -73.11 -34.99
C LEU A 48 47.28 -71.88 -35.84
N HIS A 49 48.35 -71.31 -36.39
CA HIS A 49 48.22 -70.13 -37.24
C HIS A 49 47.34 -70.41 -38.45
N SER A 50 47.51 -71.58 -39.08
CA SER A 50 46.72 -71.93 -40.26
C SER A 50 45.24 -72.07 -39.94
N HIS A 51 44.86 -72.92 -38.97
CA HIS A 51 43.43 -73.16 -38.78
C HIS A 51 42.77 -72.06 -37.94
N ARG A 52 43.49 -71.35 -37.08
CA ARG A 52 42.95 -70.18 -36.43
C ARG A 52 42.74 -69.05 -37.43
N GLN A 53 43.53 -69.01 -38.51
CA GLN A 53 43.18 -68.18 -39.64
C GLN A 53 42.00 -68.76 -40.42
N SER A 54 41.78 -70.07 -40.32
CA SER A 54 40.69 -70.70 -41.06
C SER A 54 39.43 -70.85 -40.23
N LEU A 55 39.52 -70.64 -38.90
CA LEU A 55 38.32 -70.71 -38.05
C LEU A 55 37.31 -69.62 -38.35
N GLU A 56 37.76 -68.48 -38.90
CA GLU A 56 36.93 -67.32 -39.25
C GLU A 56 36.18 -66.77 -38.03
N LEU A 57 36.97 -66.36 -37.04
CA LEU A 57 36.41 -65.81 -35.81
C LEU A 57 36.07 -64.34 -35.99
N VAL A 58 35.15 -63.86 -35.18
CA VAL A 58 34.68 -62.48 -35.24
C VAL A 58 35.13 -61.75 -33.99
N ASN A 59 35.26 -60.44 -34.11
CA ASN A 59 35.68 -59.61 -32.99
C ASN A 59 34.48 -59.30 -32.11
N PRO A 60 34.53 -59.61 -30.81
CA PRO A 60 33.48 -59.15 -29.90
C PRO A 60 33.73 -57.71 -29.48
N GLY A 61 32.76 -57.14 -28.79
CA GLY A 61 32.87 -55.78 -28.30
C GLY A 61 33.77 -55.67 -27.09
N THR A 62 33.77 -54.47 -26.50
CA THR A 62 34.54 -54.23 -25.30
C THR A 62 33.88 -54.86 -24.08
N VAL A 63 34.60 -54.80 -22.96
CA VAL A 63 34.03 -55.23 -21.69
C VAL A 63 32.94 -54.26 -21.24
N GLU A 64 33.10 -52.97 -21.56
CA GLU A 64 32.04 -52.00 -21.30
C GLU A 64 30.81 -52.26 -22.17
N ASN A 65 31.01 -52.81 -23.37
CA ASN A 65 29.90 -53.15 -24.25
C ASN A 65 29.44 -54.59 -24.10
N LEU A 66 29.66 -55.19 -22.93
CA LEU A 66 29.18 -56.55 -22.68
C LEU A 66 27.68 -56.53 -22.40
N ASN A 67 27.25 -55.70 -21.45
CA ASN A 67 25.84 -55.52 -21.15
C ASN A 67 25.28 -54.23 -21.74
N LYS A 68 25.71 -53.86 -22.96
CA LYS A 68 25.23 -52.63 -23.56
C LYS A 68 23.76 -52.76 -23.97
N GLU A 69 23.33 -53.96 -24.32
CA GLU A 69 21.97 -54.15 -24.80
C GLU A 69 20.97 -54.12 -23.64
N VAL A 70 21.28 -54.81 -22.55
CA VAL A 70 20.32 -54.92 -21.46
C VAL A 70 20.36 -53.70 -20.57
N SER A 71 21.56 -53.29 -20.15
CA SER A 71 21.66 -52.25 -19.13
C SER A 71 21.49 -50.86 -19.71
N ARG A 72 22.00 -50.60 -20.90
CA ARG A 72 21.97 -49.24 -21.45
C ARG A 72 20.88 -49.05 -22.50
N ASP A 73 20.67 -50.01 -23.40
CA ASP A 73 19.69 -49.82 -24.46
C ASP A 73 18.26 -49.96 -23.94
N VAL A 74 17.94 -51.11 -23.34
CA VAL A 74 16.55 -51.39 -23.00
C VAL A 74 16.15 -50.68 -21.71
N PHE A 75 16.96 -50.81 -20.67
CA PHE A 75 16.62 -50.26 -19.37
C PHE A 75 16.75 -48.73 -19.36
N LEU A 76 16.37 -48.15 -18.23
CA LEU A 76 16.29 -46.70 -18.10
C LEU A 76 17.16 -46.15 -16.98
N SER A 77 17.94 -47.01 -16.31
CA SER A 77 18.65 -46.61 -15.10
C SER A 77 19.73 -45.58 -15.39
N GLN A 78 20.33 -45.62 -16.58
CA GLN A 78 21.22 -44.56 -17.00
C GLN A 78 20.44 -43.30 -17.32
N TYR A 79 19.20 -43.45 -17.79
CA TYR A 79 18.46 -42.31 -18.32
C TYR A 79 17.50 -41.73 -17.29
N PHE A 80 17.22 -42.46 -16.22
CA PHE A 80 16.22 -42.00 -15.26
C PHE A 80 16.78 -40.89 -14.39
N PHE A 81 15.90 -39.98 -13.99
CA PHE A 81 16.27 -38.83 -13.18
C PHE A 81 15.09 -38.48 -12.29
N THR A 82 15.15 -37.32 -11.66
CA THR A 82 14.07 -36.82 -10.82
C THR A 82 14.00 -35.31 -10.99
N GLY A 83 12.77 -34.79 -11.07
CA GLY A 83 12.60 -33.35 -11.16
C GLY A 83 12.78 -32.84 -12.58
N LEU A 84 12.65 -31.53 -12.72
CA LEU A 84 12.62 -30.91 -14.04
C LEU A 84 14.02 -30.83 -14.62
N ARG A 85 14.12 -31.07 -15.93
CA ARG A 85 15.38 -30.86 -16.62
C ARG A 85 15.14 -30.45 -18.07
N ALA A 86 15.99 -29.55 -18.55
CA ALA A 86 15.96 -29.05 -19.91
C ALA A 86 17.34 -29.16 -20.50
N ASP A 87 17.40 -29.57 -21.77
CA ASP A 87 18.63 -29.71 -22.52
C ASP A 87 18.57 -28.78 -23.72
N LEU A 88 19.65 -28.05 -23.95
CA LEU A 88 19.71 -27.04 -25.01
C LEU A 88 21.01 -27.27 -25.77
N ASN A 89 20.99 -28.12 -26.78
CA ASN A 89 22.22 -28.33 -27.53
C ASN A 89 22.09 -27.80 -28.95
N LYS A 90 23.15 -27.16 -29.41
CA LYS A 90 23.21 -26.58 -30.73
C LYS A 90 24.45 -27.10 -31.44
N ALA A 91 24.28 -27.44 -32.71
CA ALA A 91 25.31 -28.06 -33.53
C ALA A 91 25.84 -27.04 -34.52
N PHE A 92 27.15 -26.77 -34.46
CA PHE A 92 27.77 -25.85 -35.39
C PHE A 92 28.24 -26.52 -36.67
N SER A 93 28.67 -27.77 -36.59
CA SER A 93 29.19 -28.47 -37.77
C SER A 93 28.90 -29.96 -37.63
N MET A 94 29.02 -30.66 -38.75
CA MET A 94 28.76 -32.09 -38.78
C MET A 94 29.89 -32.94 -39.32
N ASN A 95 30.68 -32.47 -40.30
CA ASN A 95 31.78 -33.30 -40.78
C ASN A 95 32.92 -33.31 -39.76
N PRO A 96 33.29 -32.18 -39.12
CA PRO A 96 33.68 -32.27 -37.70
C PRO A 96 32.45 -32.18 -36.82
N ALA A 97 32.16 -33.22 -36.06
CA ALA A 97 31.00 -33.20 -35.18
C ALA A 97 31.28 -32.31 -33.98
N PHE A 98 30.55 -31.20 -33.88
CA PHE A 98 30.79 -30.23 -32.84
C PHE A 98 29.46 -29.61 -32.40
N GLN A 99 29.20 -29.65 -31.10
CA GLN A 99 27.94 -29.15 -30.57
C GLN A 99 28.15 -28.75 -29.11
N THR A 100 27.41 -27.74 -28.68
CA THR A 100 27.47 -27.24 -27.32
C THR A 100 26.12 -27.46 -26.65
N SER A 101 26.14 -27.96 -25.41
CA SER A 101 24.94 -28.38 -24.72
C SER A 101 24.84 -27.71 -23.36
N HIS A 102 23.76 -26.96 -23.16
CA HIS A 102 23.37 -26.44 -21.85
C HIS A 102 22.44 -27.43 -21.17
N THR A 103 22.51 -27.49 -19.85
CA THR A 103 21.66 -28.41 -19.08
C THR A 103 21.17 -27.71 -17.83
N PHE A 104 19.86 -27.57 -17.72
CA PHE A 104 19.21 -27.02 -16.53
C PHE A 104 18.49 -28.14 -15.81
N SER A 105 18.60 -28.18 -14.48
CA SER A 105 17.92 -29.21 -13.71
C SER A 105 17.57 -28.67 -12.34
N ILE A 106 16.46 -29.16 -11.80
CA ILE A 106 16.00 -28.74 -10.49
C ILE A 106 15.17 -29.88 -9.90
N GLY A 107 15.35 -30.11 -8.60
CA GLY A 107 14.63 -31.15 -7.89
C GLY A 107 15.36 -32.45 -7.72
N SER A 108 16.65 -32.52 -8.07
CA SER A 108 17.40 -33.75 -8.00
C SER A 108 18.67 -33.53 -7.20
N GLN A 109 19.29 -34.64 -6.78
CA GLN A 109 20.54 -34.58 -6.06
C GLN A 109 21.75 -34.80 -6.95
N ALA A 110 21.65 -35.71 -7.93
CA ALA A 110 22.79 -36.01 -8.79
C ALA A 110 22.98 -34.93 -9.85
N LEU A 111 21.90 -34.53 -10.51
CA LEU A 111 22.03 -33.52 -11.55
C LEU A 111 22.18 -32.13 -10.93
N PRO A 112 23.16 -31.35 -11.38
CA PRO A 112 23.36 -30.01 -10.84
C PRO A 112 22.35 -29.03 -11.41
N LYS A 113 22.46 -27.78 -10.97
CA LYS A 113 21.52 -26.76 -11.42
C LYS A 113 21.81 -26.33 -12.84
N TYR A 114 23.08 -26.11 -13.16
CA TYR A 114 23.48 -25.63 -14.47
C TYR A 114 24.76 -26.33 -14.88
N ALA A 115 24.84 -26.72 -16.14
CA ALA A 115 26.01 -27.42 -16.66
C ALA A 115 26.12 -27.14 -18.14
N PHE A 116 27.30 -26.73 -18.59
CA PHE A 116 27.58 -26.48 -19.99
C PHE A 116 28.59 -27.50 -20.47
N SER A 117 28.26 -28.21 -21.53
CA SER A 117 29.12 -29.23 -22.11
C SER A 117 29.28 -28.99 -23.60
N ALA A 118 30.48 -29.27 -24.09
CA ALA A 118 30.79 -29.10 -25.51
C ALA A 118 31.70 -30.24 -25.93
N LEU A 119 31.43 -30.82 -27.08
CA LEU A 119 32.21 -31.95 -27.56
C LEU A 119 32.59 -31.75 -29.02
N PHE A 120 33.78 -32.23 -29.36
CA PHE A 120 34.32 -32.12 -30.70
C PHE A 120 34.68 -33.51 -31.19
N ALA A 121 34.36 -33.80 -32.45
CA ALA A 121 34.59 -35.14 -32.98
C ALA A 121 34.87 -35.05 -34.48
N ASN A 122 36.13 -35.19 -34.84
CA ASN A 122 36.53 -35.50 -36.20
C ASN A 122 36.61 -37.02 -36.34
N ASP A 123 37.30 -37.48 -37.39
CA ASP A 123 37.29 -38.90 -37.76
C ASP A 123 37.92 -39.80 -36.68
N ASN A 124 38.95 -39.30 -35.99
CA ASN A 124 39.68 -40.16 -35.05
C ASN A 124 39.83 -39.62 -33.64
N LEU A 125 39.49 -38.36 -33.38
CA LEU A 125 39.66 -37.77 -32.05
C LEU A 125 38.31 -37.32 -31.53
N PHE A 126 38.00 -37.74 -30.30
CA PHE A 126 36.79 -37.34 -29.59
C PHE A 126 37.21 -36.68 -28.29
N ALA A 127 36.77 -35.44 -28.07
CA ALA A 127 37.15 -34.68 -26.89
C ALA A 127 35.92 -34.01 -26.32
N GLN A 128 35.64 -34.27 -25.05
CA GLN A 128 34.46 -33.73 -24.39
C GLN A 128 34.86 -32.93 -23.16
N GLY A 129 34.35 -31.72 -23.07
CA GLY A 129 34.57 -30.88 -21.91
C GLY A 129 33.26 -30.62 -21.20
N ASN A 130 33.33 -30.53 -19.88
CA ASN A 130 32.14 -30.33 -19.07
C ASN A 130 32.47 -29.35 -17.95
N ILE A 131 31.78 -28.23 -17.91
CA ILE A 131 31.89 -27.27 -16.81
C ILE A 131 30.59 -27.33 -16.03
N ASP A 132 30.68 -27.04 -14.74
CA ASP A 132 29.57 -27.17 -13.82
C ASP A 132 29.50 -25.94 -12.93
N ASN A 133 28.35 -25.69 -12.33
CA ASN A 133 28.35 -24.73 -11.24
C ASN A 133 29.12 -25.31 -10.05
N ASP A 134 29.73 -24.42 -9.27
CA ASP A 134 30.80 -24.63 -8.27
C ASP A 134 32.04 -25.30 -8.88
N LEU A 135 32.15 -25.25 -10.21
CA LEU A 135 33.36 -25.58 -10.98
C LEU A 135 33.81 -27.02 -10.79
N SER A 136 32.96 -27.95 -11.23
CA SER A 136 33.34 -29.37 -11.31
C SER A 136 33.64 -29.69 -12.77
N VAL A 137 34.92 -29.85 -13.09
CA VAL A 137 35.37 -29.98 -14.46
C VAL A 137 35.53 -31.45 -14.79
N SER A 138 34.87 -31.90 -15.87
CA SER A 138 34.98 -33.26 -16.35
C SER A 138 35.47 -33.23 -17.79
N GLY A 139 36.58 -33.91 -18.05
CA GLY A 139 37.14 -33.92 -19.39
C GLY A 139 37.52 -35.30 -19.87
N ARG A 140 36.97 -35.71 -20.99
CA ARG A 140 37.28 -36.99 -21.59
C ARG A 140 37.85 -36.78 -22.99
N LEU A 141 38.92 -37.51 -23.29
CA LEU A 141 39.56 -37.38 -24.59
C LEU A 141 39.79 -38.77 -25.16
N ASN A 142 39.17 -39.07 -26.29
CA ASN A 142 39.48 -40.27 -27.07
C ASN A 142 40.45 -39.88 -28.18
N TYR A 143 41.30 -40.82 -28.58
CA TYR A 143 42.16 -40.64 -29.74
C TYR A 143 42.27 -41.97 -30.46
N GLY A 144 42.02 -41.94 -31.77
CA GLY A 144 42.14 -43.14 -32.57
C GLY A 144 43.46 -43.25 -33.30
N TRP A 145 44.36 -44.08 -32.79
CA TRP A 145 45.57 -44.42 -33.53
C TRP A 145 45.24 -45.23 -34.77
N ASP A 146 44.17 -46.02 -34.70
CA ASP A 146 43.65 -46.77 -35.82
C ASP A 146 42.16 -46.92 -35.57
N LYS A 147 41.47 -47.61 -36.48
CA LYS A 147 40.08 -47.96 -36.23
C LYS A 147 39.98 -49.01 -35.13
N LYS A 148 41.06 -49.76 -34.89
CA LYS A 148 41.10 -50.75 -33.83
C LYS A 148 41.66 -50.16 -32.54
N ASN A 149 42.86 -49.57 -32.64
CA ASN A 149 43.57 -49.11 -31.45
C ASN A 149 43.17 -47.69 -31.10
N ILE A 150 42.79 -47.47 -29.83
CA ILE A 150 42.45 -46.15 -29.32
C ILE A 150 43.07 -45.96 -27.95
N SER A 151 43.32 -44.69 -27.61
CA SER A 151 43.85 -44.27 -26.33
C SER A 151 42.97 -43.17 -25.77
N LYS A 152 42.56 -43.29 -24.51
CA LYS A 152 41.63 -42.33 -23.94
C LYS A 152 42.04 -41.94 -22.54
N VAL A 153 41.69 -40.70 -22.20
CA VAL A 153 42.01 -40.09 -20.91
C VAL A 153 40.71 -39.59 -20.30
N ASN A 154 40.47 -39.93 -19.04
CA ASN A 154 39.33 -39.36 -18.32
C ASN A 154 39.87 -38.58 -17.13
N LEU A 155 39.35 -37.38 -16.93
CA LEU A 155 39.83 -36.46 -15.91
C LEU A 155 38.63 -35.85 -15.22
N GLN A 156 38.69 -35.74 -13.89
CA GLN A 156 37.61 -35.13 -13.15
C GLN A 156 38.16 -34.38 -11.95
N ILE A 157 37.79 -33.10 -11.85
CA ILE A 157 38.11 -32.24 -10.72
C ILE A 157 36.80 -31.80 -10.08
N SER A 158 36.67 -32.03 -8.77
CA SER A 158 35.42 -31.78 -8.08
C SER A 158 35.46 -30.59 -7.13
N ASP A 159 36.61 -29.91 -7.01
CA ASP A 159 36.80 -28.69 -6.21
C ASP A 159 36.45 -28.92 -4.73
N GLY A 160 37.23 -29.80 -4.11
CA GLY A 160 37.01 -30.15 -2.72
C GLY A 160 37.17 -31.64 -2.50
N GLN A 161 37.30 -32.36 -3.60
CA GLN A 161 37.54 -33.79 -3.64
C GLN A 161 38.82 -34.03 -4.42
N PRO A 162 39.51 -35.16 -4.20
CA PRO A 162 40.74 -35.41 -4.96
C PRO A 162 40.47 -35.65 -6.45
N THR A 163 41.35 -35.10 -7.28
CA THR A 163 41.21 -35.21 -8.73
C THR A 163 41.39 -36.65 -9.17
N MET A 164 40.39 -37.16 -9.90
CA MET A 164 40.39 -38.55 -10.33
C MET A 164 40.61 -38.60 -11.83
N CYS A 165 41.70 -39.26 -12.23
CA CYS A 165 42.02 -39.42 -13.64
C CYS A 165 42.35 -40.87 -13.92
N GLN A 166 41.97 -41.32 -15.12
CA GLN A 166 42.32 -42.67 -15.56
C GLN A 166 42.83 -42.62 -16.99
N LEU A 167 43.79 -43.48 -17.28
CA LEU A 167 44.33 -43.65 -18.62
C LEU A 167 43.91 -45.03 -19.11
N GLU A 168 43.30 -45.10 -20.29
CA GLU A 168 42.89 -46.38 -20.83
C GLU A 168 43.42 -46.56 -22.24
N GLN A 169 43.96 -47.74 -22.50
CA GLN A 169 44.40 -48.16 -23.81
C GLN A 169 43.52 -49.32 -24.24
N ASP A 170 42.82 -49.17 -25.36
CA ASP A 170 41.89 -50.18 -25.83
C ASP A 170 42.31 -50.63 -27.22
N TYR A 171 42.61 -51.91 -27.35
CA TYR A 171 43.00 -52.51 -28.61
C TYR A 171 42.06 -53.66 -28.93
N GLN A 172 41.38 -53.56 -30.06
CA GLN A 172 40.48 -54.61 -30.54
C GLN A 172 41.17 -55.34 -31.66
N ALA A 173 41.46 -56.62 -31.47
CA ALA A 173 42.14 -57.42 -32.48
C ALA A 173 41.10 -58.02 -33.42
N SER A 174 41.52 -59.01 -34.21
CA SER A 174 40.57 -59.65 -35.13
C SER A 174 39.58 -60.53 -34.37
N ASP A 175 40.04 -61.18 -33.29
CA ASP A 175 39.17 -62.09 -32.54
C ASP A 175 39.22 -61.86 -31.04
N PHE A 176 39.97 -60.87 -30.56
CA PHE A 176 39.96 -60.59 -29.13
C PHE A 176 40.03 -59.08 -28.90
N SER A 177 39.67 -58.68 -27.70
CA SER A 177 39.65 -57.29 -27.31
C SER A 177 40.27 -57.14 -25.93
N VAL A 178 41.25 -56.23 -25.83
CA VAL A 178 42.00 -55.98 -24.61
C VAL A 178 41.84 -54.51 -24.28
N ASN A 179 41.66 -54.20 -23.00
CA ASN A 179 41.90 -52.83 -22.57
C ASN A 179 42.55 -52.81 -21.20
N VAL A 180 43.36 -51.78 -20.98
CA VAL A 180 44.09 -51.57 -19.75
C VAL A 180 43.80 -50.14 -19.30
N LYS A 181 43.18 -50.00 -18.14
CA LYS A 181 42.93 -48.68 -17.58
C LYS A 181 43.61 -48.57 -16.22
N THR A 182 44.12 -47.38 -15.92
CA THR A 182 44.77 -47.09 -14.65
C THR A 182 44.11 -45.86 -14.06
N LEU A 183 43.55 -46.02 -12.87
CA LEU A 183 42.91 -44.96 -12.11
C LEU A 183 43.89 -44.44 -11.07
N ASN A 184 44.16 -43.13 -11.12
CA ASN A 184 45.11 -42.45 -10.25
C ASN A 184 46.50 -43.09 -10.21
N PRO A 185 47.29 -42.98 -11.29
CA PRO A 185 48.62 -43.58 -11.26
C PRO A 185 49.58 -42.77 -10.40
N SER A 186 50.32 -43.48 -9.57
CA SER A 186 51.28 -42.85 -8.67
C SER A 186 52.30 -43.90 -8.24
N PHE A 187 53.55 -43.46 -8.14
CA PHE A 187 54.66 -44.34 -7.78
C PHE A 187 55.24 -43.92 -6.44
N SER A 188 55.50 -44.89 -5.58
CA SER A 188 56.06 -44.62 -4.26
C SER A 188 57.55 -44.30 -4.37
N GLU A 189 58.16 -44.01 -3.22
CA GLU A 189 59.59 -43.73 -3.19
C GLU A 189 60.43 -44.99 -3.43
N LYS A 190 59.85 -46.16 -3.18
CA LYS A 190 60.52 -47.44 -3.44
C LYS A 190 60.42 -47.86 -4.90
N GLY A 191 59.70 -47.12 -5.73
CA GLY A 191 59.49 -47.51 -7.10
C GLY A 191 58.32 -48.43 -7.31
N GLU A 192 57.37 -48.48 -6.38
CA GLU A 192 56.25 -49.39 -6.43
C GLU A 192 54.98 -48.66 -6.86
N PHE A 193 54.09 -49.41 -7.52
CA PHE A 193 52.85 -48.83 -8.03
C PHE A 193 51.89 -48.52 -6.89
N THR A 194 51.10 -47.46 -7.07
CA THR A 194 50.07 -47.10 -6.11
C THR A 194 48.90 -46.52 -6.90
N GLY A 195 47.78 -47.24 -6.94
CA GLY A 195 46.64 -46.83 -7.73
C GLY A 195 45.76 -48.04 -8.02
N VAL A 196 44.92 -47.89 -9.05
CA VAL A 196 44.04 -48.97 -9.49
C VAL A 196 44.41 -49.33 -10.91
N ALA A 197 44.60 -50.61 -11.17
CA ALA A 197 44.93 -51.09 -12.51
C ALA A 197 43.95 -52.19 -12.89
N VAL A 198 43.19 -51.97 -13.95
CA VAL A 198 42.21 -52.92 -14.44
C VAL A 198 42.62 -53.33 -15.84
N ALA A 199 42.98 -54.59 -16.01
CA ALA A 199 43.33 -55.13 -17.32
C ALA A 199 42.32 -56.22 -17.67
N SER A 200 41.67 -56.09 -18.82
CA SER A 200 40.64 -57.03 -19.20
C SER A 200 40.85 -57.51 -20.64
N PHE A 201 40.53 -58.80 -20.83
CA PHE A 201 40.78 -59.55 -22.04
C PHE A 201 39.49 -60.29 -22.41
N LEU A 202 39.21 -60.39 -23.71
CA LEU A 202 38.00 -61.06 -24.17
C LEU A 202 38.27 -61.75 -25.50
N GLN A 203 38.20 -63.08 -25.52
CA GLN A 203 38.48 -63.92 -26.69
C GLN A 203 37.24 -64.71 -27.07
N SER A 204 36.94 -64.75 -28.36
CA SER A 204 35.86 -65.59 -28.88
C SER A 204 36.42 -66.97 -29.18
N VAL A 205 35.92 -67.99 -28.49
CA VAL A 205 36.33 -69.36 -28.77
C VAL A 205 35.63 -69.89 -30.02
N THR A 206 34.54 -69.24 -30.42
CA THR A 206 33.72 -69.64 -31.55
C THR A 206 32.92 -68.41 -31.97
N PRO A 207 32.40 -68.36 -33.20
CA PRO A 207 31.58 -67.20 -33.62
C PRO A 207 30.28 -66.95 -32.84
N GLN A 208 29.95 -67.76 -31.84
CA GLN A 208 28.83 -67.46 -30.94
C GLN A 208 29.28 -67.02 -29.56
N LEU A 209 30.23 -67.74 -28.95
CA LEU A 209 30.66 -67.44 -27.60
C LEU A 209 31.77 -66.39 -27.58
N ALA A 210 31.96 -65.82 -26.39
CA ALA A 210 33.06 -64.91 -26.10
C ALA A 210 33.34 -65.02 -24.60
N LEU A 211 34.44 -65.66 -24.25
CA LEU A 211 34.85 -65.76 -22.85
C LEU A 211 35.99 -64.80 -22.57
N GLY A 212 36.01 -64.28 -21.36
CA GLY A 212 37.07 -63.36 -21.02
C GLY A 212 37.19 -63.18 -19.53
N LEU A 213 38.08 -62.27 -19.15
CA LEU A 213 38.29 -62.00 -17.74
C LEU A 213 38.76 -60.57 -17.56
N GLU A 214 38.67 -60.10 -16.32
CA GLU A 214 39.20 -58.80 -15.94
C GLU A 214 39.93 -58.95 -14.63
N THR A 215 41.00 -58.19 -14.47
CA THR A 215 41.86 -58.25 -13.29
C THR A 215 42.01 -56.84 -12.73
N LEU A 216 41.63 -56.67 -11.47
CA LEU A 216 41.67 -55.39 -10.79
C LEU A 216 42.68 -55.49 -9.65
N TYR A 217 43.77 -54.72 -9.75
CA TYR A 217 44.75 -54.64 -8.69
C TYR A 217 44.69 -53.23 -8.10
N SER A 218 44.46 -53.15 -6.79
CA SER A 218 44.27 -51.86 -6.13
C SER A 218 45.23 -51.75 -4.96
N ARG A 219 45.99 -50.66 -4.93
CA ARG A 219 46.88 -50.37 -3.82
C ARG A 219 46.68 -48.90 -3.44
N THR A 220 46.20 -48.67 -2.22
CA THR A 220 45.73 -47.35 -1.82
C THR A 220 46.89 -46.42 -1.44
N ASP A 221 47.74 -46.86 -0.54
CA ASP A 221 48.76 -45.99 0.04
C ASP A 221 50.18 -46.49 -0.12
N GLY A 222 50.40 -47.80 -0.05
CA GLY A 222 51.74 -48.38 -0.06
C GLY A 222 52.13 -49.00 1.26
N SER A 223 51.56 -48.52 2.36
CA SER A 223 51.78 -49.15 3.65
C SER A 223 51.14 -50.53 3.70
N ALA A 224 49.93 -50.65 3.17
CA ALA A 224 49.26 -51.93 3.03
C ALA A 224 49.41 -52.43 1.61
N PRO A 225 49.70 -53.71 1.40
CA PRO A 225 49.76 -54.24 0.03
C PRO A 225 48.38 -54.27 -0.62
N GLY A 226 48.35 -53.92 -1.90
CA GLY A 226 47.09 -53.89 -2.62
C GLY A 226 46.56 -55.28 -2.90
N ASP A 227 45.25 -55.35 -3.11
CA ASP A 227 44.56 -56.60 -3.36
C ASP A 227 44.25 -56.77 -4.85
N ALA A 228 44.13 -58.03 -5.26
CA ALA A 228 43.89 -58.38 -6.65
C ALA A 228 42.61 -59.19 -6.74
N GLY A 229 41.76 -58.85 -7.72
CA GLY A 229 40.51 -59.54 -7.93
C GLY A 229 40.30 -59.90 -9.38
N VAL A 230 39.94 -61.15 -9.64
CA VAL A 230 39.74 -61.66 -10.99
C VAL A 230 38.26 -61.95 -11.19
N SER A 231 37.70 -61.44 -12.28
CA SER A 231 36.30 -61.65 -12.58
C SER A 231 36.18 -62.25 -13.98
N TYR A 232 35.16 -63.07 -14.18
CA TYR A 232 34.98 -63.81 -15.42
C TYR A 232 33.85 -63.21 -16.24
N LEU A 233 33.91 -63.42 -17.55
CA LEU A 233 32.98 -62.80 -18.49
C LEU A 233 32.55 -63.83 -19.51
N THR A 234 31.25 -63.89 -19.79
CA THR A 234 30.69 -64.87 -20.72
C THR A 234 29.64 -64.19 -21.58
N ARG A 235 29.74 -64.35 -22.90
CA ARG A 235 28.74 -63.80 -23.80
C ARG A 235 28.39 -64.85 -24.84
N TYR A 236 27.10 -64.98 -25.14
CA TYR A 236 26.61 -65.92 -26.15
C TYR A 236 25.69 -65.18 -27.10
N VAL A 237 26.05 -65.15 -28.36
CA VAL A 237 25.24 -64.53 -29.40
C VAL A 237 24.54 -65.63 -30.18
N SER A 238 23.25 -65.44 -30.47
CA SER A 238 22.53 -66.40 -31.27
C SER A 238 22.94 -66.31 -32.73
N LYS A 239 22.49 -67.29 -33.51
CA LYS A 239 22.91 -67.40 -34.90
C LYS A 239 22.27 -66.33 -35.76
N LYS A 240 21.00 -66.02 -35.53
CA LYS A 240 20.27 -65.04 -36.31
C LYS A 240 20.26 -63.66 -35.65
N GLN A 241 21.18 -63.42 -34.71
CA GLN A 241 21.32 -62.19 -33.93
C GLN A 241 20.04 -61.81 -33.20
N ASP A 242 19.26 -62.81 -32.78
CA ASP A 242 17.97 -62.54 -32.16
C ASP A 242 18.12 -62.25 -30.67
N TRP A 243 18.83 -63.12 -29.96
CA TRP A 243 18.94 -63.02 -28.52
C TRP A 243 20.39 -63.21 -28.09
N ILE A 244 20.77 -62.49 -27.05
CA ILE A 244 22.12 -62.47 -26.53
C ILE A 244 22.08 -62.76 -25.04
N PHE A 245 22.83 -63.76 -24.60
CA PHE A 245 23.03 -64.05 -23.20
C PHE A 245 24.34 -63.42 -22.74
N SER A 246 24.36 -62.90 -21.52
CA SER A 246 25.54 -62.21 -21.03
C SER A 246 25.64 -62.41 -19.53
N GLY A 247 26.68 -63.12 -19.08
CA GLY A 247 26.86 -63.33 -17.67
C GLY A 247 28.24 -62.99 -17.17
N GLN A 248 28.33 -62.23 -16.08
CA GLN A 248 29.60 -61.91 -15.46
C GLN A 248 29.55 -62.28 -13.99
N LEU A 249 30.63 -62.87 -13.50
CA LEU A 249 30.80 -63.20 -12.09
C LEU A 249 31.90 -62.30 -11.57
N GLN A 250 31.52 -61.31 -10.76
CA GLN A 250 32.48 -60.31 -10.29
C GLN A 250 33.40 -60.90 -9.22
N ALA A 251 34.48 -60.17 -8.92
CA ALA A 251 35.45 -60.61 -7.93
C ALA A 251 34.93 -60.45 -6.50
N ASN A 252 33.88 -59.66 -6.30
CA ASN A 252 33.26 -59.49 -5.00
C ASN A 252 32.20 -60.54 -4.70
N GLY A 253 32.17 -61.64 -5.46
CA GLY A 253 31.13 -62.63 -5.35
C GLY A 253 29.84 -62.27 -6.06
N ALA A 254 29.75 -61.08 -6.65
CA ALA A 254 28.53 -60.66 -7.31
C ALA A 254 28.38 -61.36 -8.65
N LEU A 255 27.12 -61.60 -9.02
CA LEU A 255 26.77 -62.27 -10.26
C LEU A 255 25.73 -61.42 -10.96
N ILE A 256 25.97 -61.12 -12.24
CA ILE A 256 25.05 -60.34 -13.06
C ILE A 256 24.80 -61.16 -14.32
N ALA A 257 23.57 -61.63 -14.49
CA ALA A 257 23.19 -62.44 -15.64
C ALA A 257 22.05 -61.76 -16.37
N SER A 258 22.17 -61.61 -17.68
CA SER A 258 21.21 -60.83 -18.44
C SER A 258 20.95 -61.50 -19.78
N LEU A 259 19.77 -61.24 -20.31
CA LEU A 259 19.34 -61.73 -21.61
C LEU A 259 18.69 -60.59 -22.37
N TRP A 260 19.10 -60.39 -23.60
CA TRP A 260 18.51 -59.41 -24.51
C TRP A 260 17.85 -60.17 -25.64
N ARG A 261 16.70 -59.70 -26.09
CA ARG A 261 16.01 -60.35 -27.19
C ARG A 261 15.30 -59.31 -28.04
N LYS A 262 15.35 -59.49 -29.34
CA LYS A 262 14.73 -58.59 -30.30
C LYS A 262 13.52 -59.30 -30.88
N VAL A 263 12.32 -58.82 -30.53
CA VAL A 263 11.11 -59.45 -31.04
C VAL A 263 10.88 -59.06 -32.49
N ALA A 264 10.86 -57.76 -32.76
CA ALA A 264 10.68 -57.24 -34.11
C ALA A 264 11.61 -56.06 -34.29
N GLN A 265 11.47 -55.35 -35.42
CA GLN A 265 12.41 -54.29 -35.75
C GLN A 265 12.21 -53.06 -34.88
N ASN A 266 11.07 -52.93 -34.20
CA ASN A 266 10.79 -51.77 -33.39
C ASN A 266 10.68 -52.07 -31.91
N VAL A 267 10.66 -53.34 -31.52
CA VAL A 267 10.42 -53.72 -30.14
C VAL A 267 11.57 -54.60 -29.65
N GLU A 268 11.92 -54.44 -28.37
CA GLU A 268 13.01 -55.20 -27.77
C GLU A 268 12.66 -55.49 -26.31
N ALA A 269 13.28 -56.54 -25.77
CA ALA A 269 13.05 -56.93 -24.38
C ALA A 269 14.36 -57.38 -23.75
N GLY A 270 14.39 -57.36 -22.43
CA GLY A 270 15.59 -57.77 -21.71
C GLY A 270 15.40 -57.99 -20.22
N ILE A 271 16.06 -59.01 -19.69
CA ILE A 271 15.99 -59.33 -18.27
C ILE A 271 17.39 -59.29 -17.69
N GLU A 272 17.50 -58.83 -16.44
CA GLU A 272 18.76 -58.78 -15.71
C GLU A 272 18.53 -59.27 -14.28
N THR A 273 19.52 -59.99 -13.76
CA THR A 273 19.48 -60.51 -12.40
C THR A 273 20.83 -60.25 -11.75
N THR A 274 20.83 -59.55 -10.63
CA THR A 274 22.05 -59.15 -9.94
C THR A 274 22.00 -59.62 -8.49
N LEU A 275 23.08 -60.26 -8.04
CA LEU A 275 23.12 -60.67 -6.64
C LEU A 275 24.55 -60.57 -6.13
N GLN A 276 24.68 -60.52 -4.81
CA GLN A 276 26.00 -60.47 -4.17
C GLN A 276 26.10 -61.53 -3.08
N PRO A 295 26.53 -65.00 5.82
CA PRO A 295 26.89 -63.91 4.93
C PRO A 295 25.70 -63.01 4.59
N THR A 296 25.93 -61.95 3.83
CA THR A 296 24.91 -60.99 3.45
C THR A 296 24.77 -61.01 1.93
N VAL A 297 23.79 -61.78 1.44
CA VAL A 297 23.54 -61.92 0.01
C VAL A 297 22.15 -61.37 -0.31
N GLU A 298 22.08 -60.51 -1.31
CA GLU A 298 20.82 -59.93 -1.75
C GLU A 298 20.93 -59.61 -3.24
N GLY A 299 19.79 -59.61 -3.92
CA GLY A 299 19.78 -59.38 -5.36
C GLY A 299 18.45 -58.86 -5.85
N SER A 300 18.48 -58.29 -7.05
CA SER A 300 17.30 -57.74 -7.71
C SER A 300 17.15 -58.35 -9.10
N THR A 301 15.90 -58.55 -9.50
CA THR A 301 15.54 -59.04 -10.83
C THR A 301 14.71 -57.99 -11.55
N THR A 302 15.17 -57.57 -12.71
CA THR A 302 14.52 -56.51 -13.47
C THR A 302 14.23 -56.98 -14.88
N ILE A 303 12.97 -56.93 -15.28
CA ILE A 303 12.53 -57.19 -16.65
C ILE A 303 12.17 -55.85 -17.27
N GLY A 304 12.49 -55.68 -18.54
CA GLY A 304 12.21 -54.41 -19.19
C GLY A 304 12.02 -54.59 -20.68
N ALA A 305 11.42 -53.58 -21.28
CA ALA A 305 11.16 -53.59 -22.71
C ALA A 305 11.32 -52.18 -23.27
N LYS A 306 11.76 -52.10 -24.51
CA LYS A 306 11.90 -50.84 -25.22
C LYS A 306 11.16 -50.93 -26.53
N TYR A 307 10.13 -50.11 -26.69
CA TYR A 307 9.34 -50.05 -27.91
C TYR A 307 9.67 -48.72 -28.56
N GLU A 308 10.42 -48.75 -29.67
CA GLU A 308 10.85 -47.53 -30.33
C GLU A 308 10.07 -47.30 -31.60
N TYR A 309 9.92 -46.03 -31.97
CA TYR A 309 9.33 -45.62 -33.23
C TYR A 309 10.04 -44.38 -33.74
N ARG A 310 9.55 -43.84 -34.85
CA ARG A 310 10.13 -42.61 -35.39
C ARG A 310 9.72 -41.41 -34.55
N GLN A 311 8.52 -41.43 -33.98
CA GLN A 311 8.04 -40.28 -33.21
C GLN A 311 8.33 -40.41 -31.72
N SER A 312 8.43 -41.63 -31.20
CA SER A 312 8.46 -41.80 -29.76
C SER A 312 9.30 -43.01 -29.40
N VAL A 313 9.81 -43.00 -28.18
CA VAL A 313 10.58 -44.10 -27.60
C VAL A 313 10.00 -44.40 -26.22
N TYR A 314 9.52 -45.64 -26.04
CA TYR A 314 8.93 -46.07 -24.79
C TYR A 314 9.83 -47.10 -24.12
N ARG A 315 9.96 -47.02 -22.80
CA ARG A 315 10.76 -47.97 -22.03
C ARG A 315 10.04 -48.29 -20.74
N GLY A 316 9.78 -49.57 -20.52
CA GLY A 316 9.09 -50.03 -19.32
C GLY A 316 9.95 -51.00 -18.54
N THR A 317 9.82 -50.96 -17.22
CA THR A 317 10.64 -51.79 -16.35
C THR A 317 9.85 -52.23 -15.13
N LEU A 318 9.85 -53.54 -14.88
CA LEU A 318 9.31 -54.13 -13.66
C LEU A 318 10.45 -54.75 -12.87
N ASP A 319 10.55 -54.40 -11.60
CA ASP A 319 11.60 -54.87 -10.71
C ASP A 319 11.03 -55.83 -9.67
N SER A 320 11.92 -56.69 -9.15
CA SER A 320 11.56 -57.57 -8.06
C SER A 320 11.55 -56.87 -6.72
N ASN A 321 12.00 -55.61 -6.65
CA ASN A 321 11.99 -54.85 -5.41
C ASN A 321 10.65 -54.18 -5.12
N GLY A 322 9.63 -54.44 -5.94
CA GLY A 322 8.34 -53.83 -5.75
C GLY A 322 8.18 -52.46 -6.38
N LYS A 323 8.95 -52.14 -7.41
CA LYS A 323 8.86 -50.85 -8.06
C LYS A 323 8.66 -51.03 -9.56
N VAL A 324 7.98 -50.08 -10.18
CA VAL A 324 7.77 -50.04 -11.62
C VAL A 324 8.31 -48.73 -12.15
N ALA A 325 8.68 -48.73 -13.43
CA ALA A 325 9.28 -47.55 -14.03
C ALA A 325 8.88 -47.42 -15.49
N CYS A 326 8.68 -46.17 -15.90
CA CYS A 326 8.26 -45.83 -17.25
C CYS A 326 9.11 -44.66 -17.75
N PHE A 327 9.41 -44.67 -19.04
CA PHE A 327 10.23 -43.61 -19.64
C PHE A 327 9.76 -43.41 -21.07
N LEU A 328 9.17 -42.25 -21.35
CA LEU A 328 8.58 -41.97 -22.65
C LEU A 328 9.19 -40.70 -23.23
N GLU A 329 9.68 -40.78 -24.46
CA GLU A 329 10.21 -39.62 -25.16
C GLU A 329 9.40 -39.39 -26.43
N ARG A 330 8.86 -38.19 -26.56
CA ARG A 330 8.05 -37.77 -27.69
C ARG A 330 8.82 -36.77 -28.52
N LYS A 331 9.03 -37.10 -29.80
CA LYS A 331 9.63 -36.17 -30.75
C LYS A 331 8.50 -35.41 -31.42
N VAL A 332 7.93 -34.46 -30.69
CA VAL A 332 6.75 -33.75 -31.17
C VAL A 332 7.15 -32.72 -32.23
N LEU A 333 8.39 -32.26 -32.18
CA LEU A 333 8.93 -31.33 -33.17
C LEU A 333 10.20 -31.92 -33.74
N PRO A 334 10.68 -31.49 -34.90
CA PRO A 334 12.02 -31.90 -35.32
C PRO A 334 13.11 -31.30 -34.44
N THR A 335 12.85 -30.16 -33.82
CA THR A 335 13.78 -29.58 -32.85
C THR A 335 13.42 -29.97 -31.42
N LEU A 336 12.22 -29.64 -30.97
CA LEU A 336 11.85 -29.90 -29.59
C LEU A 336 11.51 -31.38 -29.42
N SER A 337 11.77 -31.89 -28.22
CA SER A 337 11.34 -33.24 -27.84
C SER A 337 11.06 -33.26 -26.35
N VAL A 338 9.89 -33.78 -25.99
CA VAL A 338 9.50 -33.92 -24.59
C VAL A 338 9.97 -35.29 -24.08
N LEU A 339 10.29 -35.37 -22.79
CA LEU A 339 10.62 -36.66 -22.22
C LEU A 339 10.12 -36.72 -20.78
N PHE A 340 9.70 -37.91 -20.38
CA PHE A 340 8.99 -38.17 -19.14
C PHE A 340 9.51 -39.45 -18.51
N CYS A 341 9.59 -39.47 -17.18
CA CYS A 341 10.02 -40.68 -16.49
C CYS A 341 9.32 -40.77 -15.15
N GLY A 342 8.86 -41.97 -14.81
CA GLY A 342 8.13 -42.19 -13.58
C GLY A 342 8.51 -43.48 -12.89
N GLU A 343 8.62 -43.44 -11.55
CA GLU A 343 8.94 -44.60 -10.75
C GLU A 343 7.95 -44.69 -9.59
N ILE A 344 7.32 -45.84 -9.45
CA ILE A 344 6.44 -46.10 -8.31
C ILE A 344 7.03 -47.22 -7.47
N ASP A 345 7.21 -46.96 -6.17
CA ASP A 345 7.63 -47.98 -5.22
C ASP A 345 6.43 -48.33 -4.36
N HIS A 346 6.05 -49.61 -4.39
CA HIS A 346 4.86 -50.12 -3.73
C HIS A 346 5.09 -50.54 -2.28
N PHE A 347 6.31 -50.97 -1.95
CA PHE A 347 6.58 -51.41 -0.58
C PHE A 347 6.56 -50.26 0.41
N LYS A 348 6.84 -49.04 -0.05
CA LYS A 348 6.72 -47.86 0.80
C LYS A 348 5.83 -46.79 0.17
N ASN A 349 5.25 -47.08 -0.99
CA ASN A 349 4.12 -46.33 -1.59
C ASN A 349 4.47 -44.87 -1.86
N ASP A 350 5.44 -44.67 -2.73
CA ASP A 350 5.79 -43.31 -3.14
C ASP A 350 6.17 -43.30 -4.61
N THR A 351 6.39 -42.11 -5.15
CA THR A 351 6.51 -41.94 -6.59
C THR A 351 7.52 -40.83 -6.88
N LYS A 352 8.45 -41.14 -7.78
CA LYS A 352 9.42 -40.19 -8.29
C LYS A 352 9.05 -39.84 -9.73
N ILE A 353 8.80 -38.57 -9.99
CA ILE A 353 8.37 -38.10 -11.29
C ILE A 353 9.39 -37.11 -11.82
N GLY A 354 9.92 -37.36 -12.99
CA GLY A 354 10.83 -36.43 -13.65
C GLY A 354 10.34 -36.09 -15.03
N CYS A 355 10.40 -34.81 -15.36
CA CYS A 355 10.02 -34.33 -16.67
C CYS A 355 11.16 -33.52 -17.26
N GLY A 356 11.22 -33.48 -18.58
CA GLY A 356 12.30 -32.74 -19.19
C GLY A 356 12.05 -32.55 -20.67
N LEU A 357 12.95 -31.80 -21.28
CA LEU A 357 12.81 -31.47 -22.69
C LEU A 357 14.18 -31.33 -23.32
N GLN A 358 14.21 -31.37 -24.65
CA GLN A 358 15.43 -31.19 -25.41
C GLN A 358 15.14 -30.30 -26.62
N PHE A 359 15.76 -29.12 -26.64
CA PHE A 359 15.94 -28.37 -27.87
C PHE A 359 17.27 -28.75 -28.50
N GLU A 360 17.25 -29.10 -29.78
CA GLU A 360 18.46 -29.11 -30.59
C GLU A 360 18.30 -28.10 -31.71
N THR A 361 19.26 -27.18 -31.81
CA THR A 361 19.23 -26.10 -32.77
C THR A 361 20.55 -26.05 -33.54
N ALA A 362 20.57 -25.30 -34.62
CA ALA A 362 21.79 -25.19 -35.41
C ALA A 362 22.54 -23.91 -35.07
N GLY A 363 23.83 -23.89 -35.41
CA GLY A 363 24.67 -22.72 -35.25
C GLY A 363 24.79 -21.92 -36.52
N ASN A 364 24.90 -22.60 -37.66
CA ASN A 364 24.99 -21.96 -38.96
C ASN A 364 23.68 -22.13 -39.75
N GLN A 365 23.63 -21.46 -40.89
CA GLN A 365 22.41 -21.43 -41.69
C GLN A 365 22.18 -22.75 -42.41
N GLU A 366 23.27 -23.44 -42.79
CA GLU A 366 23.16 -24.66 -43.58
C GLU A 366 22.54 -25.79 -42.77
N LEU A 367 22.98 -25.95 -41.52
CA LEU A 367 22.38 -26.98 -40.68
C LEU A 367 20.99 -26.57 -40.19
N LEU A 368 20.67 -25.27 -40.23
CA LEU A 368 19.33 -24.84 -39.91
C LEU A 368 18.34 -25.27 -40.98
N MET A 369 18.73 -25.20 -42.25
CA MET A 369 17.89 -25.72 -43.32
C MET A 369 17.94 -27.24 -43.40
N LEU A 370 19.07 -27.84 -43.02
CA LEU A 370 19.19 -29.30 -43.05
C LEU A 370 18.39 -29.93 -41.92
N GLN A 371 18.18 -29.20 -40.84
CA GLN A 371 17.48 -29.75 -39.68
C GLN A 371 15.99 -29.85 -39.93
N GLN A 372 15.39 -28.81 -40.54
CA GLN A 372 13.96 -28.83 -40.81
C GLN A 372 13.64 -29.64 -42.07
N GLY A 373 14.33 -29.35 -43.17
CA GLY A 373 14.09 -30.06 -44.41
C GLY A 373 14.97 -29.59 -45.55
N SER B 86 -13.55 -60.88 10.08
CA SER B 86 -13.30 -62.31 9.93
C SER B 86 -12.33 -62.57 8.79
N PHE B 87 -12.33 -63.81 8.30
CA PHE B 87 -11.47 -64.15 7.15
C PHE B 87 -12.00 -63.54 5.87
N VAL B 88 -13.31 -63.31 5.79
CA VAL B 88 -13.90 -62.65 4.62
C VAL B 88 -13.46 -61.19 4.56
N ARG B 89 -13.39 -60.54 5.73
CA ARG B 89 -12.96 -59.14 5.77
C ARG B 89 -11.47 -59.00 5.45
N ASN B 90 -10.68 -60.03 5.74
CA ASN B 90 -9.26 -59.99 5.38
C ASN B 90 -9.07 -60.21 3.90
N ALA B 91 -9.87 -61.12 3.31
CA ALA B 91 -9.71 -61.44 1.90
C ALA B 91 -10.16 -60.29 1.00
N PHE B 92 -11.20 -59.56 1.41
CA PHE B 92 -11.63 -58.37 0.68
C PHE B 92 -10.54 -57.30 0.67
N THR B 93 -9.89 -57.08 1.82
CA THR B 93 -8.85 -56.07 1.91
C THR B 93 -7.62 -56.48 1.09
N LYS B 94 -7.27 -57.77 1.14
CA LYS B 94 -6.14 -58.29 0.38
C LYS B 94 -6.40 -58.19 -1.13
N SER B 95 -7.61 -58.56 -1.56
CA SER B 95 -7.95 -58.49 -2.97
C SER B 95 -8.05 -57.05 -3.44
N GLY B 96 -8.53 -56.14 -2.59
CA GLY B 96 -8.59 -54.73 -2.96
C GLY B 96 -7.22 -54.12 -3.09
N ASN B 97 -6.29 -54.50 -2.20
CA ASN B 97 -4.94 -53.97 -2.29
C ASN B 97 -4.22 -54.50 -3.54
N LEU B 98 -4.40 -55.79 -3.83
CA LEU B 98 -3.81 -56.37 -5.05
C LEU B 98 -4.42 -55.75 -6.31
N ALA B 99 -5.72 -55.48 -6.29
CA ALA B 99 -6.37 -54.87 -7.44
C ALA B 99 -5.92 -53.43 -7.62
N TRP B 100 -5.71 -52.71 -6.51
CA TRP B 100 -5.21 -51.33 -6.59
C TRP B 100 -3.80 -51.29 -7.18
N THR B 101 -2.93 -52.19 -6.72
CA THR B 101 -1.55 -52.22 -7.22
C THR B 101 -1.51 -52.61 -8.70
N LEU B 102 -2.28 -53.63 -9.08
CA LEU B 102 -2.30 -54.05 -10.47
C LEU B 102 -2.95 -53.00 -11.36
N THR B 103 -3.92 -52.24 -10.84
CA THR B 103 -4.58 -51.22 -11.62
C THR B 103 -3.64 -50.04 -11.89
N THR B 104 -2.94 -49.56 -10.86
CA THR B 104 -2.03 -48.44 -11.07
C THR B 104 -0.80 -48.89 -11.88
N THR B 105 -0.42 -50.17 -11.77
CA THR B 105 0.68 -50.69 -12.57
C THR B 105 0.30 -50.77 -14.04
N ALA B 106 -0.93 -51.24 -14.32
CA ALA B 106 -1.40 -51.33 -15.69
C ALA B 106 -1.57 -49.95 -16.31
N LEU B 107 -2.04 -48.98 -15.51
CA LEU B 107 -2.16 -47.61 -16.01
C LEU B 107 -0.80 -47.02 -16.36
N LEU B 108 0.16 -47.11 -15.42
CA LEU B 108 1.47 -46.51 -15.64
C LEU B 108 2.23 -47.20 -16.77
N LEU B 109 2.08 -48.51 -16.92
CA LEU B 109 2.80 -49.20 -17.97
C LEU B 109 2.03 -49.24 -19.29
N GLY B 110 0.76 -48.83 -19.31
CA GLY B 110 0.03 -48.89 -20.56
C GLY B 110 -0.29 -47.57 -21.22
N VAL B 111 -0.64 -46.55 -20.43
CA VAL B 111 -1.13 -45.29 -21.01
C VAL B 111 -0.05 -44.51 -21.77
N PRO B 112 1.21 -44.38 -21.30
CA PRO B 112 2.23 -43.82 -22.21
C PRO B 112 2.48 -44.66 -23.45
N LEU B 113 2.42 -45.99 -23.32
CA LEU B 113 2.57 -46.85 -24.48
C LEU B 113 1.38 -46.73 -25.41
N SER B 114 0.17 -46.58 -24.85
CA SER B 114 -1.02 -46.39 -25.69
C SER B 114 -0.96 -45.07 -26.44
N LEU B 115 -0.45 -44.02 -25.79
CA LEU B 115 -0.27 -42.74 -26.47
C LEU B 115 0.75 -42.82 -27.58
N SER B 116 1.87 -43.52 -27.33
CA SER B 116 2.91 -43.69 -28.33
C SER B 116 2.40 -44.46 -29.55
N ILE B 117 1.74 -45.59 -29.32
CA ILE B 117 1.25 -46.43 -30.40
C ILE B 117 0.14 -45.72 -31.18
N LEU B 118 -0.72 -44.97 -30.49
CA LEU B 118 -1.81 -44.31 -31.19
C LEU B 118 -1.30 -43.11 -31.99
N ALA B 119 -0.29 -42.40 -31.49
CA ALA B 119 0.33 -41.33 -32.27
C ALA B 119 1.06 -41.88 -33.48
N GLU B 120 1.69 -43.05 -33.32
CA GLU B 120 2.37 -43.67 -34.47
C GLU B 120 1.36 -44.16 -35.50
N GLN B 121 0.18 -44.64 -35.06
CA GLN B 121 -0.87 -45.02 -35.99
C GLN B 121 -1.42 -43.79 -36.72
N GLN B 122 -1.52 -42.66 -36.01
CA GLN B 122 -1.93 -41.42 -36.67
C GLN B 122 -0.93 -40.98 -37.71
N LEU B 123 0.36 -41.16 -37.43
CA LEU B 123 1.39 -40.78 -38.41
C LEU B 123 1.36 -41.72 -39.62
N ILE B 124 1.12 -43.01 -39.39
CA ILE B 124 1.00 -43.98 -40.49
C ILE B 124 -0.23 -43.66 -41.34
N GLU B 125 -1.35 -43.29 -40.71
CA GLU B 125 -2.55 -42.93 -41.46
C GLU B 125 -2.34 -41.66 -42.28
N MET B 126 -1.61 -40.69 -41.71
CA MET B 126 -1.32 -39.47 -42.45
C MET B 126 -0.38 -39.74 -43.64
N GLU B 127 0.58 -40.65 -43.46
CA GLU B 127 1.45 -41.02 -44.58
C GLU B 127 0.69 -41.80 -45.65
N LYS B 128 -0.29 -42.62 -45.24
CA LYS B 128 -1.10 -43.33 -46.23
C LYS B 128 -1.99 -42.39 -47.03
N THR B 129 -2.57 -41.38 -46.35
CA THR B 129 -3.39 -40.40 -47.07
C THR B 129 -2.53 -39.51 -47.96
N PHE B 130 -1.29 -39.23 -47.56
CA PHE B 130 -0.40 -38.48 -48.43
C PHE B 130 0.09 -39.32 -49.60
N ASP B 131 0.15 -40.64 -49.43
CA ASP B 131 0.58 -41.50 -50.53
C ASP B 131 -0.54 -41.69 -51.54
N LEU B 132 -1.78 -41.86 -51.06
CA LEU B 132 -2.89 -42.10 -51.97
C LEU B 132 -3.28 -40.84 -52.75
N GLN B 133 -3.17 -39.67 -52.12
CA GLN B 133 -3.47 -38.43 -52.84
C GLN B 133 -2.37 -38.09 -53.84
N SER B 134 -1.15 -38.57 -53.60
CA SER B 134 -0.07 -38.35 -54.56
C SER B 134 -0.23 -39.22 -55.79
N ASP B 135 -0.58 -40.49 -55.60
CA ASP B 135 -0.76 -41.41 -56.72
C ASP B 135 -2.19 -41.36 -57.25
N GLU C 13 53.88 -60.42 7.96
CA GLU C 13 52.46 -60.70 7.80
C GLU C 13 51.95 -60.20 6.46
N LYS C 14 52.44 -59.04 6.03
CA LYS C 14 52.02 -58.46 4.76
C LYS C 14 52.66 -59.20 3.58
N ARG C 15 53.76 -59.91 3.82
CA ARG C 15 54.43 -60.64 2.74
C ARG C 15 53.58 -61.81 2.27
N ALA C 16 52.81 -62.42 3.17
CA ALA C 16 51.92 -63.51 2.78
C ALA C 16 50.78 -62.99 1.92
N HIS C 17 50.24 -61.81 2.25
CA HIS C 17 49.20 -61.20 1.42
C HIS C 17 49.75 -60.78 0.07
N GLN C 18 50.99 -60.28 0.05
CA GLN C 18 51.63 -59.91 -1.22
C GLN C 18 51.87 -61.14 -2.10
N GLU C 19 52.28 -62.26 -1.49
CA GLU C 19 52.48 -63.49 -2.23
C GLU C 19 51.15 -64.06 -2.72
N GLN C 20 50.08 -63.89 -1.94
CA GLN C 20 48.76 -64.34 -2.35
C GLN C 20 48.25 -63.54 -3.55
N THR C 21 48.45 -62.22 -3.52
CA THR C 21 48.05 -61.40 -4.66
C THR C 21 48.91 -61.68 -5.89
N GLU C 22 50.20 -61.98 -5.69
CA GLU C 22 51.07 -62.34 -6.80
C GLU C 22 50.64 -63.67 -7.42
N LYS C 23 50.24 -64.63 -6.59
CA LYS C 23 49.74 -65.90 -7.08
C LYS C 23 48.42 -65.71 -7.83
N THR C 24 47.58 -64.79 -7.35
CA THR C 24 46.33 -64.48 -8.04
C THR C 24 46.58 -63.86 -9.41
N LEU C 25 47.56 -62.97 -9.50
CA LEU C 25 47.92 -62.35 -10.78
C LEU C 25 48.50 -63.38 -11.76
N LYS C 26 49.35 -64.28 -11.25
CA LYS C 26 49.94 -65.31 -12.12
C LYS C 26 48.89 -66.32 -12.56
N GLN C 27 47.93 -66.63 -11.69
CA GLN C 27 46.81 -67.50 -12.08
C GLN C 27 45.94 -66.82 -13.13
N ALA C 28 45.73 -65.51 -13.00
CA ALA C 28 44.96 -64.77 -13.99
C ALA C 28 45.66 -64.75 -15.35
N ALA C 29 46.99 -64.61 -15.34
CA ALA C 29 47.76 -64.67 -16.59
C ALA C 29 47.68 -66.06 -17.21
N TYR C 30 47.71 -67.11 -16.37
CA TYR C 30 47.60 -68.48 -16.86
C TYR C 30 46.22 -68.73 -17.47
N VAL C 31 45.16 -68.22 -16.83
CA VAL C 31 43.80 -68.43 -17.33
C VAL C 31 43.58 -67.64 -18.62
N ALA C 32 44.18 -66.45 -18.73
CA ALA C 32 44.09 -65.68 -19.96
C ALA C 32 44.84 -66.37 -21.11
N ALA C 33 45.99 -66.96 -20.81
CA ALA C 33 46.70 -67.76 -21.81
C ALA C 33 45.89 -68.98 -22.21
N PHE C 34 45.21 -69.62 -21.25
CA PHE C 34 44.37 -70.77 -21.57
C PHE C 34 43.16 -70.36 -22.41
N LEU C 35 42.65 -69.14 -22.19
CA LEU C 35 41.54 -68.65 -23.01
C LEU C 35 42.02 -68.33 -24.43
N TRP C 36 43.27 -67.91 -24.58
CA TRP C 36 43.82 -67.77 -25.92
C TRP C 36 44.02 -69.14 -26.57
N VAL C 37 44.34 -70.16 -25.76
CA VAL C 37 44.47 -71.53 -26.25
C VAL C 37 43.13 -72.12 -26.70
N SER C 38 42.06 -71.83 -25.95
CA SER C 38 40.79 -72.56 -26.06
C SER C 38 40.11 -72.66 -27.44
N PRO C 39 40.27 -71.72 -28.41
CA PRO C 39 39.71 -72.01 -29.75
C PRO C 39 40.32 -73.22 -30.43
N MET C 40 41.63 -73.43 -30.26
CA MET C 40 42.29 -74.60 -30.83
C MET C 40 41.72 -75.89 -30.26
N ILE C 41 41.60 -75.95 -28.93
CA ILE C 41 41.12 -77.16 -28.27
C ILE C 41 39.65 -77.41 -28.61
N TRP C 42 38.86 -76.33 -28.70
CA TRP C 42 37.45 -76.48 -29.03
C TRP C 42 37.25 -76.96 -30.46
N HIS C 43 38.05 -76.44 -31.39
CA HIS C 43 37.94 -76.87 -32.79
C HIS C 43 38.45 -78.30 -32.97
N LEU C 44 39.49 -78.69 -32.22
CA LEU C 44 40.00 -80.05 -32.36
C LEU C 44 39.10 -81.08 -31.69
N VAL C 45 38.38 -80.68 -30.63
CA VAL C 45 37.32 -81.53 -30.10
C VAL C 45 36.18 -81.64 -31.10
N LYS C 46 35.86 -80.54 -31.78
CA LYS C 46 34.87 -80.61 -32.85
C LYS C 46 35.38 -81.38 -34.05
N LYS C 47 36.70 -81.39 -34.28
CA LYS C 47 37.25 -82.23 -35.35
C LYS C 47 37.26 -83.70 -34.95
N GLN C 48 37.34 -84.00 -33.65
CA GLN C 48 37.42 -85.38 -33.21
C GLN C 48 36.07 -86.09 -33.38
N TRP C 49 34.97 -85.36 -33.21
CA TRP C 49 33.65 -85.95 -33.38
C TRP C 49 33.10 -85.64 -34.78
N PHE D 27 10.00 -72.88 6.11
CA PHE D 27 10.46 -71.63 6.70
C PHE D 27 11.98 -71.60 6.80
N LYS D 28 12.62 -70.84 5.90
CA LYS D 28 14.07 -70.74 5.86
C LYS D 28 14.58 -69.33 6.13
N GLU D 29 14.11 -68.32 5.39
CA GLU D 29 14.51 -66.90 5.51
C GLU D 29 16.02 -66.71 5.48
N SER D 30 16.65 -67.34 4.50
CA SER D 30 18.10 -67.40 4.41
C SER D 30 18.56 -66.54 3.24
N PRO D 31 19.87 -66.30 3.06
CA PRO D 31 20.34 -65.78 1.76
C PRO D 31 20.05 -66.71 0.60
N LEU D 32 20.02 -68.02 0.86
CA LEU D 32 19.63 -68.99 -0.16
C LEU D 32 18.18 -68.81 -0.60
N TYR D 33 17.32 -68.29 0.29
CA TYR D 33 15.94 -68.00 -0.07
C TYR D 33 15.85 -66.92 -1.14
N THR D 34 16.56 -65.80 -0.95
CA THR D 34 16.49 -64.75 -1.96
C THR D 34 17.31 -65.09 -3.20
N ILE D 35 18.32 -65.96 -3.07
CA ILE D 35 19.01 -66.49 -4.25
C ILE D 35 18.05 -67.31 -5.10
N ALA D 36 17.32 -68.24 -4.47
CA ALA D 36 16.36 -69.05 -5.20
C ALA D 36 15.19 -68.21 -5.71
N LEU D 37 14.85 -67.14 -5.01
CA LEU D 37 13.78 -66.25 -5.44
C LEU D 37 14.16 -65.49 -6.71
N ASN D 38 15.36 -64.88 -6.73
CA ASN D 38 15.83 -64.20 -7.92
C ASN D 38 16.08 -65.18 -9.07
N GLY D 39 16.52 -66.40 -8.76
CA GLY D 39 16.70 -67.39 -9.82
C GLY D 39 15.39 -67.84 -10.45
N ALA D 40 14.36 -68.02 -9.62
CA ALA D 40 13.06 -68.40 -10.13
C ALA D 40 12.44 -67.26 -10.94
N PHE D 41 12.62 -66.01 -10.48
CA PHE D 41 12.16 -64.87 -11.25
C PHE D 41 12.88 -64.75 -12.59
N PHE D 42 14.18 -65.06 -12.62
CA PHE D 42 14.94 -65.01 -13.86
C PHE D 42 14.49 -66.10 -14.83
N VAL D 43 14.26 -67.31 -14.31
CA VAL D 43 13.80 -68.42 -15.15
C VAL D 43 12.41 -68.12 -15.71
N ALA D 44 11.53 -67.55 -14.87
CA ALA D 44 10.19 -67.19 -15.33
C ALA D 44 10.22 -66.09 -16.38
N GLY D 45 11.12 -65.12 -16.22
CA GLY D 45 11.24 -64.06 -17.21
C GLY D 45 11.82 -64.54 -18.53
N VAL D 46 12.79 -65.47 -18.47
CA VAL D 46 13.34 -66.05 -19.70
C VAL D 46 12.28 -66.87 -20.43
N ALA D 47 11.49 -67.65 -19.68
CA ALA D 47 10.41 -68.41 -20.29
C ALA D 47 9.30 -67.50 -20.82
N PHE D 48 9.14 -66.31 -20.23
CA PHE D 48 8.13 -65.38 -20.72
C PHE D 48 8.59 -64.69 -21.99
N ILE D 49 9.88 -64.34 -22.06
CA ILE D 49 10.42 -63.65 -23.23
C ILE D 49 10.51 -64.59 -24.43
N GLN D 50 10.98 -65.82 -24.19
CA GLN D 50 11.15 -66.75 -25.30
C GLN D 50 9.82 -67.35 -25.77
N SER D 51 8.74 -67.14 -25.01
CA SER D 51 7.43 -67.63 -25.41
C SER D 51 6.87 -66.80 -26.56
N PRO D 52 5.94 -67.36 -27.33
CA PRO D 52 5.22 -66.54 -28.31
C PRO D 52 4.21 -65.59 -27.68
N LEU D 53 3.97 -65.69 -26.37
CA LEU D 53 3.16 -64.69 -25.68
C LEU D 53 3.85 -63.33 -25.71
N MET D 54 5.18 -63.31 -25.66
CA MET D 54 5.91 -62.06 -25.82
C MET D 54 5.76 -61.53 -27.23
N ASP D 55 5.61 -62.41 -28.21
CA ASP D 55 5.29 -61.97 -29.57
C ASP D 55 3.87 -61.41 -29.62
N MET D 56 2.98 -61.94 -28.79
CA MET D 56 1.61 -61.41 -28.72
C MET D 56 1.58 -60.04 -28.05
N LEU D 57 2.49 -59.78 -27.11
CA LEU D 57 2.62 -58.43 -26.56
C LEU D 57 3.20 -57.44 -27.56
N ALA D 58 3.84 -57.91 -28.63
CA ALA D 58 4.33 -57.03 -29.66
C ALA D 58 3.19 -56.68 -30.62
N PRO D 59 2.91 -55.40 -30.85
CA PRO D 59 1.94 -55.03 -31.88
C PRO D 59 2.48 -55.37 -33.27
N GLN D 60 1.56 -55.58 -34.21
CA GLN D 60 1.94 -56.03 -35.54
C GLN D 60 2.63 -54.91 -36.32
N LEU D 61 2.08 -53.70 -36.28
CA LEU D 61 2.70 -52.58 -36.96
C LEU D 61 3.81 -51.99 -36.12
N ASP E 11 63.00 -35.36 -2.65
CA ASP E 11 64.18 -34.79 -3.30
C ASP E 11 63.81 -33.56 -4.11
N GLU E 12 64.78 -33.03 -4.86
CA GLU E 12 64.50 -31.89 -5.73
C GLU E 12 63.65 -32.29 -6.92
N SER E 13 63.83 -33.54 -7.40
CA SER E 13 62.99 -34.04 -8.48
C SER E 13 61.55 -34.24 -8.02
N LYS E 14 61.36 -34.55 -6.73
CA LYS E 14 60.01 -34.62 -6.18
C LYS E 14 59.33 -33.25 -6.15
N GLU E 15 60.10 -32.21 -5.80
CA GLU E 15 59.56 -30.86 -5.84
C GLU E 15 59.26 -30.42 -7.27
N ARG E 16 60.11 -30.84 -8.22
CA ARG E 16 59.90 -30.51 -9.63
C ARG E 16 58.65 -31.18 -10.17
N ILE E 17 58.47 -32.48 -9.88
CA ILE E 17 57.31 -33.20 -10.39
C ILE E 17 56.04 -32.73 -9.69
N SER E 18 56.15 -32.30 -8.43
CA SER E 18 54.98 -31.76 -7.72
C SER E 18 54.59 -30.40 -8.29
N LYS E 19 55.57 -29.56 -8.61
CA LYS E 19 55.28 -28.25 -9.17
C LYS E 19 54.67 -28.36 -10.57
N ILE E 20 55.21 -29.27 -11.40
CA ILE E 20 54.65 -29.37 -12.74
C ILE E 20 53.31 -30.11 -12.73
N LEU E 21 53.05 -30.98 -11.76
CA LEU E 21 51.71 -31.55 -11.64
C LEU E 21 50.72 -30.53 -11.11
N THR E 22 51.16 -29.61 -10.25
CA THR E 22 50.29 -28.53 -9.81
C THR E 22 49.95 -27.59 -10.97
N LEU E 23 50.95 -27.31 -11.82
CA LEU E 23 50.74 -26.48 -13.00
C LEU E 23 49.79 -27.17 -13.99
N THR E 24 49.99 -28.48 -14.21
CA THR E 24 49.13 -29.24 -15.10
C THR E 24 47.70 -29.32 -14.56
N HIS E 25 47.57 -29.41 -13.24
CA HIS E 25 46.25 -29.42 -12.60
C HIS E 25 45.55 -28.08 -12.77
N ASN E 26 46.29 -26.98 -12.65
CA ASN E 26 45.71 -25.66 -12.83
C ASN E 26 45.29 -25.44 -14.28
N VAL E 27 46.11 -25.89 -15.24
CA VAL E 27 45.78 -25.74 -16.65
C VAL E 27 44.57 -26.59 -17.03
N ALA E 28 44.52 -27.85 -16.57
CA ALA E 28 43.38 -28.71 -16.85
C ALA E 28 42.13 -28.27 -16.11
N HIS E 29 42.27 -27.55 -15.00
CA HIS E 29 41.10 -27.01 -14.32
C HIS E 29 40.53 -25.82 -15.06
N TYR E 30 41.37 -24.81 -15.34
CA TYR E 30 40.83 -23.59 -15.92
C TYR E 30 40.61 -23.70 -17.43
N GLY E 31 41.48 -24.37 -18.15
CA GLY E 31 41.49 -24.22 -19.59
C GLY E 31 41.24 -25.45 -20.45
N TRP E 32 40.49 -26.42 -19.94
CA TRP E 32 40.20 -27.61 -20.74
C TRP E 32 39.08 -27.35 -21.72
N ILE E 33 37.90 -27.03 -21.22
CA ILE E 33 36.75 -26.72 -22.07
C ILE E 33 36.94 -25.45 -22.91
N PRO E 34 37.71 -24.40 -22.52
CA PRO E 34 38.04 -23.40 -23.56
C PRO E 34 38.98 -23.90 -24.64
N PHE E 35 39.82 -24.89 -24.33
CA PHE E 35 40.65 -25.49 -25.39
C PHE E 35 39.78 -26.29 -26.36
N VAL E 36 38.77 -26.99 -25.84
CA VAL E 36 37.84 -27.72 -26.71
C VAL E 36 37.05 -26.74 -27.58
N LEU E 37 36.61 -25.63 -26.98
CA LEU E 37 35.90 -24.61 -27.76
C LEU E 37 36.82 -23.92 -28.78
N TYR E 38 38.11 -23.82 -28.48
CA TYR E 38 39.05 -23.27 -29.45
C TYR E 38 39.24 -24.22 -30.63
N LEU E 39 39.29 -25.53 -30.36
CA LEU E 39 39.35 -26.52 -31.42
C LEU E 39 38.10 -26.46 -32.29
N GLY E 40 36.94 -26.33 -31.65
CA GLY E 40 35.68 -26.16 -32.36
C GLY E 40 35.63 -24.93 -33.24
N TRP E 41 36.00 -23.77 -32.69
CA TRP E 41 35.97 -22.53 -33.46
C TRP E 41 37.03 -22.52 -34.56
N ALA E 42 38.12 -23.27 -34.37
CA ALA E 42 39.11 -23.40 -35.43
C ALA E 42 38.61 -24.29 -36.55
N HIS E 43 37.81 -25.32 -36.21
CA HIS E 43 37.37 -26.29 -37.19
C HIS E 43 35.97 -26.06 -37.71
N THR E 44 35.47 -24.83 -37.68
CA THR E 44 34.22 -24.50 -38.35
C THR E 44 34.49 -23.69 -39.61
N SER E 45 33.61 -23.86 -40.60
CA SER E 45 33.69 -23.08 -41.82
C SER E 45 33.06 -21.70 -41.65
N ASN E 46 32.17 -21.55 -40.67
CA ASN E 46 31.53 -20.26 -40.41
C ASN E 46 32.41 -19.36 -39.55
N ARG E 47 33.03 -19.95 -38.51
CA ARG E 47 33.85 -19.29 -37.48
C ARG E 47 33.11 -18.14 -36.82
N PRO E 48 32.10 -18.40 -35.97
CA PRO E 48 31.33 -17.29 -35.39
C PRO E 48 32.08 -16.54 -34.30
N ASN E 49 31.47 -15.51 -33.76
CA ASN E 49 32.10 -14.71 -32.71
C ASN E 49 31.97 -15.39 -31.36
N PHE E 50 32.37 -14.67 -30.31
CA PHE E 50 32.33 -15.19 -28.95
C PHE E 50 30.91 -15.29 -28.42
N LEU E 51 30.02 -14.41 -28.88
CA LEU E 51 28.67 -14.37 -28.31
C LEU E 51 27.81 -15.50 -28.84
N ASN E 52 27.86 -15.76 -30.16
CA ASN E 52 27.05 -16.81 -30.76
C ASN E 52 27.55 -18.20 -30.34
N LEU E 53 28.83 -18.33 -30.01
CA LEU E 53 29.37 -19.63 -29.64
C LEU E 53 28.88 -20.06 -28.26
N LEU E 54 28.46 -19.12 -27.41
CA LEU E 54 27.95 -19.46 -26.09
C LEU E 54 26.45 -19.30 -25.95
N SER E 55 25.82 -18.46 -26.76
CA SER E 55 24.38 -18.25 -26.65
C SER E 55 23.65 -19.46 -27.22
N PRO E 56 22.64 -20.00 -26.52
CA PRO E 56 21.89 -21.14 -27.06
C PRO E 56 20.88 -20.79 -28.13
N LEU E 57 20.79 -19.52 -28.54
CA LEU E 57 19.80 -19.09 -29.51
C LEU E 57 20.20 -19.51 -30.92
N PRO E 58 19.23 -19.70 -31.81
CA PRO E 58 19.53 -20.03 -33.21
C PRO E 58 19.84 -18.81 -34.07
N SER E 59 20.22 -17.68 -33.47
CA SER E 59 20.27 -16.39 -34.14
C SER E 59 21.32 -16.28 -35.25
N VAL E 60 22.19 -17.30 -35.40
CA VAL E 60 23.31 -17.42 -36.38
C VAL E 60 24.10 -16.13 -36.72
N TYR F 45 -46.66 -0.82 -0.57
CA TYR F 45 -45.31 -1.03 -1.07
C TYR F 45 -45.32 -1.29 -2.56
N LYS F 46 -46.48 -1.08 -3.19
CA LYS F 46 -46.60 -1.30 -4.62
C LYS F 46 -45.91 -0.20 -5.41
N GLN F 47 -46.05 1.05 -4.98
CA GLN F 47 -45.33 2.15 -5.61
C GLN F 47 -43.84 2.05 -5.34
N LEU F 48 -43.46 1.56 -4.15
CA LEU F 48 -42.06 1.30 -3.86
C LEU F 48 -41.52 0.17 -4.73
N HIS F 49 -42.34 -0.85 -5.01
CA HIS F 49 -41.90 -1.94 -5.88
C HIS F 49 -41.77 -1.48 -7.33
N SER F 50 -42.65 -0.58 -7.77
CA SER F 50 -42.51 0.00 -9.11
C SER F 50 -41.28 0.89 -9.19
N HIS F 51 -40.94 1.57 -8.09
CA HIS F 51 -39.71 2.35 -8.05
C HIS F 51 -38.49 1.43 -8.10
N ARG F 52 -38.55 0.28 -7.43
CA ARG F 52 -37.47 -0.70 -7.52
C ARG F 52 -37.34 -1.26 -8.93
N GLN F 53 -38.46 -1.43 -9.63
CA GLN F 53 -38.41 -1.84 -11.03
C GLN F 53 -37.90 -0.72 -11.92
N SER F 54 -37.97 0.53 -11.46
CA SER F 54 -37.47 1.65 -12.26
C SER F 54 -35.95 1.68 -12.30
N LEU F 55 -35.29 1.06 -11.31
CA LEU F 55 -33.83 1.04 -11.32
C LEU F 55 -33.27 0.14 -12.41
N GLU F 56 -33.95 -0.98 -12.69
CA GLU F 56 -33.49 -2.05 -13.59
C GLU F 56 -32.11 -2.57 -13.17
N LEU F 57 -32.03 -3.07 -11.94
CA LEU F 57 -30.80 -3.64 -11.42
C LEU F 57 -30.61 -5.07 -11.92
N VAL F 58 -29.42 -5.61 -11.67
CA VAL F 58 -29.07 -6.96 -12.04
C VAL F 58 -28.84 -7.77 -10.77
N ASN F 59 -29.05 -9.08 -10.86
CA ASN F 59 -28.81 -9.97 -9.74
C ASN F 59 -27.31 -10.22 -9.62
N PRO F 60 -26.68 -9.90 -8.49
CA PRO F 60 -25.28 -10.26 -8.28
C PRO F 60 -25.16 -11.74 -7.93
N GLY F 61 -23.93 -12.23 -8.01
CA GLY F 61 -23.66 -13.61 -7.66
C GLY F 61 -23.62 -13.84 -6.17
N THR F 62 -23.37 -15.09 -5.80
CA THR F 62 -23.26 -15.44 -4.39
C THR F 62 -21.92 -14.98 -3.83
N VAL F 63 -21.78 -15.12 -2.51
CA VAL F 63 -20.51 -14.83 -1.85
C VAL F 63 -19.46 -15.85 -2.24
N GLU F 64 -19.89 -17.11 -2.48
CA GLU F 64 -18.98 -18.12 -2.99
C GLU F 64 -18.57 -17.81 -4.42
N ASN F 65 -19.44 -17.17 -5.20
CA ASN F 65 -19.13 -16.76 -6.57
C ASN F 65 -18.64 -15.32 -6.64
N LEU F 66 -18.02 -14.82 -5.58
CA LEU F 66 -17.45 -13.47 -5.60
C LEU F 66 -16.10 -13.47 -6.29
N ASN F 67 -15.19 -14.34 -5.85
CA ASN F 67 -13.89 -14.52 -6.48
C ASN F 67 -13.86 -15.74 -7.38
N LYS F 68 -14.94 -16.02 -8.10
CA LYS F 68 -15.03 -17.23 -8.90
C LYS F 68 -14.10 -17.17 -10.10
N GLU F 69 -13.90 -15.97 -10.65
CA GLU F 69 -13.06 -15.85 -11.84
C GLU F 69 -11.59 -15.84 -11.46
N VAL F 70 -11.23 -15.16 -10.38
CA VAL F 70 -9.82 -15.05 -10.00
C VAL F 70 -9.33 -16.33 -9.35
N SER F 71 -10.05 -16.80 -8.33
CA SER F 71 -9.52 -17.89 -7.51
C SER F 71 -9.73 -19.25 -8.17
N ARG F 72 -10.85 -19.45 -8.87
CA ARG F 72 -11.17 -20.77 -9.40
C ARG F 72 -10.96 -20.87 -10.91
N ASP F 73 -11.29 -19.82 -11.67
CA ASP F 73 -11.17 -19.93 -13.12
C ASP F 73 -9.71 -19.74 -13.56
N VAL F 74 -9.10 -18.63 -13.17
CA VAL F 74 -7.75 -18.31 -13.64
C VAL F 74 -6.71 -19.16 -12.92
N PHE F 75 -6.75 -19.16 -11.59
CA PHE F 75 -5.72 -19.81 -10.80
C PHE F 75 -5.87 -21.33 -10.82
N LEU F 76 -4.96 -21.99 -10.11
CA LEU F 76 -4.84 -23.44 -10.13
C LEU F 76 -4.85 -24.06 -8.75
N SER F 77 -5.08 -23.26 -7.69
CA SER F 77 -4.91 -23.73 -6.33
C SER F 77 -5.94 -24.79 -5.96
N GLN F 78 -7.13 -24.72 -6.54
CA GLN F 78 -8.09 -25.80 -6.40
C GLN F 78 -7.66 -27.02 -7.21
N TYR F 79 -6.91 -26.79 -8.30
CA TYR F 79 -6.67 -27.85 -9.26
C TYR F 79 -5.29 -28.48 -9.10
N PHE F 80 -4.38 -27.79 -8.42
CA PHE F 80 -3.02 -28.27 -8.30
C PHE F 80 -2.95 -29.48 -7.38
N PHE F 81 -2.01 -30.38 -7.66
CA PHE F 81 -1.84 -31.59 -6.87
C PHE F 81 -0.36 -31.95 -6.89
N THR F 82 -0.05 -33.15 -6.40
CA THR F 82 1.30 -33.67 -6.38
C THR F 82 1.22 -35.17 -6.64
N GLY F 83 2.18 -35.68 -7.39
CA GLY F 83 2.20 -37.11 -7.67
C GLY F 83 1.23 -37.48 -8.77
N LEU F 84 1.18 -38.78 -9.05
CA LEU F 84 0.38 -39.29 -10.15
C LEU F 84 -1.07 -39.41 -9.73
N ARG F 85 -1.97 -39.09 -10.66
CA ARG F 85 -3.39 -39.29 -10.43
C ARG F 85 -4.10 -39.65 -11.72
N ALA F 86 -5.06 -40.56 -11.60
CA ALA F 86 -5.87 -41.01 -12.72
C ALA F 86 -7.33 -40.89 -12.34
N ASP F 87 -8.14 -40.47 -13.30
CA ASP F 87 -9.57 -40.35 -13.15
C ASP F 87 -10.24 -41.23 -14.20
N LEU F 88 -11.23 -42.00 -13.77
CA LEU F 88 -11.97 -42.88 -14.66
C LEU F 88 -13.45 -42.59 -14.41
N ASN F 89 -14.05 -41.70 -15.18
CA ASN F 89 -15.47 -41.46 -15.00
C ASN F 89 -16.26 -41.88 -16.23
N LYS F 90 -17.40 -42.49 -15.98
CA LYS F 90 -18.30 -42.94 -17.03
C LYS F 90 -19.69 -42.37 -16.79
N ALA F 91 -20.33 -41.95 -17.87
CA ALA F 91 -21.63 -41.31 -17.82
C ALA F 91 -22.69 -42.29 -18.26
N PHE F 92 -23.69 -42.52 -17.41
CA PHE F 92 -24.78 -43.42 -17.76
C PHE F 92 -25.90 -42.72 -18.52
N SER F 93 -26.21 -41.48 -18.15
CA SER F 93 -27.30 -40.78 -18.82
C SER F 93 -26.99 -39.28 -18.83
N MET F 94 -27.73 -38.55 -19.66
CA MET F 94 -27.52 -37.11 -19.81
C MET F 94 -28.75 -36.26 -19.56
N ASN F 95 -29.97 -36.76 -19.78
CA ASN F 95 -31.12 -35.90 -19.54
C ASN F 95 -31.39 -35.76 -18.04
N PRO F 96 -31.34 -36.83 -17.21
CA PRO F 96 -30.75 -36.66 -15.89
C PRO F 96 -29.25 -36.94 -15.96
N ALA F 97 -28.42 -35.99 -15.54
CA ALA F 97 -26.98 -36.21 -15.57
C ALA F 97 -26.57 -37.15 -14.46
N PHE F 98 -25.95 -38.27 -14.83
CA PHE F 98 -25.53 -39.27 -13.85
C PHE F 98 -24.24 -39.91 -14.31
N GLN F 99 -23.25 -39.96 -13.43
CA GLN F 99 -21.94 -40.47 -13.78
C GLN F 99 -21.26 -41.03 -12.53
N THR F 100 -20.33 -41.95 -12.75
CA THR F 100 -19.54 -42.54 -11.67
C THR F 100 -18.07 -42.33 -11.97
N SER F 101 -17.33 -41.90 -10.95
CA SER F 101 -15.92 -41.55 -11.11
C SER F 101 -15.07 -42.32 -10.11
N HIS F 102 -14.06 -43.02 -10.61
CA HIS F 102 -13.01 -43.61 -9.79
C HIS F 102 -11.79 -42.70 -9.82
N THR F 103 -11.11 -42.57 -8.69
CA THR F 103 -9.98 -41.66 -8.58
C THR F 103 -8.83 -42.35 -7.89
N PHE F 104 -7.74 -42.55 -8.62
CA PHE F 104 -6.52 -43.14 -8.10
C PHE F 104 -5.49 -42.04 -7.93
N SER F 105 -4.77 -42.03 -6.81
CA SER F 105 -3.74 -41.04 -6.60
C SER F 105 -2.64 -41.61 -5.72
N ILE F 106 -1.41 -41.22 -6.02
CA ILE F 106 -0.27 -41.63 -5.22
C ILE F 106 0.79 -40.53 -5.32
N GLY F 107 1.50 -40.32 -4.21
CA GLY F 107 2.51 -39.30 -4.14
C GLY F 107 2.09 -38.01 -3.47
N SER F 108 0.91 -37.96 -2.88
CA SER F 108 0.41 -36.75 -2.24
C SER F 108 -0.14 -37.09 -0.86
N GLN F 109 -0.32 -36.05 -0.06
CA GLN F 109 -0.90 -36.21 1.27
C GLN F 109 -2.40 -35.93 1.28
N ALA F 110 -2.86 -34.97 0.47
CA ALA F 110 -4.26 -34.58 0.51
C ALA F 110 -5.12 -35.58 -0.27
N LEU F 111 -4.69 -35.96 -1.47
CA LEU F 111 -5.48 -36.89 -2.25
C LEU F 111 -5.31 -38.31 -1.70
N PRO F 112 -6.39 -39.04 -1.51
CA PRO F 112 -6.29 -40.42 -1.02
C PRO F 112 -5.86 -41.38 -2.12
N LYS F 113 -5.74 -42.65 -1.74
CA LYS F 113 -5.28 -43.65 -2.71
C LYS F 113 -6.39 -44.03 -3.68
N TYR F 114 -7.61 -44.21 -3.16
CA TYR F 114 -8.75 -44.62 -3.97
C TYR F 114 -9.97 -43.86 -3.50
N ALA F 115 -10.73 -43.30 -4.44
CA ALA F 115 -11.93 -42.54 -4.10
C ALA F 115 -12.95 -42.75 -5.20
N PHE F 116 -14.15 -43.16 -4.82
CA PHE F 116 -15.24 -43.39 -5.76
C PHE F 116 -16.33 -42.38 -5.50
N SER F 117 -16.64 -41.58 -6.52
CA SER F 117 -17.65 -40.54 -6.40
C SER F 117 -18.74 -40.77 -7.44
N ALA F 118 -19.95 -40.34 -7.11
CA ALA F 118 -21.09 -40.48 -8.00
C ALA F 118 -22.03 -39.31 -7.79
N LEU F 119 -22.47 -38.69 -8.88
CA LEU F 119 -23.33 -37.53 -8.80
C LEU F 119 -24.52 -37.69 -9.73
N PHE F 120 -25.66 -37.19 -9.28
CA PHE F 120 -26.91 -37.23 -10.02
C PHE F 120 -27.48 -35.84 -10.09
N ALA F 121 -28.05 -35.48 -11.24
CA ALA F 121 -28.56 -34.13 -11.44
C ALA F 121 -29.74 -34.17 -12.41
N ASN F 122 -30.93 -34.03 -11.87
CA ASN F 122 -32.13 -33.74 -12.65
C ASN F 122 -32.30 -32.21 -12.70
N ASP F 123 -33.52 -31.76 -13.02
CA ASP F 123 -33.79 -30.34 -13.25
C ASP F 123 -33.53 -29.47 -12.02
N ASN F 124 -33.82 -29.97 -10.82
CA ASN F 124 -33.73 -29.12 -9.64
C ASN F 124 -33.05 -29.73 -8.42
N LEU F 125 -32.54 -30.97 -8.51
CA LEU F 125 -31.87 -31.61 -7.40
C LEU F 125 -30.50 -32.10 -7.86
N PHE F 126 -29.49 -31.90 -7.02
CA PHE F 126 -28.14 -32.36 -7.27
C PHE F 126 -27.66 -33.16 -6.08
N ALA F 127 -27.18 -34.38 -6.31
CA ALA F 127 -26.80 -35.27 -5.23
C ALA F 127 -25.44 -35.86 -5.53
N GLN F 128 -24.45 -35.52 -4.69
CA GLN F 128 -23.08 -35.99 -4.88
C GLN F 128 -22.67 -36.81 -3.67
N GLY F 129 -22.22 -38.04 -3.92
CA GLY F 129 -21.70 -38.89 -2.87
C GLY F 129 -20.28 -39.28 -3.19
N ASN F 130 -19.47 -39.42 -2.14
CA ASN F 130 -18.05 -39.73 -2.30
C ASN F 130 -17.64 -40.68 -1.19
N ILE F 131 -17.23 -41.89 -1.58
CA ILE F 131 -16.73 -42.90 -0.66
C ILE F 131 -15.22 -42.99 -0.85
N ASP F 132 -14.51 -43.27 0.23
CA ASP F 132 -13.07 -43.18 0.28
C ASP F 132 -12.51 -44.45 0.92
N ASN F 133 -11.23 -44.73 0.70
CA ASN F 133 -10.58 -45.73 1.54
C ASN F 133 -10.45 -45.17 2.96
N ASP F 134 -10.45 -46.09 3.93
CA ASP F 134 -10.68 -45.91 5.38
C ASP F 134 -12.04 -45.29 5.70
N LEU F 135 -12.95 -45.31 4.71
CA LEU F 135 -14.37 -44.96 4.84
C LEU F 135 -14.58 -43.52 5.29
N SER F 136 -14.19 -42.59 4.43
CA SER F 136 -14.52 -41.17 4.62
C SER F 136 -15.65 -40.82 3.66
N VAL F 137 -16.84 -40.64 4.20
CA VAL F 137 -18.05 -40.42 3.41
C VAL F 137 -18.30 -38.93 3.32
N SER F 138 -18.44 -38.43 2.09
CA SER F 138 -18.74 -37.02 1.84
C SER F 138 -19.97 -36.92 0.97
N GLY F 139 -21.01 -36.28 1.48
CA GLY F 139 -22.25 -36.17 0.73
C GLY F 139 -22.82 -34.78 0.68
N ARG F 140 -23.12 -34.29 -0.52
CA ARG F 140 -23.68 -32.96 -0.71
C ARG F 140 -24.98 -33.06 -1.49
N LEU F 141 -25.96 -32.27 -1.08
CA LEU F 141 -27.28 -32.29 -1.72
C LEU F 141 -27.76 -30.87 -1.90
N ASN F 142 -27.98 -30.47 -3.14
CA ASN F 142 -28.64 -29.23 -3.49
C ASN F 142 -30.08 -29.56 -3.88
N TYR F 143 -31.03 -28.76 -3.41
CA TYR F 143 -32.42 -28.89 -3.83
C TYR F 143 -32.95 -27.50 -4.17
N GLY F 144 -33.44 -27.34 -5.38
CA GLY F 144 -34.03 -26.10 -5.78
C GLY F 144 -35.53 -26.08 -5.58
N TRP F 145 -35.99 -25.33 -4.57
CA TRP F 145 -37.42 -25.05 -4.47
C TRP F 145 -37.88 -24.16 -5.61
N ASP F 146 -36.99 -23.31 -6.11
CA ASP F 146 -37.21 -22.52 -7.31
C ASP F 146 -35.84 -22.37 -7.96
N LYS F 147 -35.82 -21.67 -9.10
CA LYS F 147 -34.54 -21.32 -9.71
C LYS F 147 -33.78 -20.29 -8.88
N LYS F 148 -34.48 -19.55 -8.02
CA LYS F 148 -33.84 -18.59 -7.13
C LYS F 148 -33.51 -19.22 -5.78
N ASN F 149 -34.52 -19.79 -5.11
CA ASN F 149 -34.33 -20.31 -3.76
C ASN F 149 -33.81 -21.74 -3.81
N ILE F 150 -32.76 -22.01 -3.02
CA ILE F 150 -32.16 -23.33 -2.92
C ILE F 150 -31.81 -23.65 -1.48
N SER F 151 -31.86 -24.94 -1.16
CA SER F 151 -31.49 -25.48 0.15
C SER F 151 -30.45 -26.56 -0.06
N LYS F 152 -29.35 -26.50 0.69
CA LYS F 152 -28.28 -27.46 0.49
C LYS F 152 -27.77 -27.98 1.82
N VAL F 153 -27.34 -29.25 1.78
CA VAL F 153 -26.87 -30.00 2.93
C VAL F 153 -25.48 -30.54 2.59
N ASN F 154 -24.53 -30.38 3.49
CA ASN F 154 -23.22 -31.00 3.31
C ASN F 154 -22.91 -31.85 4.54
N LEU F 155 -22.40 -33.06 4.31
CA LEU F 155 -22.15 -34.03 5.37
C LEU F 155 -20.78 -34.65 5.13
N GLN F 156 -20.01 -34.80 6.20
CA GLN F 156 -18.69 -35.41 6.13
C GLN F 156 -18.44 -36.27 7.36
N ILE F 157 -18.10 -37.54 7.12
CA ILE F 157 -17.73 -38.49 8.15
C ILE F 157 -16.33 -38.97 7.86
N SER F 158 -15.43 -38.86 8.85
CA SER F 158 -14.03 -39.19 8.65
C SER F 158 -13.57 -40.40 9.44
N ASP F 159 -14.46 -41.04 10.20
CA ASP F 159 -14.20 -42.30 10.92
C ASP F 159 -13.04 -42.15 11.92
N GLY F 160 -13.26 -41.30 12.91
CA GLY F 160 -12.25 -41.04 13.92
C GLY F 160 -12.17 -39.56 14.23
N GLN F 161 -12.84 -38.77 13.41
CA GLN F 161 -12.98 -37.32 13.57
C GLN F 161 -14.46 -37.04 13.77
N PRO F 162 -14.81 -35.92 14.43
CA PRO F 162 -16.23 -35.61 14.64
C PRO F 162 -16.94 -35.30 13.33
N THR F 163 -18.16 -35.83 13.21
CA THR F 163 -18.96 -35.69 12.00
C THR F 163 -19.34 -34.23 11.76
N MET F 164 -19.04 -33.73 10.57
CA MET F 164 -19.19 -32.31 10.28
C MET F 164 -20.25 -32.15 9.20
N CYS F 165 -21.36 -31.51 9.55
CA CYS F 165 -22.45 -31.25 8.62
C CYS F 165 -22.84 -29.79 8.69
N GLN F 166 -23.21 -29.24 7.55
CA GLN F 166 -23.67 -27.86 7.48
C GLN F 166 -24.97 -27.80 6.68
N LEU F 167 -25.86 -26.91 7.11
CA LEU F 167 -27.15 -26.69 6.47
C LEU F 167 -27.20 -25.25 5.99
N GLU F 168 -27.40 -25.06 4.69
CA GLU F 168 -27.35 -23.73 4.10
C GLU F 168 -28.61 -23.46 3.30
N GLN F 169 -29.13 -22.24 3.46
CA GLN F 169 -30.25 -21.77 2.66
C GLN F 169 -29.78 -20.55 1.89
N ASP F 170 -29.92 -20.59 0.56
CA ASP F 170 -29.44 -19.53 -0.30
C ASP F 170 -30.60 -19.03 -1.14
N TYR F 171 -30.89 -17.74 -1.04
CA TYR F 171 -31.96 -17.10 -1.80
C TYR F 171 -31.37 -15.94 -2.60
N GLN F 172 -31.54 -16.00 -3.92
CA GLN F 172 -31.17 -14.91 -4.80
C GLN F 172 -32.43 -14.15 -5.17
N ALA F 173 -32.42 -12.85 -4.96
CA ALA F 173 -33.55 -12.02 -5.34
C ALA F 173 -33.32 -11.47 -6.74
N SER F 174 -34.13 -10.48 -7.13
CA SER F 174 -33.90 -9.81 -8.40
C SER F 174 -32.64 -8.95 -8.36
N ASP F 175 -32.32 -8.40 -7.19
CA ASP F 175 -31.23 -7.45 -7.07
C ASP F 175 -30.38 -7.65 -5.80
N PHE F 176 -30.62 -8.72 -5.04
CA PHE F 176 -29.74 -9.02 -3.91
C PHE F 176 -29.69 -10.52 -3.71
N SER F 177 -28.69 -10.94 -2.93
CA SER F 177 -28.47 -12.35 -2.63
C SER F 177 -28.17 -12.50 -1.16
N VAL F 178 -28.92 -13.38 -0.50
CA VAL F 178 -28.75 -13.67 0.91
C VAL F 178 -28.49 -15.16 1.03
N ASN F 179 -27.57 -15.54 1.91
CA ASN F 179 -27.52 -16.94 2.31
C ASN F 179 -27.11 -17.06 3.78
N VAL F 180 -27.69 -18.07 4.42
CA VAL F 180 -27.45 -18.36 5.83
C VAL F 180 -27.05 -19.82 5.92
N LYS F 181 -25.87 -20.09 6.43
CA LYS F 181 -25.38 -21.45 6.62
C LYS F 181 -25.09 -21.68 8.09
N THR F 182 -25.26 -22.92 8.54
CA THR F 182 -25.01 -23.31 9.91
C THR F 182 -24.15 -24.57 9.91
N LEU F 183 -23.00 -24.49 10.57
CA LEU F 183 -22.10 -25.62 10.74
C LEU F 183 -22.32 -26.22 12.12
N ASN F 184 -22.61 -27.52 12.15
CA ASN F 184 -22.87 -28.29 13.36
C ASN F 184 -23.94 -27.69 14.27
N PRO F 185 -25.21 -27.76 13.89
CA PRO F 185 -26.26 -27.19 14.74
C PRO F 185 -26.53 -28.08 15.95
N SER F 186 -26.60 -27.44 17.11
CA SER F 186 -26.83 -28.13 18.37
C SER F 186 -27.35 -27.12 19.39
N PHE F 187 -28.24 -27.59 20.25
CA PHE F 187 -28.85 -26.77 21.29
C PHE F 187 -28.48 -27.31 22.66
N SER F 188 -28.15 -26.40 23.57
CA SER F 188 -27.78 -26.79 24.93
C SER F 188 -29.02 -27.13 25.74
N GLU F 189 -28.80 -27.45 27.02
CA GLU F 189 -29.93 -27.74 27.92
C GLU F 189 -30.68 -26.47 28.28
N LYS F 190 -30.04 -25.30 28.16
CA LYS F 190 -30.68 -24.02 28.43
C LYS F 190 -31.52 -23.52 27.28
N GLY F 191 -31.49 -24.20 26.13
CA GLY F 191 -32.18 -23.72 24.95
C GLY F 191 -31.37 -22.75 24.11
N GLU F 192 -30.05 -22.73 24.27
CA GLU F 192 -29.18 -21.79 23.57
C GLU F 192 -28.46 -22.49 22.42
N PHE F 193 -28.16 -21.71 21.39
CA PHE F 193 -27.50 -22.25 20.20
C PHE F 193 -26.04 -22.58 20.48
N THR F 194 -25.55 -23.63 19.81
CA THR F 194 -24.15 -24.04 19.94
C THR F 194 -23.71 -24.53 18.56
N GLY F 195 -22.84 -23.77 17.91
CA GLY F 195 -22.44 -24.10 16.56
C GLY F 195 -21.90 -22.85 15.86
N VAL F 196 -21.87 -22.91 14.53
CA VAL F 196 -21.41 -21.80 13.71
C VAL F 196 -22.57 -21.35 12.82
N ALA F 197 -22.82 -20.04 12.78
CA ALA F 197 -23.88 -19.49 11.96
C ALA F 197 -23.35 -18.31 11.16
N VAL F 198 -23.42 -18.39 9.84
CA VAL F 198 -22.90 -17.37 8.94
C VAL F 198 -24.05 -16.86 8.10
N ALA F 199 -24.34 -15.56 8.20
CA ALA F 199 -25.40 -14.92 7.42
C ALA F 199 -24.78 -13.82 6.58
N SER F 200 -25.02 -13.86 5.27
CA SER F 200 -24.42 -12.88 4.37
C SER F 200 -25.48 -12.31 3.44
N PHE F 201 -25.30 -11.02 3.15
CA PHE F 201 -26.19 -10.21 2.33
C PHE F 201 -25.35 -9.47 1.28
N LEU F 202 -25.88 -9.37 0.07
CA LEU F 202 -25.18 -8.66 -1.00
C LEU F 202 -26.19 -7.96 -1.90
N GLN F 203 -26.15 -6.63 -1.92
CA GLN F 203 -27.06 -5.80 -2.69
C GLN F 203 -26.27 -5.00 -3.73
N SER F 204 -26.78 -4.98 -4.97
CA SER F 204 -26.19 -4.16 -6.03
C SER F 204 -26.72 -2.74 -5.88
N VAL F 205 -25.83 -1.78 -5.62
CA VAL F 205 -26.25 -0.39 -5.51
C VAL F 205 -26.51 0.22 -6.88
N THR F 206 -25.99 -0.42 -7.93
CA THR F 206 -26.03 0.06 -9.29
C THR F 206 -25.68 -1.13 -10.18
N PRO F 207 -26.02 -1.10 -11.48
CA PRO F 207 -25.64 -2.24 -12.36
C PRO F 207 -24.13 -2.47 -12.57
N GLN F 208 -23.24 -1.71 -11.91
CA GLN F 208 -21.82 -2.00 -11.90
C GLN F 208 -21.34 -2.56 -10.55
N LEU F 209 -21.75 -1.95 -9.44
CA LEU F 209 -21.27 -2.33 -8.13
C LEU F 209 -22.21 -3.29 -7.41
N ALA F 210 -21.70 -3.88 -6.33
CA ALA F 210 -22.46 -4.73 -5.43
C ALA F 210 -21.75 -4.70 -4.08
N LEU F 211 -22.41 -4.15 -3.07
CA LEU F 211 -21.86 -4.05 -1.73
C LEU F 211 -22.60 -5.00 -0.80
N GLY F 212 -21.88 -5.52 0.19
CA GLY F 212 -22.52 -6.45 1.10
C GLY F 212 -21.64 -6.79 2.27
N LEU F 213 -22.09 -7.77 3.05
CA LEU F 213 -21.36 -8.18 4.24
C LEU F 213 -21.72 -9.62 4.58
N GLU F 214 -20.91 -10.20 5.48
CA GLU F 214 -21.19 -11.48 6.10
C GLU F 214 -20.94 -11.35 7.59
N THR F 215 -21.64 -12.16 8.37
CA THR F 215 -21.50 -12.16 9.83
C THR F 215 -21.45 -13.60 10.31
N LEU F 216 -20.40 -13.92 11.07
CA LEU F 216 -20.17 -15.24 11.63
C LEU F 216 -20.35 -15.16 13.14
N TYR F 217 -21.21 -16.01 13.69
CA TYR F 217 -21.36 -16.17 15.12
C TYR F 217 -21.00 -17.62 15.47
N SER F 218 -20.04 -17.79 16.37
CA SER F 218 -19.51 -19.10 16.70
C SER F 218 -19.56 -19.31 18.20
N ARG F 219 -20.18 -20.41 18.63
CA ARG F 219 -20.22 -20.78 20.03
C ARG F 219 -19.85 -22.26 20.13
N THR F 220 -18.72 -22.54 20.78
CA THR F 220 -18.12 -23.87 20.74
C THR F 220 -18.82 -24.83 21.70
N ASP F 221 -18.91 -24.46 22.97
CA ASP F 221 -19.37 -25.37 24.01
C ASP F 221 -20.57 -24.87 24.80
N GLY F 222 -20.65 -23.56 25.07
CA GLY F 222 -21.68 -22.99 25.90
C GLY F 222 -21.17 -22.43 27.21
N SER F 223 -20.01 -22.92 27.67
CA SER F 223 -19.38 -22.34 28.86
C SER F 223 -18.87 -20.94 28.57
N ALA F 224 -18.20 -20.76 27.46
CA ALA F 224 -17.78 -19.44 27.00
C ALA F 224 -18.79 -18.91 26.00
N PRO F 225 -19.12 -17.61 26.04
CA PRO F 225 -20.06 -17.05 25.07
C PRO F 225 -19.47 -17.04 23.66
N GLY F 226 -20.35 -17.21 22.68
CA GLY F 226 -19.90 -17.20 21.30
C GLY F 226 -19.50 -15.81 20.85
N ASP F 227 -18.58 -15.78 19.89
CA ASP F 227 -18.06 -14.54 19.34
C ASP F 227 -18.58 -14.30 17.94
N ALA F 228 -18.64 -13.02 17.55
CA ALA F 228 -19.20 -12.60 16.28
C ALA F 228 -18.16 -11.78 15.52
N GLY F 229 -18.08 -12.03 14.21
CA GLY F 229 -17.20 -11.31 13.32
C GLY F 229 -17.89 -10.89 12.05
N VAL F 230 -17.74 -9.62 11.67
CA VAL F 230 -18.39 -9.06 10.50
C VAL F 230 -17.33 -8.76 9.46
N SER F 231 -17.57 -9.21 8.23
CA SER F 231 -16.67 -8.98 7.11
C SER F 231 -17.42 -8.29 5.99
N TYR F 232 -16.71 -7.48 5.22
CA TYR F 232 -17.32 -6.65 4.20
C TYR F 232 -16.98 -7.17 2.81
N LEU F 233 -17.83 -6.83 1.84
CA LEU F 233 -17.74 -7.37 0.49
C LEU F 233 -18.03 -6.27 -0.52
N THR F 234 -17.19 -6.19 -1.56
CA THR F 234 -17.31 -5.16 -2.58
C THR F 234 -16.98 -5.77 -3.93
N ARG F 235 -17.86 -5.57 -4.91
CA ARG F 235 -17.63 -6.07 -6.25
C ARG F 235 -17.97 -4.97 -7.25
N TYR F 236 -17.13 -4.82 -8.27
CA TYR F 236 -17.33 -3.83 -9.33
C TYR F 236 -17.20 -4.51 -10.66
N VAL F 237 -18.29 -4.58 -11.41
CA VAL F 237 -18.29 -5.11 -12.77
C VAL F 237 -18.18 -3.94 -13.73
N SER F 238 -17.32 -4.07 -14.74
CA SER F 238 -17.21 -3.02 -15.73
C SER F 238 -18.44 -3.02 -16.65
N LYS F 239 -18.53 -1.97 -17.47
CA LYS F 239 -19.72 -1.75 -18.28
C LYS F 239 -19.82 -2.75 -19.42
N LYS F 240 -18.70 -3.07 -20.06
CA LYS F 240 -18.67 -3.99 -21.18
C LYS F 240 -18.32 -5.41 -20.76
N GLN F 241 -18.50 -5.73 -19.47
CA GLN F 241 -18.21 -7.04 -18.88
C GLN F 241 -16.77 -7.48 -19.08
N ASP F 242 -15.85 -6.52 -19.16
CA ASP F 242 -14.46 -6.85 -19.45
C ASP F 242 -13.70 -7.24 -18.19
N TRP F 243 -13.68 -6.36 -17.20
CA TRP F 243 -12.86 -6.56 -16.02
C TRP F 243 -13.71 -6.38 -14.77
N ILE F 244 -13.35 -7.15 -13.74
CA ILE F 244 -14.10 -7.22 -12.49
C ILE F 244 -13.14 -6.98 -11.34
N PHE F 245 -13.45 -6.01 -10.50
CA PHE F 245 -12.74 -5.77 -9.26
C PHE F 245 -13.51 -6.40 -8.12
N SER F 246 -12.80 -6.92 -7.12
CA SER F 246 -13.45 -7.59 -6.02
C SER F 246 -12.61 -7.47 -4.76
N GLY F 247 -13.09 -6.71 -3.78
CA GLY F 247 -12.36 -6.55 -2.54
C GLY F 247 -13.17 -6.96 -1.33
N GLN F 248 -12.58 -7.77 -0.46
CA GLN F 248 -13.25 -8.20 0.75
C GLN F 248 -12.33 -8.00 1.96
N LEU F 249 -12.91 -7.51 3.04
CA LEU F 249 -12.20 -7.23 4.29
C LEU F 249 -12.68 -8.22 5.33
N GLN F 250 -11.89 -9.28 5.54
CA GLN F 250 -12.31 -10.34 6.43
C GLN F 250 -12.20 -9.90 7.89
N ALA F 251 -12.91 -10.61 8.76
CA ALA F 251 -12.98 -10.24 10.18
C ALA F 251 -11.81 -10.77 10.98
N ASN F 252 -11.03 -11.71 10.43
CA ASN F 252 -9.87 -12.26 11.10
C ASN F 252 -8.61 -11.45 10.88
N GLY F 253 -8.72 -10.20 10.44
CA GLY F 253 -7.57 -9.40 10.08
C GLY F 253 -7.06 -9.64 8.68
N ALA F 254 -7.80 -10.37 7.85
CA ALA F 254 -7.36 -10.60 6.49
C ALA F 254 -8.07 -9.67 5.51
N LEU F 255 -7.38 -9.36 4.42
CA LEU F 255 -7.92 -8.59 3.31
C LEU F 255 -7.57 -9.34 2.03
N ILE F 256 -8.55 -9.47 1.14
CA ILE F 256 -8.34 -10.11 -0.15
C ILE F 256 -8.85 -9.17 -1.23
N ALA F 257 -7.92 -8.68 -2.06
CA ALA F 257 -8.25 -7.78 -3.14
C ALA F 257 -7.86 -8.41 -4.46
N SER F 258 -8.79 -8.51 -5.40
CA SER F 258 -8.58 -9.26 -6.62
C SER F 258 -9.13 -8.51 -7.82
N LEU F 259 -8.53 -8.80 -8.97
CA LEU F 259 -8.97 -8.26 -10.25
C LEU F 259 -8.97 -9.38 -11.28
N TRP F 260 -10.01 -9.40 -12.11
CA TRP F 260 -10.11 -10.31 -13.24
C TRP F 260 -10.25 -9.49 -14.50
N ARG F 261 -9.61 -9.92 -15.58
CA ARG F 261 -9.70 -9.19 -16.83
C ARG F 261 -9.73 -10.19 -17.97
N LYS F 262 -10.50 -9.87 -19.00
CA LYS F 262 -10.66 -10.72 -20.16
C LYS F 262 -10.07 -9.99 -21.37
N VAL F 263 -8.91 -10.45 -21.83
CA VAL F 263 -8.26 -9.79 -22.96
C VAL F 263 -8.98 -10.12 -24.26
N ALA F 264 -9.23 -11.40 -24.51
CA ALA F 264 -9.90 -11.83 -25.74
C ALA F 264 -10.84 -12.98 -25.38
N GLN F 265 -11.41 -13.61 -26.40
CA GLN F 265 -12.37 -14.68 -26.18
C GLN F 265 -11.71 -15.96 -25.68
N ASN F 266 -10.40 -16.10 -25.88
CA ASN F 266 -9.71 -17.32 -25.50
C ASN F 266 -8.80 -17.15 -24.29
N VAL F 267 -8.44 -15.92 -23.94
CA VAL F 267 -7.40 -15.67 -22.94
C VAL F 267 -7.99 -14.85 -21.80
N GLU F 268 -7.50 -15.10 -20.59
CA GLU F 268 -7.99 -14.42 -19.39
C GLU F 268 -6.81 -14.18 -18.45
N ALA F 269 -6.95 -13.20 -17.56
CA ALA F 269 -5.90 -12.90 -16.61
C ALA F 269 -6.51 -12.46 -15.29
N GLY F 270 -5.72 -12.54 -14.22
CA GLY F 270 -6.21 -12.15 -12.92
C GLY F 270 -5.16 -12.05 -11.84
N ILE F 271 -5.32 -11.08 -10.94
CA ILE F 271 -4.41 -10.86 -9.84
C ILE F 271 -5.18 -10.95 -8.53
N GLU F 272 -4.50 -11.40 -7.47
CA GLU F 272 -5.07 -11.48 -6.15
C GLU F 272 -4.00 -11.12 -5.13
N THR F 273 -4.40 -10.43 -4.06
CA THR F 273 -3.49 -10.07 -2.98
C THR F 273 -4.20 -10.36 -1.67
N THR F 274 -3.60 -11.20 -0.84
CA THR F 274 -4.17 -11.62 0.42
C THR F 274 -3.20 -11.28 1.55
N LEU F 275 -3.72 -10.65 2.61
CA LEU F 275 -2.82 -10.29 3.69
C LEU F 275 -3.53 -10.43 5.03
N GLN F 276 -2.74 -10.66 6.08
CA GLN F 276 -3.27 -10.78 7.43
C GLN F 276 -2.48 -9.90 8.38
N PRO F 295 -0.13 -9.24 16.75
CA PRO F 295 0.71 -8.37 15.93
C PRO F 295 1.39 -9.11 14.78
N THR F 296 0.68 -10.07 14.20
CA THR F 296 1.20 -10.92 13.15
C THR F 296 0.54 -10.57 11.82
N VAL F 297 1.32 -10.05 10.88
CA VAL F 297 0.83 -9.65 9.57
C VAL F 297 1.73 -10.27 8.51
N GLU F 298 1.11 -10.94 7.54
CA GLU F 298 1.81 -11.52 6.40
C GLU F 298 0.89 -11.60 5.20
N GLY F 299 1.44 -11.51 4.00
CA GLY F 299 0.63 -11.45 2.80
C GLY F 299 1.37 -11.97 1.58
N SER F 300 0.59 -12.32 0.56
CA SER F 300 1.11 -12.81 -0.71
C SER F 300 0.32 -12.21 -1.86
N THR F 301 1.00 -12.05 -2.98
CA THR F 301 0.41 -11.53 -4.22
C THR F 301 0.64 -12.52 -5.35
N THR F 302 -0.45 -12.94 -5.99
CA THR F 302 -0.40 -13.94 -7.05
C THR F 302 -1.04 -13.38 -8.31
N ILE F 303 -0.29 -13.41 -9.41
CA ILE F 303 -0.78 -12.97 -10.71
C ILE F 303 -0.75 -14.16 -11.67
N GLY F 304 -1.88 -14.44 -12.31
CA GLY F 304 -1.96 -15.60 -13.16
C GLY F 304 -2.74 -15.31 -14.42
N ALA F 305 -2.63 -16.25 -15.36
CA ALA F 305 -3.30 -16.16 -16.64
C ALA F 305 -3.78 -17.54 -17.05
N LYS F 306 -4.89 -17.56 -17.79
CA LYS F 306 -5.44 -18.80 -18.32
C LYS F 306 -5.65 -18.64 -19.82
N TYR F 307 -4.98 -19.48 -20.60
CA TYR F 307 -5.13 -19.46 -22.05
C TYR F 307 -5.80 -20.77 -22.43
N GLU F 308 -7.08 -20.71 -22.79
CA GLU F 308 -7.82 -21.91 -23.15
C GLU F 308 -8.02 -21.96 -24.66
N TYR F 309 -8.14 -23.18 -25.17
CA TYR F 309 -8.38 -23.43 -26.58
C TYR F 309 -9.33 -24.62 -26.68
N ARG F 310 -9.52 -25.10 -27.91
CA ARG F 310 -10.40 -26.25 -28.11
C ARG F 310 -9.69 -27.55 -27.78
N GLN F 311 -8.36 -27.55 -27.80
CA GLN F 311 -7.63 -28.79 -27.57
C GLN F 311 -6.92 -28.82 -26.22
N SER F 312 -6.67 -27.67 -25.61
CA SER F 312 -5.91 -27.66 -24.36
C SER F 312 -6.29 -26.46 -23.53
N VAL F 313 -5.91 -26.52 -22.25
CA VAL F 313 -6.12 -25.45 -21.28
C VAL F 313 -4.81 -25.21 -20.55
N TYR F 314 -4.27 -23.99 -20.67
CA TYR F 314 -3.03 -23.62 -20.02
C TYR F 314 -3.32 -22.65 -18.88
N ARG F 315 -2.61 -22.81 -17.77
CA ARG F 315 -2.74 -21.90 -16.63
C ARG F 315 -1.37 -21.63 -16.04
N GLY F 316 -0.98 -20.36 -16.00
CA GLY F 316 0.29 -19.96 -15.43
C GLY F 316 0.08 -19.03 -14.24
N THR F 317 0.99 -19.12 -13.27
CA THR F 317 0.85 -18.36 -12.04
C THR F 317 2.22 -17.95 -11.51
N LEU F 318 2.38 -16.66 -11.24
CA LEU F 318 3.58 -16.08 -10.64
C LEU F 318 3.22 -15.51 -9.28
N ASP F 319 3.94 -15.92 -8.25
CA ASP F 319 3.65 -15.55 -6.88
C ASP F 319 4.72 -14.61 -6.35
N SER F 320 4.34 -13.80 -5.36
CA SER F 320 5.28 -12.98 -4.61
C SER F 320 6.11 -13.80 -3.63
N ASN F 321 5.75 -15.05 -3.40
CA ASN F 321 6.49 -15.94 -2.52
C ASN F 321 7.66 -16.62 -3.21
N GLY F 322 8.10 -16.13 -4.37
CA GLY F 322 9.22 -16.70 -5.07
C GLY F 322 8.94 -18.02 -5.76
N LYS F 323 7.67 -18.39 -5.93
CA LYS F 323 7.30 -19.66 -6.54
C LYS F 323 6.48 -19.41 -7.80
N VAL F 324 6.67 -20.29 -8.78
CA VAL F 324 5.91 -20.25 -10.03
C VAL F 324 5.17 -21.56 -10.18
N ALA F 325 4.08 -21.52 -10.93
CA ALA F 325 3.25 -22.70 -11.11
C ALA F 325 2.67 -22.73 -12.51
N CYS F 326 2.51 -23.95 -13.02
CA CYS F 326 2.01 -24.21 -14.37
C CYS F 326 1.06 -25.39 -14.33
N PHE F 327 0.01 -25.32 -15.14
CA PHE F 327 -0.98 -26.39 -15.22
C PHE F 327 -1.46 -26.50 -16.66
N LEU F 328 -1.17 -27.62 -17.29
CA LEU F 328 -1.54 -27.86 -18.68
C LEU F 328 -2.45 -29.07 -18.77
N GLU F 329 -3.69 -28.86 -19.21
CA GLU F 329 -4.64 -29.93 -19.45
C GLU F 329 -4.77 -30.09 -20.96
N ARG F 330 -4.10 -31.10 -21.49
CA ARG F 330 -4.04 -31.33 -22.94
C ARG F 330 -4.98 -32.47 -23.29
N LYS F 331 -6.02 -32.14 -24.05
CA LYS F 331 -6.94 -33.15 -24.54
C LYS F 331 -6.41 -33.71 -25.86
N VAL F 332 -5.94 -34.95 -25.84
CA VAL F 332 -5.37 -35.58 -27.03
C VAL F 332 -6.38 -36.45 -27.75
N LEU F 333 -7.34 -37.01 -27.03
CA LEU F 333 -8.37 -37.87 -27.56
C LEU F 333 -9.73 -37.32 -27.19
N PRO F 334 -10.80 -37.71 -27.89
CA PRO F 334 -12.15 -37.36 -27.42
C PRO F 334 -12.50 -38.02 -26.09
N THR F 335 -11.87 -39.15 -25.77
CA THR F 335 -12.00 -39.76 -24.46
C THR F 335 -10.86 -39.36 -23.53
N LEU F 336 -9.63 -39.64 -23.92
CA LEU F 336 -8.49 -39.50 -23.02
C LEU F 336 -8.08 -38.03 -22.91
N SER F 337 -7.52 -37.67 -21.76
CA SER F 337 -6.96 -36.33 -21.59
C SER F 337 -5.80 -36.38 -20.60
N VAL F 338 -4.65 -35.86 -21.01
CA VAL F 338 -3.47 -35.82 -20.13
C VAL F 338 -3.46 -34.49 -19.40
N LEU F 339 -2.91 -34.48 -18.17
CA LEU F 339 -2.80 -33.23 -17.45
C LEU F 339 -1.53 -33.22 -16.61
N PHE F 340 -0.90 -32.05 -16.57
CA PHE F 340 0.40 -31.81 -15.99
C PHE F 340 0.32 -30.60 -15.07
N CYS F 341 1.06 -30.65 -13.95
CA CYS F 341 1.15 -29.49 -13.09
C CYS F 341 2.53 -29.44 -12.45
N GLY F 342 3.15 -28.26 -12.49
CA GLY F 342 4.48 -28.10 -11.97
C GLY F 342 4.63 -26.84 -11.14
N GLU F 343 5.45 -26.91 -10.09
CA GLU F 343 5.66 -25.78 -9.20
C GLU F 343 7.13 -25.70 -8.84
N ILE F 344 7.71 -24.51 -8.96
CA ILE F 344 9.10 -24.27 -8.56
C ILE F 344 9.11 -23.22 -7.46
N ASP F 345 9.75 -23.54 -6.34
CA ASP F 345 10.03 -22.57 -5.29
C ASP F 345 11.51 -22.22 -5.38
N HIS F 346 11.80 -20.95 -5.69
CA HIS F 346 13.14 -20.44 -5.84
C HIS F 346 13.80 -20.09 -4.52
N PHE F 347 13.01 -19.71 -3.52
CA PHE F 347 13.59 -19.26 -2.25
C PHE F 347 14.19 -20.41 -1.46
N LYS F 348 13.71 -21.63 -1.67
CA LYS F 348 14.36 -22.81 -1.11
C LYS F 348 14.69 -23.84 -2.17
N ASN F 349 14.43 -23.53 -3.44
CA ASN F 349 14.94 -24.24 -4.63
C ASN F 349 14.50 -25.72 -4.64
N ASP F 350 13.19 -25.91 -4.77
CA ASP F 350 12.68 -27.26 -4.92
C ASP F 350 11.49 -27.23 -5.87
N THR F 351 10.98 -28.42 -6.20
CA THR F 351 10.05 -28.57 -7.30
C THR F 351 9.01 -29.64 -6.94
N LYS F 352 7.75 -29.30 -7.16
CA LYS F 352 6.64 -30.23 -6.99
C LYS F 352 6.03 -30.51 -8.36
N ILE F 353 6.05 -31.77 -8.77
CA ILE F 353 5.57 -32.18 -10.07
C ILE F 353 4.45 -33.20 -9.89
N GLY F 354 3.31 -32.92 -10.48
CA GLY F 354 2.22 -33.88 -10.51
C GLY F 354 1.79 -34.13 -11.94
N CYS F 355 1.53 -35.38 -12.24
CA CYS F 355 0.99 -35.75 -13.55
C CYS F 355 -0.25 -36.59 -13.34
N GLY F 356 -1.08 -36.64 -14.38
CA GLY F 356 -2.27 -37.44 -14.27
C GLY F 356 -3.02 -37.48 -15.58
N LEU F 357 -4.14 -38.18 -15.55
CA LEU F 357 -4.91 -38.37 -16.76
C LEU F 357 -6.36 -38.60 -16.40
N GLN F 358 -7.23 -38.45 -17.41
CA GLN F 358 -8.67 -38.62 -17.24
C GLN F 358 -9.19 -39.40 -18.45
N PHE F 359 -9.81 -40.54 -18.18
CA PHE F 359 -10.71 -41.19 -19.12
C PHE F 359 -12.14 -40.78 -18.78
N GLU F 360 -12.88 -40.33 -19.79
CA GLU F 360 -14.34 -40.26 -19.69
C GLU F 360 -14.94 -41.19 -20.73
N THR F 361 -15.79 -42.11 -20.26
CA THR F 361 -16.39 -43.13 -21.11
C THR F 361 -17.90 -43.13 -20.90
N ALA F 362 -18.61 -43.79 -21.81
CA ALA F 362 -20.05 -43.89 -21.67
C ALA F 362 -20.45 -45.20 -21.00
N GLY F 363 -21.65 -45.20 -20.44
CA GLY F 363 -22.20 -46.40 -19.83
C GLY F 363 -23.10 -47.16 -20.79
N ASN F 364 -23.88 -46.44 -21.58
CA ASN F 364 -24.78 -47.03 -22.55
C ASN F 364 -24.26 -46.83 -23.97
N GLN F 365 -24.96 -47.47 -24.92
CA GLN F 365 -24.49 -47.51 -26.30
C GLN F 365 -24.72 -46.19 -27.01
N GLU F 366 -25.80 -45.48 -26.66
CA GLU F 366 -26.16 -44.24 -27.35
C GLU F 366 -25.15 -43.15 -27.07
N LEU F 367 -24.74 -42.98 -25.81
CA LEU F 367 -23.75 -41.98 -25.47
C LEU F 367 -22.36 -42.40 -25.93
N LEU F 368 -22.15 -43.70 -26.16
CA LEU F 368 -20.88 -44.16 -26.73
C LEU F 368 -20.73 -43.69 -28.17
N MET F 369 -21.82 -43.70 -28.94
CA MET F 369 -21.78 -43.11 -30.27
C MET F 369 -21.81 -41.60 -30.21
N LEU F 370 -22.45 -41.03 -29.18
CA LEU F 370 -22.53 -39.57 -29.07
C LEU F 370 -21.18 -38.96 -28.69
N GLN F 371 -20.33 -39.73 -28.00
CA GLN F 371 -19.05 -39.21 -27.56
C GLN F 371 -18.06 -39.13 -28.72
N GLN F 372 -18.04 -40.14 -29.57
CA GLN F 372 -17.10 -40.15 -30.69
C GLN F 372 -17.61 -39.31 -31.86
N GLY F 373 -18.87 -39.48 -32.24
CA GLY F 373 -19.44 -38.73 -33.33
C GLY F 373 -20.81 -39.24 -33.75
N PHE G 81 41.58 -2.27 -4.85
CA PHE G 81 41.58 -3.02 -6.11
C PHE G 81 41.06 -4.44 -5.91
N GLY G 82 41.52 -5.08 -4.83
CA GLY G 82 41.08 -6.45 -4.55
C GLY G 82 39.66 -6.47 -4.01
N PHE G 83 39.28 -5.45 -3.22
CA PHE G 83 37.90 -5.35 -2.77
C PHE G 83 36.96 -5.04 -3.93
N THR G 84 37.42 -4.22 -4.87
CA THR G 84 36.65 -3.99 -6.10
C THR G 84 36.61 -5.25 -6.97
N SER G 85 37.68 -6.05 -6.92
CA SER G 85 37.67 -7.33 -7.65
C SER G 85 36.64 -8.29 -7.08
N SER G 86 36.55 -8.37 -5.75
CA SER G 86 35.53 -9.21 -5.13
C SER G 86 34.13 -8.66 -5.37
N PHE G 87 34.00 -7.33 -5.43
CA PHE G 87 32.75 -6.68 -5.81
C PHE G 87 32.30 -7.10 -7.21
N VAL G 88 33.23 -7.09 -8.17
CA VAL G 88 32.89 -7.45 -9.54
C VAL G 88 32.59 -8.94 -9.65
N ARG G 89 33.29 -9.78 -8.87
CA ARG G 89 33.00 -11.22 -8.89
C ARG G 89 31.65 -11.53 -8.26
N ASN G 90 31.27 -10.79 -7.20
CA ASN G 90 29.93 -10.93 -6.63
C ASN G 90 28.87 -10.44 -7.60
N ALA G 91 29.21 -9.43 -8.42
CA ALA G 91 28.30 -8.99 -9.46
C ALA G 91 28.11 -10.06 -10.53
N PHE G 92 29.19 -10.73 -10.94
CA PHE G 92 29.08 -11.86 -11.86
C PHE G 92 28.25 -13.00 -11.26
N THR G 93 28.39 -13.25 -9.95
CA THR G 93 27.67 -14.33 -9.30
C THR G 93 26.17 -14.04 -9.25
N LYS G 94 25.79 -12.83 -8.84
CA LYS G 94 24.37 -12.46 -8.82
C LYS G 94 23.79 -12.38 -10.22
N SER G 95 24.59 -11.97 -11.21
CA SER G 95 24.11 -11.95 -12.59
C SER G 95 23.83 -13.35 -13.11
N GLY G 96 24.73 -14.30 -12.82
CA GLY G 96 24.49 -15.67 -13.22
C GLY G 96 23.31 -16.31 -12.51
N ASN G 97 23.14 -15.99 -11.23
CA ASN G 97 22.00 -16.52 -10.49
C ASN G 97 20.68 -15.97 -11.01
N LEU G 98 20.63 -14.66 -11.27
CA LEU G 98 19.40 -14.05 -11.78
C LEU G 98 19.09 -14.54 -13.19
N ALA G 99 20.13 -14.74 -14.01
CA ALA G 99 19.93 -15.31 -15.34
C ALA G 99 19.41 -16.73 -15.27
N TRP G 100 19.91 -17.52 -14.30
CA TRP G 100 19.44 -18.89 -14.13
C TRP G 100 17.97 -18.92 -13.71
N THR G 101 17.60 -18.07 -12.76
CA THR G 101 16.23 -18.06 -12.25
C THR G 101 15.24 -17.59 -13.32
N LEU G 102 15.60 -16.51 -14.04
CA LEU G 102 14.72 -16.03 -15.10
C LEU G 102 14.65 -17.01 -16.26
N THR G 103 15.73 -17.74 -16.52
CA THR G 103 15.73 -18.73 -17.59
C THR G 103 14.82 -19.90 -17.26
N THR G 104 14.92 -20.44 -16.04
CA THR G 104 14.07 -21.59 -15.71
C THR G 104 12.62 -21.16 -15.53
N THR G 105 12.36 -19.92 -15.10
CA THR G 105 11.00 -19.43 -15.00
C THR G 105 10.39 -19.23 -16.39
N ALA G 106 11.17 -18.68 -17.32
CA ALA G 106 10.68 -18.47 -18.68
C ALA G 106 10.45 -19.80 -19.38
N LEU G 107 11.30 -20.80 -19.13
CA LEU G 107 11.07 -22.11 -19.74
C LEU G 107 9.82 -22.77 -19.19
N LEU G 108 9.63 -22.75 -17.86
CA LEU G 108 8.48 -23.41 -17.26
C LEU G 108 7.18 -22.70 -17.63
N LEU G 109 7.22 -21.38 -17.81
CA LEU G 109 6.00 -20.69 -18.21
C LEU G 109 5.84 -20.59 -19.72
N GLY G 110 6.83 -20.97 -20.51
CA GLY G 110 6.68 -20.85 -21.94
C GLY G 110 6.47 -22.15 -22.70
N VAL G 111 7.17 -23.21 -22.31
CA VAL G 111 7.20 -24.43 -23.12
C VAL G 111 5.87 -25.18 -23.17
N PRO G 112 5.12 -25.42 -22.07
CA PRO G 112 3.79 -26.02 -22.25
C PRO G 112 2.83 -25.13 -23.00
N LEU G 113 2.95 -23.82 -22.81
CA LEU G 113 2.16 -22.87 -23.58
C LEU G 113 2.55 -22.88 -25.05
N SER G 114 3.85 -23.05 -25.33
CA SER G 114 4.30 -23.15 -26.72
C SER G 114 3.76 -24.41 -27.39
N LEU G 115 3.73 -25.52 -26.64
CA LEU G 115 3.15 -26.77 -27.17
C LEU G 115 1.66 -26.62 -27.43
N SER G 116 0.95 -25.95 -26.51
CA SER G 116 -0.49 -25.73 -26.67
C SER G 116 -0.81 -24.86 -27.87
N ILE G 117 -0.09 -23.74 -28.02
CA ILE G 117 -0.31 -22.82 -29.12
C ILE G 117 0.06 -23.48 -30.45
N LEU G 118 1.11 -24.28 -30.46
CA LEU G 118 1.53 -24.91 -31.72
C LEU G 118 0.58 -26.02 -32.13
N ALA G 119 0.05 -26.77 -31.16
CA ALA G 119 -0.98 -27.76 -31.47
C ALA G 119 -2.26 -27.09 -31.96
N GLU G 120 -2.59 -25.92 -31.40
CA GLU G 120 -3.77 -25.20 -31.86
C GLU G 120 -3.57 -24.66 -33.27
N GLN G 121 -2.36 -24.21 -33.59
CA GLN G 121 -2.05 -23.78 -34.96
C GLN G 121 -2.14 -24.95 -35.94
N GLN G 122 -1.66 -26.12 -35.52
CA GLN G 122 -1.74 -27.30 -36.37
C GLN G 122 -3.19 -27.72 -36.60
N LEU G 123 -4.04 -27.58 -35.57
CA LEU G 123 -5.43 -27.95 -35.73
C LEU G 123 -6.16 -26.95 -36.63
N ILE G 124 -5.83 -25.66 -36.51
CA ILE G 124 -6.38 -24.65 -37.42
C ILE G 124 -5.94 -24.90 -38.85
N GLU G 125 -4.68 -25.28 -39.06
CA GLU G 125 -4.19 -25.58 -40.40
C GLU G 125 -4.87 -26.81 -40.98
N MET G 126 -5.13 -27.83 -40.15
CA MET G 126 -5.83 -29.02 -40.60
C MET G 126 -7.29 -28.71 -40.96
N GLU G 127 -7.93 -27.83 -40.17
CA GLU G 127 -9.28 -27.40 -40.52
C GLU G 127 -9.31 -26.58 -41.81
N LYS G 128 -8.28 -25.77 -42.06
CA LYS G 128 -8.24 -25.00 -43.30
C LYS G 128 -8.01 -25.90 -44.51
N THR G 129 -7.16 -26.92 -44.36
CA THR G 129 -6.94 -27.86 -45.46
C THR G 129 -8.18 -28.73 -45.71
N PHE G 130 -8.92 -29.05 -44.65
CA PHE G 130 -10.17 -29.78 -44.86
C PHE G 130 -11.26 -28.88 -45.44
N ASP G 131 -11.19 -27.58 -45.17
CA ASP G 131 -12.20 -26.68 -45.71
C ASP G 131 -11.95 -26.37 -47.18
N LEU G 132 -10.68 -26.21 -47.57
CA LEU G 132 -10.37 -25.89 -48.95
C LEU G 132 -10.57 -27.08 -49.88
N GLN G 133 -10.32 -28.29 -49.41
CA GLN G 133 -10.53 -29.47 -50.25
C GLN G 133 -12.02 -29.78 -50.39
N SER G 134 -12.82 -29.42 -49.39
CA SER G 134 -14.25 -29.64 -49.48
C SER G 134 -14.91 -28.68 -50.45
N ASP G 135 -14.45 -27.43 -50.48
CA ASP G 135 -14.99 -26.43 -51.38
C ASP G 135 -14.22 -26.39 -52.71
N GLU H 13 -18.41 -11.09 34.14
CA GLU H 13 -17.52 -10.56 33.11
C GLU H 13 -17.92 -11.06 31.73
N LYS H 14 -18.55 -12.24 31.68
CA LYS H 14 -18.98 -12.81 30.41
C LYS H 14 -20.20 -12.08 29.86
N ARG H 15 -20.96 -11.41 30.72
CA ARG H 15 -22.13 -10.66 30.27
C ARG H 15 -21.72 -9.46 29.43
N ALA H 16 -20.56 -8.86 29.73
CA ALA H 16 -20.06 -7.75 28.93
C ALA H 16 -19.65 -8.23 27.54
N HIS H 17 -19.02 -9.41 27.45
CA HIS H 17 -18.68 -9.98 26.15
C HIS H 17 -19.93 -10.37 25.36
N GLN H 18 -20.94 -10.91 26.05
CA GLN H 18 -22.20 -11.25 25.39
C GLN H 18 -22.90 -10.00 24.88
N GLU H 19 -22.87 -8.91 25.66
CA GLU H 19 -23.46 -7.66 25.22
C GLU H 19 -22.69 -7.05 24.06
N GLN H 20 -21.37 -7.21 24.05
CA GLN H 20 -20.56 -6.70 22.95
C GLN H 20 -20.83 -7.46 21.66
N THR H 21 -20.98 -8.79 21.75
CA THR H 21 -21.32 -9.59 20.57
C THR H 21 -22.74 -9.29 20.08
N GLU H 22 -23.67 -9.08 21.00
CA GLU H 22 -25.03 -8.73 20.59
C GLU H 22 -25.08 -7.35 19.96
N LYS H 23 -24.26 -6.42 20.46
CA LYS H 23 -24.13 -5.10 19.86
C LYS H 23 -23.53 -5.20 18.46
N THR H 24 -22.57 -6.11 18.29
CA THR H 24 -21.97 -6.33 16.97
C THR H 24 -23.01 -6.89 15.99
N LEU H 25 -23.86 -7.82 16.47
CA LEU H 25 -24.91 -8.39 15.61
C LEU H 25 -25.95 -7.33 15.24
N LYS H 26 -26.35 -6.49 16.20
CA LYS H 26 -27.34 -5.46 15.92
C LYS H 26 -26.76 -4.38 15.00
N GLN H 27 -25.46 -4.07 15.16
CA GLN H 27 -24.81 -3.12 14.27
C GLN H 27 -24.68 -3.67 12.86
N ALA H 28 -24.43 -4.98 12.73
CA ALA H 28 -24.39 -5.61 11.42
C ALA H 28 -25.77 -5.59 10.76
N ALA H 29 -26.82 -5.82 11.55
CA ALA H 29 -28.18 -5.72 11.02
C ALA H 29 -28.51 -4.29 10.60
N TYR H 30 -28.00 -3.31 11.33
CA TYR H 30 -28.24 -1.91 10.99
C TYR H 30 -27.52 -1.52 9.70
N VAL H 31 -26.29 -2.01 9.52
CA VAL H 31 -25.55 -1.75 8.28
C VAL H 31 -26.19 -2.48 7.11
N ALA H 32 -26.78 -3.66 7.38
CA ALA H 32 -27.51 -4.39 6.33
C ALA H 32 -28.76 -3.63 5.89
N ALA H 33 -29.49 -3.07 6.85
CA ALA H 33 -30.66 -2.24 6.52
C ALA H 33 -30.23 -0.98 5.78
N PHE H 34 -29.09 -0.41 6.16
CA PHE H 34 -28.57 0.78 5.48
C PHE H 34 -28.17 0.46 4.05
N LEU H 35 -27.61 -0.73 3.82
CA LEU H 35 -27.23 -1.13 2.47
C LEU H 35 -28.45 -1.58 1.66
N TRP H 36 -29.57 -1.82 2.34
CA TRP H 36 -30.83 -1.99 1.60
C TRP H 36 -31.42 -0.64 1.19
N VAL H 37 -31.34 0.34 2.08
CA VAL H 37 -31.99 1.64 1.83
C VAL H 37 -31.19 2.48 0.83
N SER H 38 -29.87 2.54 1.03
CA SER H 38 -28.99 3.46 0.30
C SER H 38 -28.98 3.36 -1.24
N PRO H 39 -29.17 2.20 -1.89
CA PRO H 39 -29.28 2.23 -3.37
C PRO H 39 -30.49 2.98 -3.90
N MET H 40 -31.58 3.01 -3.14
CA MET H 40 -32.74 3.78 -3.56
C MET H 40 -32.47 5.28 -3.44
N ILE H 41 -31.72 5.68 -2.41
CA ILE H 41 -31.28 7.06 -2.28
C ILE H 41 -30.33 7.42 -3.42
N TRP H 42 -29.48 6.48 -3.81
CA TRP H 42 -28.58 6.72 -4.93
C TRP H 42 -29.33 6.81 -6.25
N HIS H 43 -30.43 6.07 -6.38
CA HIS H 43 -31.27 6.20 -7.58
C HIS H 43 -32.00 7.54 -7.60
N LEU H 44 -32.38 8.03 -6.42
CA LEU H 44 -32.90 9.40 -6.33
C LEU H 44 -31.84 10.43 -6.71
N VAL H 45 -30.58 10.16 -6.37
CA VAL H 45 -29.50 11.03 -6.81
C VAL H 45 -29.33 10.96 -8.33
N LYS H 46 -29.42 9.75 -8.89
CA LYS H 46 -29.22 9.57 -10.34
C LYS H 46 -30.35 10.21 -11.14
N LYS H 47 -31.56 10.25 -10.58
CA LYS H 47 -32.64 10.99 -11.22
C LYS H 47 -32.42 12.49 -11.13
N GLN H 48 -31.67 12.93 -10.11
CA GLN H 48 -31.38 14.36 -9.97
C GLN H 48 -30.31 14.80 -10.97
N TRP H 49 -29.46 13.88 -11.42
CA TRP H 49 -28.45 14.21 -12.42
C TRP H 49 -29.08 14.50 -13.79
N GLN I 25 17.79 4.73 10.82
CA GLN I 25 17.60 3.64 11.76
C GLN I 25 16.50 2.69 11.30
N ALA I 26 16.86 1.70 10.50
CA ALA I 26 15.88 0.72 10.04
C ALA I 26 15.48 -0.22 11.16
N PHE I 27 16.43 -1.07 11.61
CA PHE I 27 16.37 -1.85 12.87
C PHE I 27 15.34 -2.98 12.82
N LYS I 28 14.60 -3.11 11.71
CA LYS I 28 13.55 -4.11 11.60
C LYS I 28 13.12 -4.32 10.15
N GLU I 29 12.79 -5.58 9.80
CA GLU I 29 12.02 -5.82 8.59
C GLU I 29 10.53 -5.82 8.90
N SER I 30 9.98 -4.63 9.20
CA SER I 30 8.66 -4.32 9.72
C SER I 30 7.51 -4.96 8.94
N PRO I 31 6.35 -5.22 9.58
CA PRO I 31 5.18 -5.71 8.84
C PRO I 31 4.66 -4.73 7.81
N LEU I 32 4.70 -3.44 8.13
CA LEU I 32 4.30 -2.38 7.22
C LEU I 32 5.12 -2.38 5.93
N TYR I 33 6.39 -2.79 6.04
CA TYR I 33 7.25 -2.94 4.87
C TYR I 33 6.69 -3.98 3.90
N THR I 34 6.33 -5.16 4.39
CA THR I 34 5.81 -6.17 3.46
C THR I 34 4.37 -5.88 3.07
N ILE I 35 3.64 -5.08 3.87
CA ILE I 35 2.34 -4.57 3.44
C ILE I 35 2.49 -3.67 2.22
N ALA I 36 3.45 -2.73 2.30
CA ALA I 36 3.73 -1.84 1.19
C ALA I 36 4.28 -2.60 -0.01
N LEU I 37 5.01 -3.69 0.26
CA LEU I 37 5.55 -4.52 -0.81
C LEU I 37 4.43 -5.25 -1.56
N ASN I 38 3.49 -5.85 -0.82
CA ASN I 38 2.35 -6.51 -1.44
C ASN I 38 1.45 -5.51 -2.17
N GLY I 39 1.29 -4.31 -1.61
CA GLY I 39 0.50 -3.30 -2.28
C GLY I 39 1.14 -2.79 -3.55
N ALA I 40 2.47 -2.63 -3.54
CA ALA I 40 3.18 -2.20 -4.75
C ALA I 40 3.15 -3.29 -5.82
N PHE I 41 3.22 -4.56 -5.40
CA PHE I 41 3.08 -5.66 -6.35
C PHE I 41 1.68 -5.71 -6.94
N PHE I 42 0.66 -5.42 -6.13
CA PHE I 42 -0.71 -5.40 -6.65
C PHE I 42 -0.91 -4.26 -7.64
N VAL I 43 -0.40 -3.06 -7.31
CA VAL I 43 -0.54 -1.91 -8.20
C VAL I 43 0.23 -2.14 -9.50
N ALA I 44 1.41 -2.75 -9.40
CA ALA I 44 2.20 -3.05 -10.60
C ALA I 44 1.53 -4.08 -11.48
N GLY I 45 0.89 -5.08 -10.87
CA GLY I 45 0.19 -6.09 -11.66
C GLY I 45 -1.06 -5.54 -12.33
N VAL I 46 -1.80 -4.66 -11.63
CA VAL I 46 -2.97 -4.03 -12.24
C VAL I 46 -2.56 -3.10 -13.37
N ALA I 47 -1.45 -2.37 -13.20
CA ALA I 47 -0.93 -1.53 -14.26
C ALA I 47 -0.40 -2.36 -15.43
N PHE I 48 0.08 -3.57 -15.16
CA PHE I 48 0.57 -4.43 -16.23
C PHE I 48 -0.57 -5.04 -17.03
N ILE I 49 -1.65 -5.44 -16.37
CA ILE I 49 -2.75 -6.09 -17.06
C ILE I 49 -3.57 -5.08 -17.85
N GLN I 50 -3.80 -3.89 -17.28
CA GLN I 50 -4.60 -2.89 -17.98
C GLN I 50 -3.83 -2.22 -19.12
N SER I 51 -2.51 -2.40 -19.17
CA SER I 51 -1.71 -1.85 -20.24
C SER I 51 -1.95 -2.63 -21.54
N PRO I 52 -1.67 -2.01 -22.69
CA PRO I 52 -1.73 -2.78 -23.96
C PRO I 52 -0.59 -3.77 -24.13
N LEU I 53 0.40 -3.77 -23.23
CA LEU I 53 1.43 -4.80 -23.26
C LEU I 53 0.84 -6.17 -22.94
N MET I 54 -0.16 -6.20 -22.05
CA MET I 54 -0.89 -7.44 -21.79
C MET I 54 -1.68 -7.88 -23.02
N ASP I 55 -2.14 -6.92 -23.83
CA ASP I 55 -2.75 -7.25 -25.11
C ASP I 55 -1.70 -7.80 -26.08
N MET I 56 -0.46 -7.33 -25.95
CA MET I 56 0.61 -7.83 -26.80
C MET I 56 1.03 -9.25 -26.41
N LEU I 57 0.90 -9.61 -25.14
CA LEU I 57 1.14 -10.99 -24.74
C LEU I 57 0.09 -11.97 -25.26
N ALA I 58 -1.11 -11.48 -25.57
CA ALA I 58 -2.14 -12.34 -26.14
C ALA I 58 -1.89 -12.52 -27.63
N PRO I 59 -1.90 -13.76 -28.13
CA PRO I 59 -1.74 -13.95 -29.58
C PRO I 59 -2.95 -13.45 -30.34
N GLN I 60 -2.74 -13.18 -31.64
CA GLN I 60 -3.82 -12.67 -32.48
C GLN I 60 -4.83 -13.77 -32.80
N LEU I 61 -4.35 -14.94 -33.18
CA LEU I 61 -5.23 -16.04 -33.54
C LEU I 61 -5.83 -16.67 -32.29
N ASP J 11 -32.21 -36.60 30.09
CA ASP J 11 -33.62 -36.99 30.14
C ASP J 11 -33.91 -38.11 29.14
N GLU J 12 -35.17 -38.55 29.11
CA GLU J 12 -35.57 -39.59 28.16
C GLU J 12 -35.60 -39.05 26.74
N SER J 13 -35.95 -37.76 26.60
CA SER J 13 -35.94 -37.13 25.28
C SER J 13 -34.51 -36.98 24.76
N LYS J 14 -33.56 -36.75 25.66
CA LYS J 14 -32.16 -36.67 25.26
C LYS J 14 -31.65 -38.03 24.78
N GLU J 15 -32.03 -39.10 25.48
CA GLU J 15 -31.65 -40.44 25.05
C GLU J 15 -32.31 -40.82 23.73
N ARG J 16 -33.56 -40.38 23.53
CA ARG J 16 -34.27 -40.65 22.28
C ARG J 16 -33.62 -39.92 21.11
N ILE J 17 -33.29 -38.63 21.30
CA ILE J 17 -32.69 -37.86 20.21
C ILE J 17 -31.26 -38.34 19.94
N SER J 18 -30.57 -38.82 20.98
CA SER J 18 -29.23 -39.37 20.78
C SER J 18 -29.27 -40.69 20.03
N LYS J 19 -30.25 -41.54 20.34
CA LYS J 19 -30.40 -42.83 19.66
C LYS J 19 -30.78 -42.63 18.20
N ILE J 20 -31.72 -41.71 17.92
CA ILE J 20 -32.12 -41.53 16.52
C ILE J 20 -31.06 -40.77 15.73
N LEU J 21 -30.27 -39.91 16.36
CA LEU J 21 -29.15 -39.30 15.63
C LEU J 21 -28.03 -40.30 15.38
N THR J 22 -27.84 -41.26 16.30
CA THR J 22 -26.88 -42.33 16.07
C THR J 22 -27.32 -43.23 14.92
N LEU J 23 -28.62 -43.53 14.86
CA LEU J 23 -29.16 -44.33 13.77
C LEU J 23 -29.07 -43.57 12.44
N THR J 24 -29.36 -42.27 12.46
CA THR J 24 -29.27 -41.45 11.26
C THR J 24 -27.83 -41.35 10.78
N HIS J 25 -26.88 -41.24 11.71
CA HIS J 25 -25.47 -41.22 11.36
C HIS J 25 -25.01 -42.53 10.75
N ASN J 26 -25.50 -43.66 11.29
CA ASN J 26 -25.14 -44.96 10.75
C ASN J 26 -25.71 -45.17 9.35
N VAL J 27 -26.96 -44.73 9.13
CA VAL J 27 -27.58 -44.85 7.82
C VAL J 27 -26.89 -43.96 6.79
N ALA J 28 -26.59 -42.70 7.16
CA ALA J 28 -25.89 -41.82 6.24
C ALA J 28 -24.44 -42.24 6.02
N HIS J 29 -23.86 -42.99 6.96
CA HIS J 29 -22.52 -43.53 6.75
C HIS J 29 -22.54 -44.68 5.77
N TYR J 30 -23.35 -45.71 6.04
CA TYR J 30 -23.25 -46.92 5.23
C TYR J 30 -24.01 -46.82 3.91
N GLY J 31 -25.07 -46.03 3.84
CA GLY J 31 -25.97 -46.15 2.70
C GLY J 31 -26.34 -44.89 1.94
N TRP J 32 -25.50 -43.86 1.97
CA TRP J 32 -25.79 -42.63 1.23
C TRP J 32 -25.51 -42.80 -0.25
N ILE J 33 -24.27 -43.12 -0.59
CA ILE J 33 -23.87 -43.33 -1.98
C ILE J 33 -24.52 -44.57 -2.62
N PRO J 34 -24.89 -45.66 -1.92
CA PRO J 34 -25.79 -46.63 -2.59
C PRO J 34 -27.18 -46.08 -2.87
N PHE J 35 -27.68 -45.14 -2.06
CA PHE J 35 -28.96 -44.52 -2.38
C PHE J 35 -28.85 -43.63 -3.62
N VAL J 36 -27.72 -42.93 -3.76
CA VAL J 36 -27.49 -42.12 -4.96
C VAL J 36 -27.37 -43.01 -6.19
N LEU J 37 -26.69 -44.16 -6.04
CA LEU J 37 -26.61 -45.12 -7.14
C LEU J 37 -27.97 -45.76 -7.44
N TYR J 38 -28.82 -45.91 -6.44
CA TYR J 38 -30.16 -46.45 -6.69
C TYR J 38 -31.02 -45.44 -7.44
N LEU J 39 -30.88 -44.15 -7.12
CA LEU J 39 -31.55 -43.11 -7.90
C LEU J 39 -31.05 -43.09 -9.33
N GLY J 40 -29.75 -43.23 -9.52
CA GLY J 40 -29.16 -43.33 -10.85
C GLY J 40 -29.67 -44.52 -11.64
N TRP J 41 -29.69 -45.70 -11.02
CA TRP J 41 -30.17 -46.90 -11.70
C TRP J 41 -31.67 -46.85 -11.96
N ALA J 42 -32.42 -46.13 -11.13
CA ALA J 42 -33.86 -45.98 -11.38
C ALA J 42 -34.10 -44.99 -12.51
N HIS J 43 -33.22 -44.01 -12.67
CA HIS J 43 -33.42 -42.96 -13.66
C HIS J 43 -32.68 -43.21 -14.97
N THR J 44 -32.29 -44.45 -15.26
CA THR J 44 -31.76 -44.80 -16.56
C THR J 44 -32.79 -45.58 -17.38
N SER J 45 -32.72 -45.40 -18.69
CA SER J 45 -33.57 -46.17 -19.60
C SER J 45 -33.04 -47.58 -19.83
N ASN J 46 -31.72 -47.77 -19.70
CA ASN J 46 -31.11 -49.07 -19.91
C ASN J 46 -31.23 -49.96 -18.68
N ARG J 47 -31.05 -49.37 -17.48
CA ARG J 47 -31.04 -50.02 -16.17
C ARG J 47 -30.07 -51.20 -16.14
N PRO J 48 -28.75 -50.94 -16.11
CA PRO J 48 -27.79 -52.05 -16.16
C PRO J 48 -27.70 -52.82 -14.86
N ASN J 49 -26.95 -53.91 -14.86
CA ASN J 49 -26.76 -54.72 -13.66
C ASN J 49 -25.76 -54.06 -12.71
N PHE J 50 -25.45 -54.77 -11.63
CA PHE J 50 -24.61 -54.21 -10.58
C PHE J 50 -23.14 -54.17 -10.96
N LEU J 51 -22.69 -55.08 -11.83
CA LEU J 51 -21.28 -55.12 -12.20
C LEU J 51 -20.93 -53.98 -13.15
N ASN J 52 -21.82 -53.71 -14.11
CA ASN J 52 -21.59 -52.61 -15.04
C ASN J 52 -21.73 -51.25 -14.34
N LEU J 53 -22.52 -51.20 -13.27
CA LEU J 53 -22.74 -49.94 -12.58
C LEU J 53 -21.51 -49.51 -11.78
N LEU J 54 -20.61 -50.44 -11.44
CA LEU J 54 -19.41 -50.10 -10.69
C LEU J 54 -18.13 -50.17 -11.51
N SER J 55 -18.07 -51.00 -12.54
CA SER J 55 -16.85 -51.14 -13.31
C SER J 55 -16.68 -49.95 -14.23
N PRO J 56 -15.50 -49.32 -14.28
CA PRO J 56 -15.29 -48.18 -15.17
C PRO J 56 -15.06 -48.55 -16.63
N LEU J 57 -15.20 -49.81 -17.02
CA LEU J 57 -14.98 -50.22 -18.39
C LEU J 57 -16.16 -49.81 -19.26
N PRO J 58 -15.92 -49.57 -20.56
CA PRO J 58 -17.03 -49.25 -21.47
C PRO J 58 -17.79 -50.46 -22.00
N SER J 59 -17.69 -51.60 -21.31
CA SER J 59 -18.18 -52.88 -21.81
C SER J 59 -19.67 -52.96 -22.04
N VAL J 60 -20.45 -51.97 -21.58
CA VAL J 60 -21.92 -51.80 -21.67
C VAL J 60 -22.79 -53.08 -21.55
N SER K 39 42.85 6.63 -23.06
CA SER K 39 43.21 6.07 -24.36
C SER K 39 42.05 5.24 -24.93
N PHE K 40 42.20 3.91 -24.88
CA PHE K 40 41.13 3.04 -25.36
C PHE K 40 39.94 3.03 -24.42
N VAL K 41 40.20 3.18 -23.12
CA VAL K 41 39.11 3.24 -22.15
C VAL K 41 38.31 4.52 -22.30
N VAL K 42 38.97 5.62 -22.64
CA VAL K 42 38.26 6.87 -22.90
C VAL K 42 37.42 6.78 -24.16
N ASP K 43 37.92 6.06 -25.18
CA ASP K 43 37.15 5.87 -26.40
C ASP K 43 35.93 4.98 -26.16
N THR K 44 36.09 3.94 -25.33
CA THR K 44 34.95 3.10 -24.98
C THR K 44 33.95 3.85 -24.13
N TYR K 45 34.43 4.75 -23.25
CA TYR K 45 33.53 5.56 -22.45
C TYR K 45 32.79 6.59 -23.31
N LYS K 46 33.45 7.12 -24.34
CA LYS K 46 32.78 8.03 -25.26
C LYS K 46 31.74 7.31 -26.10
N GLN K 47 32.03 6.07 -26.51
CA GLN K 47 31.06 5.26 -27.23
C GLN K 47 29.86 4.92 -26.35
N LEU K 48 30.11 4.62 -25.07
CA LEU K 48 29.03 4.36 -24.14
C LEU K 48 28.23 5.63 -23.85
N HIS K 49 28.89 6.78 -23.85
CA HIS K 49 28.19 8.04 -23.64
C HIS K 49 27.30 8.39 -24.81
N SER K 50 27.76 8.11 -26.04
CA SER K 50 26.91 8.29 -27.20
C SER K 50 25.76 7.30 -27.21
N HIS K 51 26.01 6.07 -26.72
CA HIS K 51 24.96 5.06 -26.63
C HIS K 51 23.90 5.45 -25.62
N ARG K 52 24.31 6.11 -24.52
CA ARG K 52 23.35 6.63 -23.55
C ARG K 52 22.65 7.87 -24.07
N GLN K 53 23.33 8.65 -24.92
CA GLN K 53 22.69 9.80 -25.56
C GLN K 53 21.67 9.36 -26.59
N SER K 54 21.77 8.12 -27.07
CA SER K 54 20.73 7.57 -27.94
C SER K 54 19.41 7.38 -27.19
N LEU K 55 19.46 7.23 -25.86
CA LEU K 55 18.23 7.04 -25.09
C LEU K 55 17.39 8.30 -25.01
N GLU K 56 18.04 9.48 -25.01
CA GLU K 56 17.41 10.80 -24.85
C GLU K 56 16.59 10.89 -23.55
N LEU K 57 17.30 10.75 -22.44
CA LEU K 57 16.68 10.85 -21.12
C LEU K 57 16.73 12.28 -20.61
N VAL K 58 15.93 12.54 -19.58
CA VAL K 58 15.86 13.87 -18.96
C VAL K 58 16.41 13.77 -17.55
N ASN K 59 16.89 14.89 -17.03
CA ASN K 59 17.42 14.94 -15.68
C ASN K 59 16.26 14.99 -14.68
N PRO K 60 16.17 14.03 -13.77
CA PRO K 60 15.16 14.13 -12.71
C PRO K 60 15.60 15.14 -11.65
N GLY K 61 14.64 15.50 -10.80
CA GLY K 61 14.92 16.44 -9.73
C GLY K 61 15.68 15.80 -8.60
N THR K 62 15.96 16.62 -7.58
CA THR K 62 16.65 16.11 -6.40
C THR K 62 15.68 15.32 -5.52
N VAL K 63 16.25 14.67 -4.51
CA VAL K 63 15.43 13.93 -3.54
C VAL K 63 14.65 14.91 -2.67
N GLU K 64 15.22 16.08 -2.39
CA GLU K 64 14.49 17.11 -1.66
C GLU K 64 13.35 17.71 -2.50
N ASN K 65 13.51 17.72 -3.82
CA ASN K 65 12.48 18.20 -4.72
C ASN K 65 11.59 17.08 -5.24
N LEU K 66 11.58 15.93 -4.57
CA LEU K 66 10.74 14.82 -4.99
C LEU K 66 9.28 15.07 -4.65
N ASN K 67 9.02 15.57 -3.44
CA ASN K 67 7.70 16.03 -3.04
C ASN K 67 7.58 17.55 -3.07
N LYS K 68 8.21 18.20 -4.05
CA LYS K 68 8.22 19.66 -4.08
C LYS K 68 6.85 20.21 -4.43
N GLU K 69 6.11 19.51 -5.29
CA GLU K 69 4.81 20.01 -5.72
C GLU K 69 3.74 19.75 -4.65
N VAL K 70 3.77 18.57 -4.04
CA VAL K 70 2.71 18.21 -3.11
C VAL K 70 2.92 18.86 -1.75
N SER K 71 4.12 18.70 -1.20
CA SER K 71 4.35 19.12 0.18
C SER K 71 4.56 20.63 0.32
N ARG K 72 5.29 21.24 -0.60
CA ARG K 72 5.67 22.64 -0.46
C ARG K 72 4.82 23.57 -1.30
N ASP K 73 4.47 23.18 -2.53
CA ASP K 73 3.68 24.08 -3.38
C ASP K 73 2.21 24.07 -2.96
N VAL K 74 1.59 22.90 -2.93
CA VAL K 74 0.16 22.81 -2.69
C VAL K 74 -0.16 23.00 -1.21
N PHE K 75 0.47 22.20 -0.35
CA PHE K 75 0.13 22.21 1.06
C PHE K 75 0.69 23.44 1.76
N LEU K 76 0.35 23.56 3.04
CA LEU K 76 0.64 24.76 3.81
C LEU K 76 1.48 24.47 5.05
N SER K 77 1.99 23.25 5.21
CA SER K 77 2.68 22.85 6.43
C SER K 77 4.00 23.59 6.59
N GLN K 78 4.61 24.01 5.48
CA GLN K 78 5.76 24.90 5.58
C GLN K 78 5.33 26.32 5.92
N TYR K 79 4.09 26.68 5.61
CA TYR K 79 3.68 28.07 5.65
C TYR K 79 2.78 28.37 6.83
N PHE K 80 2.17 27.35 7.44
CA PHE K 80 1.25 27.58 8.53
C PHE K 80 1.99 28.00 9.79
N PHE K 81 1.34 28.85 10.59
CA PHE K 81 1.94 29.35 11.82
C PHE K 81 0.83 29.61 12.82
N THR K 82 1.16 30.33 13.89
CA THR K 82 0.21 30.68 14.93
C THR K 82 0.53 32.09 15.40
N GLY K 83 -0.51 32.87 15.67
CA GLY K 83 -0.33 34.21 16.20
C GLY K 83 0.05 35.21 15.13
N LEU K 84 0.14 36.47 15.55
CA LEU K 84 0.44 37.56 14.64
C LEU K 84 1.90 37.51 14.22
N ARG K 85 2.16 37.88 12.96
CA ARG K 85 3.54 37.98 12.51
C ARG K 85 3.69 39.07 11.46
N ALA K 86 4.79 39.80 11.56
CA ALA K 86 5.10 40.88 10.63
C ALA K 86 6.45 40.61 9.99
N ASP K 87 6.54 40.85 8.69
CA ASP K 87 7.75 40.65 7.92
C ASP K 87 8.11 41.95 7.22
N LEU K 88 9.36 42.35 7.34
CA LEU K 88 9.84 43.64 6.81
C LEU K 88 11.13 43.36 6.05
N ASN K 89 11.05 43.19 4.73
CA ASN K 89 12.29 43.02 3.98
C ASN K 89 12.46 44.12 2.94
N LYS K 90 13.70 44.53 2.73
CA LYS K 90 14.04 45.56 1.77
C LYS K 90 15.14 45.04 0.86
N ALA K 91 15.03 45.37 -0.42
CA ALA K 91 15.95 44.92 -1.45
C ALA K 91 16.95 46.02 -1.74
N PHE K 92 18.23 45.72 -1.54
CA PHE K 92 19.28 46.68 -1.85
C PHE K 92 19.73 46.62 -3.30
N SER K 93 19.83 45.43 -3.88
CA SER K 93 20.27 45.30 -5.26
C SER K 93 19.66 44.05 -5.86
N MET K 94 19.71 43.98 -7.20
CA MET K 94 19.11 42.87 -7.93
C MET K 94 20.08 42.09 -8.81
N ASN K 95 21.13 42.71 -9.34
CA ASN K 95 22.03 41.95 -10.22
C ASN K 95 22.92 41.01 -9.40
N PRO K 96 23.54 41.42 -8.27
CA PRO K 96 23.58 40.49 -7.15
C PRO K 96 22.34 40.66 -6.29
N ALA K 97 21.54 39.60 -6.16
CA ALA K 97 20.33 39.69 -5.37
C ALA K 97 20.70 39.75 -3.89
N PHE K 98 20.29 40.83 -3.23
CA PHE K 98 20.65 41.05 -1.83
C PHE K 98 19.51 41.74 -1.11
N GLN K 99 19.14 41.23 0.07
CA GLN K 99 18.03 41.76 0.83
C GLN K 99 18.19 41.37 2.29
N THR K 100 17.70 42.23 3.18
CA THR K 100 17.71 42.00 4.61
C THR K 100 16.28 41.98 5.11
N SER K 101 15.95 41.00 5.97
CA SER K 101 14.58 40.76 6.39
C SER K 101 14.48 40.81 7.90
N HIS K 102 13.56 41.65 8.40
CA HIS K 102 13.17 41.64 9.80
C HIS K 102 11.93 40.78 9.97
N THR K 103 11.84 40.11 11.12
CA THR K 103 10.71 39.23 11.40
C THR K 103 10.27 39.42 12.84
N PHE K 104 9.06 39.93 13.03
CA PHE K 104 8.47 40.07 14.35
C PHE K 104 7.35 39.03 14.47
N SER K 105 7.29 38.36 15.61
CA SER K 105 6.26 37.36 15.81
C SER K 105 5.93 37.26 17.30
N ILE K 106 4.69 36.87 17.59
CA ILE K 106 4.24 36.74 18.97
C ILE K 106 3.11 35.73 18.99
N GLY K 107 3.08 34.92 20.04
CA GLY K 107 1.99 33.99 20.27
C GLY K 107 2.20 32.59 19.76
N SER K 108 3.38 32.25 19.27
CA SER K 108 3.65 30.92 18.76
C SER K 108 4.85 30.34 19.49
N GLN K 109 4.99 29.02 19.37
CA GLN K 109 6.13 28.33 19.98
C GLN K 109 7.27 28.14 19.00
N ALA K 110 6.97 28.04 17.70
CA ALA K 110 8.02 27.81 16.72
C ALA K 110 8.71 29.12 16.34
N LEU K 111 7.94 30.15 16.03
CA LEU K 111 8.55 31.41 15.61
C LEU K 111 9.07 32.18 16.82
N PRO K 112 10.30 32.68 16.76
CA PRO K 112 10.83 33.50 17.86
C PRO K 112 10.21 34.89 17.83
N LYS K 113 10.55 35.69 18.83
CA LYS K 113 9.97 37.03 18.93
C LYS K 113 10.58 37.97 17.91
N TYR K 114 11.90 37.95 17.76
CA TYR K 114 12.57 38.80 16.78
C TYR K 114 13.62 37.97 16.05
N ALA K 115 13.72 38.17 14.74
CA ALA K 115 14.68 37.44 13.91
C ALA K 115 15.07 38.32 12.74
N PHE K 116 16.36 38.31 12.40
CA PHE K 116 16.88 39.14 11.32
C PHE K 116 17.68 38.27 10.36
N SER K 117 17.23 38.18 9.12
CA SER K 117 17.87 37.34 8.12
C SER K 117 18.30 38.17 6.93
N ALA K 118 19.38 37.75 6.28
CA ALA K 118 19.92 38.45 5.13
C ALA K 118 20.51 37.44 4.16
N LEU K 119 20.17 37.57 2.88
CA LEU K 119 20.66 36.64 1.88
C LEU K 119 21.31 37.39 0.73
N PHE K 120 22.32 36.76 0.13
CA PHE K 120 23.07 37.30 -0.99
C PHE K 120 23.10 36.26 -2.09
N ALA K 121 22.89 36.70 -3.32
CA ALA K 121 22.79 35.78 -4.44
C ALA K 121 23.32 36.44 -5.70
N ASN K 122 24.54 36.07 -6.08
CA ASN K 122 25.06 36.34 -7.41
C ASN K 122 24.77 35.14 -8.31
N ASP K 123 25.49 35.04 -9.43
CA ASP K 123 25.23 34.00 -10.43
C ASP K 123 25.44 32.59 -9.90
N ASN K 124 26.43 32.38 -9.02
CA ASN K 124 26.78 31.02 -8.62
C ASN K 124 26.88 30.78 -7.11
N LEU K 125 26.69 31.79 -6.28
CA LEU K 125 26.79 31.62 -4.83
C LEU K 125 25.54 32.17 -4.17
N PHE K 126 25.00 31.40 -3.22
CA PHE K 126 23.83 31.79 -2.45
C PHE K 126 24.19 31.65 -0.97
N ALA K 127 24.07 32.75 -0.23
CA ALA K 127 24.52 32.79 1.16
C ALA K 127 23.47 33.45 2.03
N GLN K 128 22.94 32.71 2.99
CA GLN K 128 21.91 33.21 3.88
C GLN K 128 22.40 33.16 5.32
N GLY K 129 22.29 34.28 6.01
CA GLY K 129 22.67 34.36 7.41
C GLY K 129 21.53 34.89 8.25
N ASN K 130 21.27 34.21 9.36
CA ASN K 130 20.11 34.53 10.20
C ASN K 130 20.57 34.68 11.64
N ILE K 131 20.23 35.80 12.26
CA ILE K 131 20.48 36.03 13.68
C ILE K 131 19.13 36.06 14.40
N ASP K 132 19.13 35.57 15.63
CA ASP K 132 17.91 35.39 16.40
C ASP K 132 18.10 36.00 17.78
N ASN K 133 16.99 36.34 18.43
CA ASN K 133 17.10 36.67 19.86
C ASN K 133 17.43 35.39 20.63
N ASP K 134 18.13 35.57 21.76
CA ASP K 134 18.88 34.59 22.57
C ASP K 134 20.02 33.93 21.76
N LEU K 135 20.37 34.53 20.64
CA LEU K 135 21.55 34.21 19.81
C LEU K 135 21.49 32.78 19.28
N SER K 136 20.52 32.52 18.41
CA SER K 136 20.47 31.27 17.66
C SER K 136 20.85 31.57 16.21
N VAL K 137 22.09 31.27 15.86
CA VAL K 137 22.64 31.62 14.56
C VAL K 137 22.41 30.47 13.60
N SER K 138 21.80 30.77 12.46
CA SER K 138 21.60 29.80 11.38
C SER K 138 22.20 30.36 10.10
N GLY K 139 23.13 29.62 9.52
CA GLY K 139 23.79 30.06 8.31
C GLY K 139 23.86 28.97 7.24
N ARG K 140 23.35 29.26 6.05
CA ARG K 140 23.40 28.33 4.95
C ARG K 140 24.11 28.98 3.78
N LEU K 141 24.98 28.21 3.14
CA LEU K 141 25.78 28.74 2.02
C LEU K 141 25.75 27.72 0.89
N ASN K 142 25.25 28.14 -0.27
CA ASN K 142 25.33 27.36 -1.49
C ASN K 142 26.49 27.88 -2.33
N TYR K 143 27.15 26.98 -3.04
CA TYR K 143 28.16 27.37 -4.01
C TYR K 143 28.06 26.45 -5.21
N GLY K 144 27.91 27.04 -6.39
CA GLY K 144 27.88 26.27 -7.60
C GLY K 144 29.24 26.20 -8.28
N TRP K 145 29.86 25.03 -8.24
CA TRP K 145 31.06 24.81 -9.05
C TRP K 145 30.73 24.80 -10.52
N ASP K 146 29.52 24.37 -10.86
CA ASP K 146 28.98 24.46 -12.21
C ASP K 146 27.48 24.69 -12.03
N LYS K 147 26.75 24.72 -13.14
CA LYS K 147 25.29 24.75 -13.04
C LYS K 147 24.74 23.42 -12.54
N LYS K 148 25.51 22.34 -12.68
CA LYS K 148 25.07 21.03 -12.21
C LYS K 148 25.59 20.75 -10.81
N ASN K 149 26.91 20.81 -10.62
CA ASN K 149 27.51 20.40 -9.36
C ASN K 149 27.51 21.54 -8.36
N ILE K 150 26.99 21.27 -7.16
CA ILE K 150 26.89 22.28 -6.11
C ILE K 150 27.33 21.70 -4.78
N SER K 151 27.83 22.57 -3.91
CA SER K 151 28.25 22.24 -2.56
C SER K 151 27.59 23.19 -1.59
N LYS K 152 27.02 22.66 -0.50
CA LYS K 152 26.30 23.50 0.44
C LYS K 152 26.69 23.16 1.86
N VAL K 153 26.67 24.21 2.69
CA VAL K 153 27.04 24.14 4.10
C VAL K 153 25.86 24.66 4.90
N ASN K 154 25.49 23.93 5.95
CA ASN K 154 24.44 24.40 6.84
C ASN K 154 24.96 24.34 8.26
N LEU K 155 24.82 25.44 8.99
CA LEU K 155 25.38 25.61 10.32
C LEU K 155 24.30 26.16 11.24
N GLN K 156 24.22 25.63 12.46
CA GLN K 156 23.25 26.10 13.44
C GLN K 156 23.84 26.04 14.83
N ILE K 157 23.83 27.18 15.51
CA ILE K 157 24.26 27.31 16.90
C ILE K 157 23.06 27.80 17.71
N SER K 158 22.71 27.06 18.76
CA SER K 158 21.52 27.39 19.55
C SER K 158 21.83 27.88 20.95
N ASP K 159 23.11 28.02 21.31
CA ASP K 159 23.59 28.61 22.58
C ASP K 159 23.03 27.85 23.80
N GLY K 160 23.43 26.59 23.90
CA GLY K 160 22.95 25.74 24.96
C GLY K 160 22.60 24.37 24.45
N GLN K 161 22.56 24.24 23.13
CA GLN K 161 22.37 22.99 22.42
C GLN K 161 23.63 22.71 21.62
N PRO K 162 23.89 21.44 21.28
CA PRO K 162 25.09 21.16 20.46
C PRO K 162 24.96 21.71 19.05
N THR K 163 26.07 22.24 18.55
CA THR K 163 26.11 22.86 17.23
C THR K 163 25.87 21.82 16.14
N MET K 164 24.89 22.10 15.29
CA MET K 164 24.49 21.15 14.26
C MET K 164 24.90 21.69 12.90
N CYS K 165 25.78 20.97 12.22
CA CYS K 165 26.28 21.36 10.91
C CYS K 165 26.21 20.18 9.97
N GLN K 166 25.85 20.45 8.71
CA GLN K 166 25.86 19.43 7.68
C GLN K 166 26.58 19.96 6.45
N LEU K 167 27.29 19.07 5.78
CA LEU K 167 27.97 19.38 4.52
C LEU K 167 27.39 18.49 3.45
N GLU K 168 26.88 19.08 2.37
CA GLU K 168 26.22 18.30 1.34
C GLU K 168 26.78 18.62 -0.04
N GLN K 169 27.07 17.55 -0.78
CA GLN K 169 27.56 17.66 -2.15
C GLN K 169 26.51 17.07 -3.07
N ASP K 170 26.01 17.87 -4.00
CA ASP K 170 24.92 17.45 -4.88
C ASP K 170 25.38 17.59 -6.33
N TYR K 171 25.38 16.48 -7.05
CA TYR K 171 25.76 16.46 -8.46
C TYR K 171 24.59 15.93 -9.28
N GLN K 172 24.15 16.73 -10.24
CA GLN K 172 23.12 16.32 -11.19
C GLN K 172 23.79 16.00 -12.52
N ALA K 173 23.61 14.78 -13.00
CA ALA K 173 24.12 14.39 -14.30
C ALA K 173 23.04 14.61 -15.35
N SER K 174 23.25 14.05 -16.55
CA SER K 174 22.28 14.24 -17.61
C SER K 174 21.02 13.41 -17.37
N ASP K 175 21.16 12.26 -16.70
CA ASP K 175 20.04 11.36 -16.51
C ASP K 175 19.94 10.81 -15.09
N PHE K 176 20.79 11.26 -14.17
CA PHE K 176 20.66 10.83 -12.78
C PHE K 176 21.10 11.96 -11.86
N SER K 177 20.80 11.78 -10.58
CA SER K 177 21.12 12.76 -9.55
C SER K 177 21.63 12.06 -8.31
N VAL K 178 22.81 12.47 -7.85
CA VAL K 178 23.45 11.90 -6.68
C VAL K 178 23.67 13.04 -5.70
N ASN K 179 23.41 12.78 -4.41
CA ASN K 179 23.90 13.71 -3.40
C ASN K 179 24.30 12.96 -2.13
N VAL K 180 25.32 13.49 -1.48
CA VAL K 180 25.86 12.93 -0.24
C VAL K 180 25.90 14.04 0.78
N LYS K 181 25.17 13.88 1.88
CA LYS K 181 25.18 14.84 2.97
C LYS K 181 25.73 14.17 4.22
N THR K 182 26.46 14.94 5.01
CA THR K 182 27.03 14.47 6.26
C THR K 182 26.62 15.41 7.38
N LEU K 183 25.94 14.87 8.38
CA LEU K 183 25.50 15.61 9.55
C LEU K 183 26.43 15.27 10.72
N ASN K 184 27.02 16.31 11.30
CA ASN K 184 28.00 16.22 12.37
C ASN K 184 29.16 15.27 12.08
N PRO K 185 30.09 15.65 11.19
CA PRO K 185 31.24 14.79 10.93
C PRO K 185 32.25 14.84 12.07
N SER K 186 32.70 13.67 12.49
CA SER K 186 33.68 13.55 13.55
C SER K 186 34.36 12.19 13.44
N PHE K 187 35.64 12.16 13.76
CA PHE K 187 36.44 10.94 13.69
C PHE K 187 36.84 10.51 15.10
N SER K 188 36.71 9.21 15.37
CA SER K 188 37.11 8.67 16.65
C SER K 188 38.63 8.55 16.72
N GLU K 189 39.12 8.05 17.86
CA GLU K 189 40.56 7.88 18.04
C GLU K 189 41.08 6.71 17.22
N LYS K 190 40.21 5.77 16.86
CA LYS K 190 40.59 4.61 16.06
C LYS K 190 40.61 4.90 14.57
N GLY K 191 40.27 6.11 14.15
CA GLY K 191 40.17 6.43 12.74
C GLY K 191 38.85 6.09 12.10
N GLU K 192 37.79 5.95 12.89
CA GLU K 192 36.48 5.53 12.39
C GLU K 192 35.52 6.71 12.35
N PHE K 193 34.57 6.63 11.43
CA PHE K 193 33.58 7.70 11.25
C PHE K 193 32.59 7.73 12.41
N THR K 194 32.15 8.93 12.76
CA THR K 194 31.14 9.11 13.80
C THR K 194 30.25 10.28 13.38
N GLY K 195 29.00 9.99 13.03
CA GLY K 195 28.11 11.00 12.51
C GLY K 195 27.02 10.34 11.69
N VAL K 196 26.37 11.15 10.86
CA VAL K 196 25.31 10.65 9.98
C VAL K 196 25.73 10.93 8.54
N ALA K 197 25.64 9.90 7.68
CA ALA K 197 25.97 10.04 6.28
C ALA K 197 24.83 9.50 5.44
N VAL K 198 24.27 10.34 4.57
CA VAL K 198 23.16 9.98 3.71
C VAL K 198 23.60 10.16 2.27
N ALA K 199 23.60 9.07 1.51
CA ALA K 199 23.92 9.11 0.09
C ALA K 199 22.71 8.63 -0.69
N SER K 200 22.25 9.44 -1.64
CA SER K 200 21.07 9.11 -2.42
C SER K 200 21.36 9.21 -3.90
N PHE K 201 20.69 8.34 -4.66
CA PHE K 201 20.84 8.16 -6.09
C PHE K 201 19.47 8.11 -6.72
N LEU K 202 19.32 8.74 -7.89
CA LEU K 202 18.04 8.74 -8.60
C LEU K 202 18.28 8.72 -10.10
N GLN K 203 17.88 7.63 -10.75
CA GLN K 203 18.10 7.39 -12.17
C GLN K 203 16.76 7.31 -12.89
N SER K 204 16.66 7.98 -14.03
CA SER K 204 15.48 7.90 -14.89
C SER K 204 15.63 6.67 -15.79
N VAL K 205 14.74 5.69 -15.61
CA VAL K 205 14.77 4.52 -16.49
C VAL K 205 14.12 4.84 -17.82
N THR K 206 13.33 5.90 -17.88
CA THR K 206 12.57 6.31 -19.05
C THR K 206 12.17 7.77 -18.85
N PRO K 207 11.85 8.51 -19.92
CA PRO K 207 11.43 9.91 -19.73
C PRO K 207 10.12 10.13 -18.96
N GLN K 208 9.48 9.10 -18.42
CA GLN K 208 8.35 9.26 -17.51
C GLN K 208 8.67 8.89 -16.07
N LEU K 209 9.44 7.83 -15.85
CA LEU K 209 9.74 7.35 -14.51
C LEU K 209 11.12 7.80 -14.03
N ALA K 210 11.35 7.59 -12.74
CA ALA K 210 12.64 7.84 -12.10
C ALA K 210 12.67 7.00 -10.83
N LEU K 211 13.53 6.00 -10.79
CA LEU K 211 13.67 5.15 -9.62
C LEU K 211 15.00 5.44 -8.92
N GLY K 212 15.02 5.23 -7.61
CA GLY K 212 16.24 5.50 -6.89
C GLY K 212 16.15 5.06 -5.44
N LEU K 213 17.16 5.44 -4.68
CA LEU K 213 17.24 5.06 -3.29
C LEU K 213 18.05 6.08 -2.50
N GLU K 214 17.98 5.96 -1.18
CA GLU K 214 18.84 6.72 -0.28
C GLU K 214 19.33 5.78 0.81
N THR K 215 20.51 6.06 1.34
CA THR K 215 21.14 5.22 2.35
C THR K 215 21.64 6.11 3.48
N LEU K 216 21.20 5.80 4.70
CA LEU K 216 21.56 6.53 5.90
C LEU K 216 22.38 5.61 6.79
N TYR K 217 23.62 6.01 7.08
CA TYR K 217 24.45 5.31 8.06
C TYR K 217 24.69 6.27 9.21
N SER K 218 24.32 5.84 10.42
CA SER K 218 24.38 6.70 11.59
C SER K 218 25.14 6.01 12.69
N ARG K 219 26.17 6.68 13.22
CA ARG K 219 26.95 6.19 14.34
C ARG K 219 27.07 7.32 15.35
N THR K 220 26.45 7.12 16.51
CA THR K 220 26.28 8.20 17.48
C THR K 220 27.57 8.49 18.25
N ASP K 221 28.13 7.46 18.89
CA ASP K 221 29.26 7.65 19.80
C ASP K 221 30.50 6.86 19.42
N GLY K 222 30.35 5.63 18.92
CA GLY K 222 31.46 4.75 18.66
C GLY K 222 31.49 3.54 19.56
N SER K 223 30.87 3.64 20.74
CA SER K 223 30.72 2.47 21.61
C SER K 223 29.77 1.46 20.99
N ALA K 224 28.64 1.93 20.49
CA ALA K 224 27.71 1.09 19.73
C ALA K 224 28.00 1.24 18.25
N PRO K 225 27.99 0.15 17.48
CA PRO K 225 28.20 0.26 16.04
C PRO K 225 27.05 0.98 15.36
N GLY K 226 27.37 1.74 14.32
CA GLY K 226 26.37 2.51 13.62
C GLY K 226 25.45 1.63 12.79
N ASP K 227 24.23 2.09 12.62
CA ASP K 227 23.20 1.36 11.90
C ASP K 227 22.98 1.95 10.52
N ALA K 228 22.55 1.12 9.58
CA ALA K 228 22.35 1.49 8.19
C ALA K 228 20.91 1.25 7.79
N GLY K 229 20.35 2.17 7.02
CA GLY K 229 18.99 2.08 6.54
C GLY K 229 18.86 2.51 5.09
N VAL K 230 18.15 1.70 4.30
CA VAL K 230 17.98 1.97 2.88
C VAL K 230 16.51 2.29 2.64
N SER K 231 16.25 3.37 1.90
CA SER K 231 14.89 3.78 1.56
C SER K 231 14.78 3.87 0.05
N TYR K 232 13.59 3.61 -0.47
CA TYR K 232 13.36 3.56 -1.91
C TYR K 232 12.59 4.78 -2.37
N LEU K 233 12.77 5.12 -3.65
CA LEU K 233 12.24 6.35 -4.22
C LEU K 233 11.69 6.06 -5.61
N THR K 234 10.49 6.57 -5.88
CA THR K 234 9.81 6.30 -7.14
C THR K 234 9.09 7.56 -7.58
N ARG K 235 9.27 7.95 -8.84
CA ARG K 235 8.58 9.11 -9.38
C ARG K 235 8.08 8.79 -10.78
N TYR K 236 6.84 9.19 -11.07
CA TYR K 236 6.27 9.02 -12.40
C TYR K 236 5.72 10.35 -12.87
N VAL K 237 6.21 10.82 -14.00
CA VAL K 237 5.73 12.05 -14.61
C VAL K 237 4.88 11.69 -15.82
N SER K 238 3.71 12.32 -15.95
CA SER K 238 2.88 12.09 -17.11
C SER K 238 3.51 12.71 -18.35
N LYS K 239 2.98 12.30 -19.51
CA LYS K 239 3.58 12.69 -20.78
C LYS K 239 3.37 14.17 -21.08
N LYS K 240 2.20 14.70 -20.73
CA LYS K 240 1.90 16.11 -20.95
C LYS K 240 2.15 16.96 -19.72
N GLN K 241 2.96 16.47 -18.78
CA GLN K 241 3.35 17.14 -17.53
C GLN K 241 2.15 17.52 -16.67
N ASP K 242 1.06 16.76 -16.77
CA ASP K 242 -0.18 17.14 -16.09
C ASP K 242 -0.16 16.66 -14.64
N TRP K 243 0.13 15.39 -14.43
CA TRP K 243 0.07 14.81 -13.10
C TRP K 243 1.33 14.02 -12.81
N ILE K 244 1.77 14.10 -11.56
CA ILE K 244 3.02 13.52 -11.12
C ILE K 244 2.76 12.68 -9.88
N PHE K 245 3.13 11.40 -9.95
CA PHE K 245 3.06 10.50 -8.81
C PHE K 245 4.43 10.42 -8.16
N SER K 246 4.45 10.34 -6.83
CA SER K 246 5.71 10.32 -6.10
C SER K 246 5.55 9.44 -4.87
N GLY K 247 6.22 8.29 -4.87
CA GLY K 247 6.13 7.39 -3.75
C GLY K 247 7.48 7.03 -3.16
N GLN K 248 7.64 7.22 -1.86
CA GLN K 248 8.87 6.86 -1.18
C GLN K 248 8.54 5.95 0.00
N LEU K 249 9.35 4.92 0.19
CA LEU K 249 9.23 4.00 1.32
C LEU K 249 10.45 4.20 2.19
N GLN K 250 10.26 4.83 3.35
CA GLN K 250 11.37 5.22 4.20
C GLN K 250 11.97 4.00 4.90
N ALA K 251 13.14 4.20 5.50
CA ALA K 251 13.82 3.14 6.21
C ALA K 251 13.15 2.78 7.53
N ASN K 252 12.32 3.67 8.07
CA ASN K 252 11.60 3.43 9.31
C ASN K 252 10.33 2.60 9.12
N GLY K 253 10.12 2.06 7.92
CA GLY K 253 8.85 1.47 7.55
C GLY K 253 7.82 2.46 7.05
N ALA K 254 8.07 3.75 7.18
CA ALA K 254 7.12 4.77 6.78
C ALA K 254 7.03 4.88 5.27
N LEU K 255 5.83 5.18 4.79
CA LEU K 255 5.58 5.36 3.37
C LEU K 255 4.90 6.71 3.16
N ILE K 256 5.34 7.42 2.13
CA ILE K 256 4.73 8.67 1.69
C ILE K 256 4.38 8.50 0.22
N ALA K 257 3.09 8.44 -0.09
CA ALA K 257 2.62 8.33 -1.47
C ALA K 257 1.80 9.56 -1.81
N SER K 258 2.21 10.28 -2.84
CA SER K 258 1.60 11.57 -3.15
C SER K 258 1.31 11.66 -4.64
N LEU K 259 0.29 12.42 -4.97
CA LEU K 259 -0.07 12.72 -6.34
C LEU K 259 -0.27 14.22 -6.48
N TRP K 260 0.23 14.77 -7.57
CA TRP K 260 0.07 16.18 -7.90
C TRP K 260 -0.61 16.28 -9.25
N ARG K 261 -1.53 17.24 -9.39
CA ARG K 261 -2.20 17.44 -10.66
C ARG K 261 -2.40 18.92 -10.88
N LYS K 262 -2.29 19.35 -12.13
CA LYS K 262 -2.45 20.75 -12.49
C LYS K 262 -3.68 20.84 -13.40
N VAL K 263 -4.77 21.40 -12.86
CA VAL K 263 -6.01 21.47 -13.61
C VAL K 263 -5.93 22.50 -14.72
N ALA K 264 -5.54 23.72 -14.39
CA ALA K 264 -5.41 24.79 -15.37
C ALA K 264 -4.14 25.56 -15.04
N GLN K 265 -3.96 26.70 -15.69
CA GLN K 265 -2.73 27.47 -15.49
C GLN K 265 -2.70 28.16 -14.13
N ASN K 266 -3.85 28.36 -13.49
CA ASN K 266 -3.91 29.09 -12.23
C ASN K 266 -4.27 28.21 -11.04
N VAL K 267 -4.66 26.96 -11.25
CA VAL K 267 -5.16 26.12 -10.18
C VAL K 267 -4.40 24.80 -10.17
N GLU K 268 -4.18 24.26 -8.97
CA GLU K 268 -3.47 23.01 -8.79
C GLU K 268 -4.10 22.24 -7.65
N ALA K 269 -3.85 20.93 -7.60
CA ALA K 269 -4.36 20.10 -6.52
C ALA K 269 -3.35 18.99 -6.22
N GLY K 270 -3.47 18.41 -5.02
CA GLY K 270 -2.56 17.36 -4.63
C GLY K 270 -2.96 16.57 -3.39
N ILE K 271 -2.70 15.28 -3.40
CA ILE K 271 -3.04 14.39 -2.29
C ILE K 271 -1.75 13.74 -1.78
N GLU K 272 -1.73 13.43 -0.49
CA GLU K 272 -0.61 12.76 0.15
C GLU K 272 -1.14 11.78 1.19
N THR K 273 -0.49 10.63 1.28
CA THR K 273 -0.77 9.63 2.31
C THR K 273 0.55 9.29 2.99
N THR K 274 0.65 9.58 4.28
CA THR K 274 1.87 9.39 5.04
C THR K 274 1.58 8.47 6.22
N LEU K 275 2.32 7.38 6.31
CA LEU K 275 1.99 6.40 7.33
C LEU K 275 3.26 5.76 7.90
N GLN K 276 3.23 5.55 9.21
CA GLN K 276 4.36 4.97 9.95
C GLN K 276 3.94 3.69 10.66
N PRO K 295 5.43 -1.55 18.40
CA PRO K 295 4.24 -1.77 17.57
C PRO K 295 3.44 -0.48 17.35
N THR K 296 4.01 0.44 16.60
CA THR K 296 3.40 1.74 16.34
C THR K 296 3.06 1.87 14.87
N VAL K 297 1.76 1.89 14.56
CA VAL K 297 1.26 2.03 13.20
C VAL K 297 0.17 3.09 13.18
N GLU K 298 0.40 4.14 12.40
CA GLU K 298 -0.57 5.23 12.24
C GLU K 298 -0.32 5.97 10.93
N GLY K 299 -1.35 6.58 10.37
CA GLY K 299 -1.23 7.25 9.09
C GLY K 299 -2.23 8.37 8.94
N SER K 300 -1.92 9.29 8.03
CA SER K 300 -2.73 10.46 7.75
C SER K 300 -2.83 10.68 6.25
N THR K 301 -4.01 11.10 5.80
CA THR K 301 -4.28 11.38 4.40
C THR K 301 -4.75 12.83 4.26
N THR K 302 -4.07 13.59 3.42
CA THR K 302 -4.32 15.02 3.26
C THR K 302 -4.51 15.36 1.79
N ILE K 303 -5.59 16.07 1.48
CA ILE K 303 -5.89 16.54 0.12
C ILE K 303 -5.97 18.06 0.14
N GLY K 304 -5.22 18.70 -0.76
CA GLY K 304 -5.20 20.15 -0.77
C GLY K 304 -5.32 20.68 -2.18
N ALA K 305 -5.69 21.95 -2.25
CA ALA K 305 -5.79 22.65 -3.52
C ALA K 305 -5.19 24.04 -3.37
N LYS K 306 -4.51 24.49 -4.41
CA LYS K 306 -3.90 25.81 -4.44
C LYS K 306 -4.45 26.56 -5.63
N TYR K 307 -5.19 27.63 -5.37
CA TYR K 307 -5.79 28.46 -6.42
C TYR K 307 -5.05 29.79 -6.36
N GLU K 308 -4.10 29.99 -7.28
CA GLU K 308 -3.31 31.21 -7.28
C GLU K 308 -3.80 32.15 -8.36
N TYR K 309 -3.63 33.44 -8.11
CA TYR K 309 -4.00 34.49 -9.05
C TYR K 309 -2.96 35.59 -8.99
N ARG K 310 -3.18 36.65 -9.76
CA ARG K 310 -2.24 37.76 -9.75
C ARG K 310 -2.38 38.59 -8.48
N GLN K 311 -3.57 38.61 -7.89
CA GLN K 311 -3.78 39.42 -6.69
C GLN K 311 -3.60 38.63 -5.40
N SER K 312 -3.77 37.32 -5.43
CA SER K 312 -3.75 36.56 -4.20
C SER K 312 -3.38 35.12 -4.47
N VAL K 313 -3.19 34.38 -3.38
CA VAL K 313 -2.93 32.95 -3.38
C VAL K 313 -3.84 32.33 -2.32
N TYR K 314 -4.74 31.45 -2.74
CA TYR K 314 -5.59 30.70 -1.83
C TYR K 314 -5.08 29.27 -1.72
N ARG K 315 -5.11 28.72 -0.51
CA ARG K 315 -4.75 27.33 -0.31
C ARG K 315 -5.72 26.70 0.66
N GLY K 316 -6.37 25.61 0.24
CA GLY K 316 -7.27 24.88 1.10
C GLY K 316 -6.74 23.47 1.33
N THR K 317 -7.03 22.93 2.52
CA THR K 317 -6.49 21.64 2.91
C THR K 317 -7.49 20.88 3.76
N LEU K 318 -7.78 19.64 3.37
CA LEU K 318 -8.67 18.74 4.09
C LEU K 318 -7.88 17.53 4.53
N ASP K 319 -7.91 17.24 5.83
CA ASP K 319 -7.14 16.15 6.43
C ASP K 319 -8.09 15.03 6.83
N SER K 320 -7.53 13.82 6.88
CA SER K 320 -8.25 12.68 7.42
C SER K 320 -8.26 12.66 8.94
N ASN K 321 -7.50 13.55 9.58
CA ASN K 321 -7.46 13.65 11.04
C ASN K 321 -8.56 14.55 11.60
N GLY K 322 -9.61 14.81 10.85
CA GLY K 322 -10.71 15.63 11.34
C GLY K 322 -10.43 17.11 11.40
N LYS K 323 -9.41 17.60 10.70
CA LYS K 323 -9.04 19.01 10.73
C LYS K 323 -8.98 19.57 9.32
N VAL K 324 -9.30 20.86 9.20
CA VAL K 324 -9.26 21.57 7.94
C VAL K 324 -8.37 22.79 8.11
N ALA K 325 -7.84 23.28 6.99
CA ALA K 325 -6.91 24.40 7.02
C ALA K 325 -7.11 25.28 5.80
N CYS K 326 -6.87 26.57 5.99
CA CYS K 326 -6.99 27.58 4.96
C CYS K 326 -5.83 28.55 5.09
N PHE K 327 -5.31 29.01 3.96
CA PHE K 327 -4.20 29.95 3.93
C PHE K 327 -4.39 30.91 2.78
N LEU K 328 -4.64 32.17 3.10
CA LEU K 328 -4.93 33.18 2.09
C LEU K 328 -3.90 34.29 2.17
N GLU K 329 -3.15 34.47 1.10
CA GLU K 329 -2.21 35.57 0.99
C GLU K 329 -2.74 36.53 -0.07
N ARG K 330 -3.30 37.65 0.36
CA ARG K 330 -3.82 38.64 -0.56
C ARG K 330 -2.83 39.79 -0.68
N LYS K 331 -2.31 39.98 -1.88
CA LYS K 331 -1.42 41.09 -2.17
C LYS K 331 -2.25 42.32 -2.49
N VAL K 332 -2.43 43.20 -1.50
CA VAL K 332 -3.33 44.33 -1.62
C VAL K 332 -2.62 45.57 -2.16
N LEU K 333 -1.32 45.64 -2.00
CA LEU K 333 -0.47 46.70 -2.52
C LEU K 333 0.71 46.07 -3.24
N PRO K 334 1.39 46.82 -4.11
CA PRO K 334 2.67 46.30 -4.63
C PRO K 334 3.76 46.18 -3.56
N THR K 335 3.65 46.95 -2.48
CA THR K 335 4.55 46.80 -1.34
C THR K 335 3.96 45.92 -0.26
N LEU K 336 2.79 46.29 0.27
CA LEU K 336 2.21 45.57 1.39
C LEU K 336 1.49 44.32 0.89
N SER K 337 1.44 43.30 1.75
CA SER K 337 0.66 42.10 1.45
C SER K 337 0.16 41.51 2.76
N VAL K 338 -1.13 41.16 2.80
CA VAL K 338 -1.73 40.58 4.01
C VAL K 338 -1.81 39.06 3.86
N LEU K 339 -1.63 38.35 4.97
CA LEU K 339 -1.73 36.90 4.93
C LEU K 339 -2.44 36.38 6.17
N PHE K 340 -3.19 35.30 5.97
CA PHE K 340 -4.06 34.71 6.98
C PHE K 340 -3.92 33.20 6.92
N CYS K 341 -3.95 32.56 8.09
CA CYS K 341 -3.97 31.11 8.14
C CYS K 341 -4.89 30.65 9.27
N GLY K 342 -5.78 29.74 8.95
CA GLY K 342 -6.75 29.25 9.90
C GLY K 342 -6.88 27.74 9.88
N GLU K 343 -7.04 27.13 11.04
CA GLU K 343 -7.14 25.68 11.16
C GLU K 343 -8.22 25.33 12.15
N ILE K 344 -9.13 24.43 11.76
CA ILE K 344 -10.17 23.93 12.65
C ILE K 344 -10.00 22.44 12.84
N ASP K 345 -9.90 22.00 14.10
CA ASP K 345 -9.91 20.59 14.43
C ASP K 345 -11.27 20.25 15.01
N HIS K 346 -11.98 19.33 14.34
CA HIS K 346 -13.33 18.94 14.72
C HIS K 346 -13.35 17.82 15.75
N PHE K 347 -12.30 16.99 15.80
CA PHE K 347 -12.30 15.88 16.75
C PHE K 347 -12.12 16.37 18.17
N LYS K 348 -11.49 17.53 18.36
CA LYS K 348 -11.45 18.16 19.68
C LYS K 348 -11.94 19.61 19.64
N ASN K 349 -12.37 20.09 18.47
CA ASN K 349 -13.15 21.31 18.28
C ASN K 349 -12.42 22.56 18.79
N ASP K 350 -11.31 22.87 18.14
CA ASP K 350 -10.58 24.08 18.48
C ASP K 350 -10.00 24.68 17.20
N THR K 351 -9.41 25.87 17.32
CA THR K 351 -9.08 26.69 16.16
C THR K 351 -7.76 27.38 16.39
N LYS K 352 -6.89 27.30 15.38
CA LYS K 352 -5.61 27.99 15.38
C LYS K 352 -5.63 29.06 14.30
N ILE K 353 -5.43 30.31 14.68
CA ILE K 353 -5.52 31.45 13.77
C ILE K 353 -4.23 32.25 13.84
N GLY K 354 -3.63 32.52 12.70
CA GLY K 354 -2.51 33.43 12.62
C GLY K 354 -2.68 34.43 11.49
N CYS K 355 -2.56 35.71 11.83
CA CYS K 355 -2.60 36.77 10.84
C CYS K 355 -1.22 37.40 10.74
N GLY K 356 -0.94 38.00 9.61
CA GLY K 356 0.38 38.60 9.46
C GLY K 356 0.46 39.41 8.19
N LEU K 357 1.63 40.01 7.98
CA LEU K 357 1.80 40.93 6.88
C LEU K 357 3.23 40.91 6.41
N GLN K 358 3.43 41.37 5.18
CA GLN K 358 4.76 41.45 4.57
C GLN K 358 4.87 42.78 3.85
N PHE K 359 5.78 43.64 4.32
CA PHE K 359 6.27 44.77 3.55
C PHE K 359 7.52 44.34 2.80
N GLU K 360 7.58 44.64 1.51
CA GLU K 360 8.84 44.69 0.79
C GLU K 360 9.07 46.11 0.32
N THR K 361 10.22 46.66 0.67
CA THR K 361 10.61 48.02 0.30
C THR K 361 11.96 47.98 -0.38
N ALA K 362 12.34 49.08 -1.02
CA ALA K 362 13.63 49.12 -1.70
C ALA K 362 14.70 49.76 -0.83
N GLY K 363 15.95 49.47 -1.16
CA GLY K 363 17.08 50.06 -0.48
C GLY K 363 17.57 51.31 -1.17
N ASN K 364 17.65 51.26 -2.50
CA ASN K 364 18.12 52.38 -3.31
C ASN K 364 16.97 53.00 -4.11
N GLN K 365 17.30 54.09 -4.81
CA GLN K 365 16.28 54.91 -5.47
C GLN K 365 15.78 54.24 -6.74
N GLU K 366 16.65 53.53 -7.46
CA GLU K 366 16.28 52.94 -8.73
C GLU K 366 15.29 51.81 -8.56
N LEU K 367 15.51 50.95 -7.55
CA LEU K 367 14.56 49.90 -7.27
C LEU K 367 13.30 50.44 -6.62
N LEU K 368 13.37 51.63 -6.03
CA LEU K 368 12.18 52.27 -5.49
C LEU K 368 11.23 52.69 -6.61
N MET K 369 11.79 53.15 -7.74
CA MET K 369 10.95 53.45 -8.89
C MET K 369 10.58 52.19 -9.65
N LEU K 370 11.45 51.17 -9.64
CA LEU K 370 11.13 49.93 -10.35
C LEU K 370 10.06 49.13 -9.62
N GLN K 371 9.94 49.32 -8.30
CA GLN K 371 8.99 48.54 -7.51
C GLN K 371 7.56 49.02 -7.76
N GLN K 372 7.36 50.33 -7.84
CA GLN K 372 6.02 50.84 -8.08
C GLN K 372 5.66 50.81 -9.57
N GLY K 373 6.57 51.27 -10.42
CA GLY K 373 6.32 51.28 -11.85
C GLY K 373 7.42 51.95 -12.66
N THR L 84 -39.71 4.12 19.78
CA THR L 84 -38.33 4.38 19.42
C THR L 84 -38.10 5.84 19.10
N SER L 85 -38.66 6.74 19.92
CA SER L 85 -38.52 8.16 19.67
C SER L 85 -37.13 8.66 20.07
N SER L 86 -36.50 8.00 21.05
CA SER L 86 -35.17 8.43 21.48
C SER L 86 -34.12 8.14 20.41
N PHE L 87 -34.31 7.07 19.65
CA PHE L 87 -33.44 6.81 18.50
C PHE L 87 -33.60 7.87 17.43
N VAL L 88 -34.82 8.36 17.24
CA VAL L 88 -35.07 9.42 16.27
C VAL L 88 -34.43 10.72 16.73
N ARG L 89 -34.49 11.00 18.04
CA ARG L 89 -33.87 12.20 18.58
C ARG L 89 -32.35 12.13 18.50
N ASN L 90 -31.79 10.93 18.70
CA ASN L 90 -30.36 10.72 18.49
C ASN L 90 -29.98 10.93 17.03
N ALA L 91 -30.87 10.53 16.11
CA ALA L 91 -30.64 10.78 14.69
C ALA L 91 -30.68 12.27 14.37
N PHE L 92 -31.61 13.01 14.99
CA PHE L 92 -31.64 14.46 14.83
C PHE L 92 -30.38 15.12 15.38
N THR L 93 -29.88 14.61 16.51
CA THR L 93 -28.66 15.16 17.10
C THR L 93 -27.44 14.90 16.22
N LYS L 94 -27.34 13.68 15.67
CA LYS L 94 -26.23 13.34 14.79
C LYS L 94 -26.29 14.13 13.49
N SER L 95 -27.49 14.30 12.94
CA SER L 95 -27.69 15.06 11.71
C SER L 95 -27.36 16.54 11.90
N GLY L 96 -27.81 17.11 13.02
CA GLY L 96 -27.49 18.48 13.36
C GLY L 96 -26.01 18.72 13.56
N ASN L 97 -25.33 17.78 14.23
CA ASN L 97 -23.90 17.92 14.44
C ASN L 97 -23.13 17.81 13.14
N LEU L 98 -23.50 16.85 12.28
CA LEU L 98 -22.84 16.70 10.99
C LEU L 98 -23.10 17.89 10.09
N ALA L 99 -24.30 18.45 10.15
CA ALA L 99 -24.62 19.63 9.36
C ALA L 99 -23.87 20.86 9.85
N TRP L 100 -23.67 20.97 11.17
CA TRP L 100 -22.87 22.06 11.72
C TRP L 100 -21.42 21.97 11.28
N THR L 101 -20.85 20.76 11.32
CA THR L 101 -19.46 20.57 10.93
C THR L 101 -19.26 20.85 9.44
N LEU L 102 -20.17 20.33 8.60
CA LEU L 102 -20.07 20.58 7.16
C LEU L 102 -20.32 22.05 6.83
N THR L 103 -21.17 22.73 7.61
CA THR L 103 -21.44 24.14 7.38
C THR L 103 -20.21 24.99 7.70
N THR L 104 -19.59 24.77 8.86
CA THR L 104 -18.42 25.58 9.20
C THR L 104 -17.22 25.22 8.32
N THR L 105 -17.14 23.97 7.85
CA THR L 105 -16.07 23.59 6.94
C THR L 105 -16.26 24.25 5.58
N ALA L 106 -17.51 24.29 5.10
CA ALA L 106 -17.79 24.95 3.83
C ALA L 106 -17.56 26.45 3.91
N LEU L 107 -17.89 27.07 5.06
CA LEU L 107 -17.63 28.50 5.22
C LEU L 107 -16.14 28.81 5.23
N LEU L 108 -15.37 28.03 6.00
CA LEU L 108 -13.92 28.25 6.08
C LEU L 108 -13.23 27.99 4.75
N LEU L 109 -13.69 26.97 4.01
CA LEU L 109 -13.06 26.69 2.73
C LEU L 109 -13.65 27.49 1.58
N GLY L 110 -14.72 28.24 1.82
CA GLY L 110 -15.32 28.98 0.72
C GLY L 110 -15.18 30.48 0.75
N VAL L 111 -15.23 31.09 1.93
CA VAL L 111 -15.26 32.56 2.02
C VAL L 111 -13.95 33.24 1.60
N PRO L 112 -12.73 32.82 2.05
CA PRO L 112 -11.53 33.49 1.52
C PRO L 112 -11.33 33.25 0.04
N LEU L 113 -11.71 32.07 -0.44
CA LEU L 113 -11.67 31.79 -1.86
C LEU L 113 -12.66 32.66 -2.64
N SER L 114 -13.84 32.89 -2.08
CA SER L 114 -14.82 33.74 -2.73
C SER L 114 -14.35 35.19 -2.80
N LEU L 115 -13.71 35.67 -1.72
CA LEU L 115 -13.15 37.01 -1.72
C LEU L 115 -12.02 37.15 -2.74
N SER L 116 -11.16 36.13 -2.84
CA SER L 116 -10.07 36.17 -3.80
C SER L 116 -10.58 36.15 -5.24
N ILE L 117 -11.54 35.28 -5.53
CA ILE L 117 -12.07 35.17 -6.89
C ILE L 117 -12.85 36.43 -7.27
N LEU L 118 -13.58 37.01 -6.33
CA LEU L 118 -14.35 38.21 -6.65
C LEU L 118 -13.44 39.42 -6.83
N ALA L 119 -12.36 39.50 -6.06
CA ALA L 119 -11.36 40.55 -6.27
C ALA L 119 -10.66 40.39 -7.62
N GLU L 120 -10.40 39.14 -8.01
CA GLU L 120 -9.77 38.90 -9.31
C GLU L 120 -10.73 39.24 -10.46
N GLN L 121 -12.02 38.97 -10.26
CA GLN L 121 -13.02 39.37 -11.26
C GLN L 121 -13.12 40.88 -11.37
N GLN L 122 -13.04 41.59 -10.23
CA GLN L 122 -13.05 43.04 -10.28
C GLN L 122 -11.80 43.60 -10.96
N LEU L 123 -10.66 42.93 -10.78
CA LEU L 123 -9.44 43.37 -11.44
C LEU L 123 -9.52 43.13 -12.96
N ILE L 124 -10.10 41.99 -13.35
CA ILE L 124 -10.32 41.70 -14.78
C ILE L 124 -11.29 42.71 -15.40
N GLU L 125 -12.35 43.06 -14.67
CA GLU L 125 -13.30 44.04 -15.20
C GLU L 125 -12.68 45.43 -15.29
N MET L 126 -11.81 45.77 -14.34
CA MET L 126 -11.09 47.04 -14.41
C MET L 126 -10.12 47.08 -15.59
N GLU L 127 -9.45 45.96 -15.87
CA GLU L 127 -8.57 45.89 -17.03
C GLU L 127 -9.37 45.95 -18.33
N LYS L 128 -10.58 45.38 -18.35
CA LYS L 128 -11.42 45.46 -19.53
C LYS L 128 -11.92 46.88 -19.78
N THR L 129 -12.28 47.60 -18.70
CA THR L 129 -12.71 48.98 -18.85
C THR L 129 -11.55 49.88 -19.26
N PHE L 130 -10.34 49.56 -18.78
CA PHE L 130 -9.17 50.32 -19.23
C PHE L 130 -8.81 49.99 -20.67
N ASP L 131 -9.13 48.78 -21.13
CA ASP L 131 -8.83 48.41 -22.51
C ASP L 131 -9.82 49.04 -23.47
N LEU L 132 -11.11 49.06 -23.11
CA LEU L 132 -12.12 49.58 -24.03
C LEU L 132 -12.06 51.10 -24.14
N GLN L 133 -11.70 51.81 -23.07
CA GLN L 133 -11.61 53.26 -23.14
C GLN L 133 -10.35 53.69 -23.88
N SER L 134 -9.31 52.87 -23.86
CA SER L 134 -8.08 53.20 -24.58
C SER L 134 -8.26 53.04 -26.08
N ASP L 135 -9.01 52.02 -26.51
CA ASP L 135 -9.21 51.77 -27.92
C ASP L 135 -10.46 52.48 -28.43
N GLU M 13 29.17 -10.01 19.89
CA GLU M 13 27.76 -9.70 19.66
C GLU M 13 27.61 -8.48 18.75
N LYS M 14 28.44 -7.47 18.99
CA LYS M 14 28.40 -6.26 18.17
C LYS M 14 29.00 -6.49 16.80
N ARG M 15 29.82 -7.54 16.65
CA ARG M 15 30.41 -7.85 15.35
C ARG M 15 29.34 -8.33 14.37
N ALA M 16 28.32 -9.04 14.87
CA ALA M 16 27.22 -9.46 14.00
C ALA M 16 26.40 -8.27 13.53
N HIS M 17 26.20 -7.28 14.40
CA HIS M 17 25.49 -6.06 14.00
C HIS M 17 26.31 -5.25 13.00
N GLN M 18 27.63 -5.18 13.20
CA GLN M 18 28.51 -4.51 12.26
C GLN M 18 28.50 -5.21 10.90
N GLU M 19 28.48 -6.54 10.90
CA GLU M 19 28.43 -7.29 9.66
C GLU M 19 27.09 -7.12 8.96
N GLN M 20 26.00 -7.01 9.73
CA GLN M 20 24.68 -6.81 9.15
C GLN M 20 24.57 -5.43 8.51
N THR M 21 25.13 -4.40 9.17
CA THR M 21 25.10 -3.06 8.59
C THR M 21 26.02 -2.95 7.39
N GLU M 22 27.15 -3.66 7.41
CA GLU M 22 28.03 -3.69 6.24
C GLU M 22 27.36 -4.40 5.07
N LYS M 23 26.60 -5.46 5.37
CA LYS M 23 25.83 -6.15 4.35
C LYS M 23 24.73 -5.25 3.79
N THR M 24 24.14 -4.41 4.64
CA THR M 24 23.11 -3.48 4.19
C THR M 24 23.71 -2.42 3.26
N LEU M 25 24.90 -1.91 3.60
CA LEU M 25 25.57 -0.93 2.73
C LEU M 25 25.97 -1.56 1.39
N LYS M 26 26.50 -2.78 1.42
CA LYS M 26 26.88 -3.47 0.19
C LYS M 26 25.65 -3.80 -0.65
N GLN M 27 24.54 -4.13 -0.01
CA GLN M 27 23.30 -4.40 -0.73
C GLN M 27 22.75 -3.13 -1.36
N ALA M 28 22.90 -2.00 -0.67
CA ALA M 28 22.51 -0.71 -1.25
C ALA M 28 23.35 -0.38 -2.47
N ALA M 29 24.66 -0.66 -2.40
CA ALA M 29 25.52 -0.45 -3.56
C ALA M 29 25.14 -1.38 -4.71
N TYR M 30 24.74 -2.62 -4.40
CA TYR M 30 24.33 -3.57 -5.44
C TYR M 30 23.05 -3.13 -6.13
N VAL M 31 22.06 -2.68 -5.35
CA VAL M 31 20.80 -2.24 -5.94
C VAL M 31 20.99 -0.94 -6.70
N ALA M 32 21.91 -0.09 -6.25
CA ALA M 32 22.22 1.14 -6.99
C ALA M 32 22.87 0.83 -8.34
N ALA M 33 23.78 -0.15 -8.35
CA ALA M 33 24.38 -0.59 -9.61
C ALA M 33 23.33 -1.21 -10.53
N PHE M 34 22.40 -1.97 -9.97
CA PHE M 34 21.32 -2.57 -10.76
C PHE M 34 20.40 -1.51 -11.34
N LEU M 35 20.12 -0.45 -10.57
CA LEU M 35 19.29 0.63 -11.08
C LEU M 35 20.03 1.46 -12.13
N TRP M 36 21.36 1.43 -12.11
CA TRP M 36 22.09 2.07 -13.20
C TRP M 36 22.08 1.19 -14.45
N VAL M 37 22.12 -0.13 -14.26
CA VAL M 37 22.16 -1.05 -15.40
C VAL M 37 20.81 -1.08 -16.12
N SER M 38 19.71 -1.07 -15.36
CA SER M 38 18.36 -1.28 -15.88
C SER M 38 17.88 -0.39 -17.04
N PRO M 39 18.19 0.94 -17.12
CA PRO M 39 17.65 1.71 -18.27
C PRO M 39 18.21 1.31 -19.61
N MET M 40 19.47 0.86 -19.66
CA MET M 40 20.08 0.41 -20.91
C MET M 40 19.38 -0.84 -21.42
N ILE M 41 19.14 -1.81 -20.52
CA ILE M 41 18.45 -3.04 -20.89
C ILE M 41 17.02 -2.75 -21.30
N TRP M 42 16.34 -1.84 -20.59
CA TRP M 42 14.96 -1.54 -20.91
C TRP M 42 14.83 -0.80 -22.25
N HIS M 43 15.80 0.07 -22.56
CA HIS M 43 15.76 0.77 -23.84
C HIS M 43 16.11 -0.17 -25.00
N LEU M 44 17.01 -1.13 -24.75
CA LEU M 44 17.29 -2.14 -25.78
C LEU M 44 16.12 -3.08 -25.98
N VAL M 45 15.30 -3.28 -24.95
CA VAL M 45 14.03 -3.97 -25.15
C VAL M 45 13.08 -3.10 -25.96
N LYS M 46 13.02 -1.80 -25.66
CA LYS M 46 12.10 -0.90 -26.36
C LYS M 46 12.49 -0.70 -27.82
N LYS M 47 13.79 -0.77 -28.13
CA LYS M 47 14.22 -0.72 -29.52
C LYS M 47 13.85 -2.00 -30.26
N GLN M 48 13.71 -3.11 -29.52
CA GLN M 48 13.31 -4.36 -30.15
C GLN M 48 11.83 -4.35 -30.52
N TRP M 49 11.03 -3.52 -29.84
CA TRP M 49 9.62 -3.39 -30.18
C TRP M 49 9.42 -2.64 -31.50
N GLN N 25 -13.95 -15.76 14.56
CA GLN N 25 -13.03 -15.28 15.59
C GLN N 25 -12.96 -13.76 15.59
N ALA N 26 -12.72 -13.18 16.76
CA ALA N 26 -12.60 -11.73 16.93
C ALA N 26 -11.15 -11.37 17.20
N PHE N 27 -10.65 -10.38 16.48
CA PHE N 27 -9.26 -9.97 16.59
C PHE N 27 -9.15 -8.46 16.57
N LYS N 28 -7.95 -7.97 16.85
CA LYS N 28 -7.71 -6.53 16.85
C LYS N 28 -7.71 -5.98 15.43
N GLU N 29 -8.30 -4.81 15.26
CA GLU N 29 -8.41 -4.22 13.93
C GLU N 29 -7.26 -3.25 13.66
N SER N 30 -6.55 -2.84 14.71
CA SER N 30 -5.71 -1.64 14.76
C SER N 30 -4.65 -1.44 13.67
N PRO N 31 -3.90 -2.44 13.17
CA PRO N 31 -3.09 -2.15 11.98
C PRO N 31 -3.93 -2.01 10.72
N LEU N 32 -4.76 -3.02 10.46
CA LEU N 32 -5.43 -3.15 9.18
C LEU N 32 -6.49 -2.09 8.98
N TYR N 33 -7.14 -1.68 10.07
CA TYR N 33 -8.20 -0.68 9.99
C TYR N 33 -7.68 0.66 9.51
N THR N 34 -6.60 1.16 10.15
CA THR N 34 -6.08 2.47 9.76
C THR N 34 -5.33 2.38 8.43
N ILE N 35 -4.72 1.24 8.12
CA ILE N 35 -4.02 1.09 6.84
C ILE N 35 -5.01 1.06 5.68
N ALA N 36 -6.07 0.25 5.80
CA ALA N 36 -7.08 0.18 4.75
C ALA N 36 -7.89 1.46 4.66
N LEU N 37 -8.06 2.17 5.79
CA LEU N 37 -8.77 3.42 5.78
C LEU N 37 -7.99 4.51 5.04
N ASN N 38 -6.68 4.63 5.33
CA ASN N 38 -5.85 5.58 4.62
C ASN N 38 -5.71 5.21 3.15
N GLY N 39 -5.64 3.92 2.82
CA GLY N 39 -5.56 3.50 1.43
C GLY N 39 -6.84 3.79 0.67
N ALA N 40 -7.99 3.56 1.30
CA ALA N 40 -9.27 3.84 0.65
C ALA N 40 -9.49 5.34 0.47
N PHE N 41 -9.05 6.14 1.45
CA PHE N 41 -9.11 7.60 1.29
C PHE N 41 -8.19 8.08 0.18
N PHE N 42 -7.02 7.44 0.04
CA PHE N 42 -6.11 7.79 -1.04
C PHE N 42 -6.69 7.45 -2.40
N VAL N 43 -7.29 6.26 -2.53
CA VAL N 43 -7.88 5.85 -3.80
C VAL N 43 -9.08 6.73 -4.16
N ALA N 44 -9.90 7.07 -3.16
CA ALA N 44 -11.05 7.94 -3.40
C ALA N 44 -10.61 9.34 -3.80
N GLY N 45 -9.53 9.85 -3.18
CA GLY N 45 -9.04 11.17 -3.55
C GLY N 45 -8.41 11.21 -4.93
N VAL N 46 -7.70 10.14 -5.30
CA VAL N 46 -7.14 10.05 -6.65
C VAL N 46 -8.25 9.98 -7.69
N ALA N 47 -9.31 9.22 -7.40
CA ALA N 47 -10.45 9.16 -8.31
C ALA N 47 -11.21 10.49 -8.35
N PHE N 48 -11.18 11.26 -7.27
CA PHE N 48 -11.84 12.56 -7.27
C PHE N 48 -11.04 13.58 -8.06
N ILE N 49 -9.72 13.53 -7.95
CA ILE N 49 -8.86 14.48 -8.66
C ILE N 49 -8.85 14.19 -10.15
N GLN N 50 -8.76 12.91 -10.52
CA GLN N 50 -8.69 12.55 -11.94
C GLN N 50 -10.04 12.69 -12.63
N SER N 51 -11.12 12.87 -11.87
CA SER N 51 -12.45 13.02 -12.44
C SER N 51 -12.59 14.39 -13.11
N PRO N 52 -13.52 14.52 -14.06
CA PRO N 52 -13.87 15.86 -14.57
C PRO N 52 -14.66 16.70 -13.58
N LEU N 53 -15.12 16.10 -12.47
CA LEU N 53 -15.72 16.88 -11.40
C LEU N 53 -14.69 17.82 -10.78
N MET N 54 -13.42 17.39 -10.71
CA MET N 54 -12.35 18.28 -10.27
C MET N 54 -12.16 19.43 -11.25
N ASP N 55 -12.39 19.18 -12.54
CA ASP N 55 -12.39 20.27 -13.52
C ASP N 55 -13.59 21.19 -13.31
N MET N 56 -14.70 20.63 -12.82
CA MET N 56 -15.87 21.46 -12.50
C MET N 56 -15.62 22.31 -11.26
N LEU N 57 -14.77 21.85 -10.34
CA LEU N 57 -14.38 22.69 -9.21
C LEU N 57 -13.50 23.86 -9.62
N ALA N 58 -12.86 23.81 -10.78
CA ALA N 58 -12.06 24.93 -11.26
C ALA N 58 -12.96 25.94 -11.94
N PRO N 59 -12.88 27.23 -11.59
CA PRO N 59 -13.61 28.24 -12.36
C PRO N 59 -13.03 28.38 -13.76
N GLN N 60 -13.88 28.84 -14.68
CA GLN N 60 -13.47 28.93 -16.07
C GLN N 60 -12.46 30.05 -16.29
N LEU N 61 -12.70 31.20 -15.67
CA LEU N 61 -11.79 32.33 -15.81
C LEU N 61 -10.56 32.14 -14.93
N ASP O 11 45.86 13.93 22.28
CA ASP O 11 47.26 14.32 22.15
C ASP O 11 47.39 15.82 21.93
N GLU O 12 48.57 16.25 21.49
CA GLU O 12 48.78 17.66 21.19
C GLU O 12 48.03 18.09 19.94
N SER O 13 47.92 17.18 18.96
CA SER O 13 47.13 17.47 17.77
C SER O 13 45.64 17.53 18.08
N LYS O 14 45.20 16.75 19.08
CA LYS O 14 43.80 16.83 19.52
C LYS O 14 43.51 18.17 20.20
N GLU O 15 44.45 18.66 21.01
CA GLU O 15 44.28 19.98 21.62
C GLU O 15 44.34 21.08 20.57
N ARG O 16 45.17 20.91 19.54
CA ARG O 16 45.26 21.90 18.47
C ARG O 16 43.98 21.96 17.65
N ILE O 17 43.43 20.79 17.28
CA ILE O 17 42.21 20.77 16.49
C ILE O 17 41.02 21.22 17.34
N SER O 18 41.06 20.97 18.65
CA SER O 18 40.00 21.46 19.53
C SER O 18 40.05 22.98 19.67
N LYS O 19 41.25 23.54 19.78
CA LYS O 19 41.40 24.99 19.90
C LYS O 19 40.98 25.70 18.61
N ILE O 20 41.38 25.15 17.46
CA ILE O 20 41.02 25.84 16.21
C ILE O 20 39.56 25.62 15.85
N LEU O 21 38.94 24.51 16.27
CA LEU O 21 37.50 24.38 16.08
C LEU O 21 36.71 25.27 17.04
N THR O 22 37.26 25.52 18.25
CA THR O 22 36.65 26.48 19.15
C THR O 22 36.73 27.89 18.58
N LEU O 23 37.87 28.24 17.99
CA LEU O 23 38.02 29.54 17.34
C LEU O 23 37.10 29.67 16.13
N THR O 24 36.97 28.58 15.35
CA THR O 24 36.09 28.59 14.19
C THR O 24 34.63 28.71 14.61
N HIS O 25 34.26 28.08 15.73
CA HIS O 25 32.92 28.21 16.27
C HIS O 25 32.64 29.63 16.75
N ASN O 26 33.64 30.27 17.37
CA ASN O 26 33.45 31.64 17.85
C ASN O 26 33.33 32.62 16.70
N VAL O 27 34.13 32.43 15.64
CA VAL O 27 34.04 33.28 14.45
C VAL O 27 32.73 33.06 13.72
N ALA O 28 32.28 31.81 13.60
CA ALA O 28 31.00 31.54 12.95
C ALA O 28 29.81 32.01 13.78
N HIS O 29 29.98 32.12 15.11
CA HIS O 29 28.91 32.62 15.95
C HIS O 29 28.81 34.14 15.87
N TYR O 30 29.92 34.83 16.12
CA TYR O 30 29.83 36.29 16.24
C TYR O 30 29.83 37.00 14.89
N GLY O 31 30.48 36.43 13.87
CA GLY O 31 30.73 37.19 12.67
C GLY O 31 30.30 36.61 11.33
N TRP O 32 29.25 35.79 11.33
CA TRP O 32 28.75 35.24 10.07
C TRP O 32 27.93 36.28 9.31
N ILE O 33 26.83 36.72 9.93
CA ILE O 33 25.94 37.71 9.32
C ILE O 33 26.58 39.09 9.15
N PRO O 34 27.55 39.59 9.96
CA PRO O 34 28.27 40.79 9.49
C PRO O 34 29.13 40.56 8.26
N PHE O 35 29.65 39.35 8.07
CA PHE O 35 30.39 39.05 6.84
C PHE O 35 29.46 39.01 5.64
N VAL O 36 28.26 38.48 5.82
CA VAL O 36 27.25 38.47 4.76
C VAL O 36 26.84 39.90 4.40
N LEU O 37 26.62 40.73 5.42
CA LEU O 37 26.28 42.12 5.18
C LEU O 37 27.44 42.91 4.57
N TYR O 38 28.69 42.51 4.86
CA TYR O 38 29.81 43.18 4.21
C TYR O 38 29.91 42.80 2.74
N LEU O 39 29.63 41.53 2.41
CA LEU O 39 29.56 41.11 1.01
C LEU O 39 28.47 41.88 0.27
N GLY O 40 27.31 42.02 0.90
CA GLY O 40 26.23 42.81 0.35
C GLY O 40 26.57 44.27 0.14
N TRP O 41 27.14 44.92 1.16
CA TRP O 41 27.52 46.32 1.07
C TRP O 41 28.63 46.55 0.07
N ALA O 42 29.51 45.57 -0.11
CA ALA O 42 30.58 45.70 -1.10
C ALA O 42 30.02 45.54 -2.51
N HIS O 43 29.04 44.66 -2.69
CA HIS O 43 28.52 44.36 -4.01
C HIS O 43 27.33 45.24 -4.41
N THR O 44 27.16 46.39 -3.78
CA THR O 44 26.17 47.36 -4.23
C THR O 44 26.86 48.58 -4.85
N SER O 45 26.15 49.24 -5.77
CA SER O 45 26.67 50.44 -6.40
C SER O 45 26.46 51.68 -5.54
N ASN O 46 25.41 51.70 -4.72
CA ASN O 46 25.11 52.86 -3.90
C ASN O 46 25.97 52.89 -2.64
N ARG O 47 26.19 51.70 -2.02
CA ARG O 47 26.94 51.48 -0.79
C ARG O 47 26.45 52.37 0.35
N PRO O 48 25.28 52.07 0.96
CA PRO O 48 24.76 52.94 2.03
C PRO O 48 25.53 52.81 3.33
N ASN O 49 25.21 53.66 4.31
CA ASN O 49 25.90 53.63 5.59
C ASN O 49 25.33 52.54 6.48
N PHE O 50 25.77 52.53 7.74
CA PHE O 50 25.41 51.47 8.68
C PHE O 50 23.97 51.61 9.18
N LEU O 51 23.44 52.83 9.23
CA LEU O 51 22.08 53.03 9.71
C LEU O 51 21.06 52.58 8.67
N ASN O 52 21.30 52.93 7.40
CA ASN O 52 20.37 52.54 6.33
C ASN O 52 20.43 51.04 6.05
N LEU O 53 21.58 50.40 6.34
CA LEU O 53 21.74 49.00 6.01
C LEU O 53 20.94 48.09 6.93
N LEU O 54 20.58 48.57 8.12
CA LEU O 54 19.80 47.77 9.05
C LEU O 54 18.37 48.24 9.25
N SER O 55 18.08 49.51 9.02
CA SER O 55 16.74 50.02 9.26
C SER O 55 15.80 49.59 8.13
N PRO O 56 14.60 49.10 8.45
CA PRO O 56 13.67 48.67 7.40
C PRO O 56 12.92 49.81 6.72
N LEU O 57 13.24 51.07 7.03
CA LEU O 57 12.53 52.19 6.45
C LEU O 57 12.98 52.43 5.01
N PRO O 58 12.11 53.02 4.18
CA PRO O 58 12.49 53.34 2.79
C PRO O 58 13.28 54.63 2.65
N SER O 59 13.90 55.11 3.73
CA SER O 59 14.49 56.46 3.79
C SER O 59 15.65 56.69 2.83
N VAL O 60 16.20 55.62 2.23
CA VAL O 60 17.36 55.57 1.29
C VAL O 60 18.52 56.58 1.54
N HIS P 49 -43.66 76.41 38.81
CA HIS P 49 -43.91 75.42 37.76
C HIS P 49 -43.66 76.02 36.38
N SER P 50 -44.09 77.27 36.19
CA SER P 50 -43.87 77.93 34.91
C SER P 50 -42.41 78.30 34.74
N HIS P 51 -41.72 78.62 35.84
CA HIS P 51 -40.31 78.97 35.74
C HIS P 51 -39.46 77.74 35.48
N ARG P 52 -39.94 76.54 35.85
CA ARG P 52 -39.28 75.31 35.45
C ARG P 52 -39.36 75.11 33.94
N GLN P 53 -40.46 75.56 33.32
CA GLN P 53 -40.54 75.54 31.87
C GLN P 53 -39.71 76.68 31.26
N SER P 54 -39.44 77.72 32.06
CA SER P 54 -38.68 78.86 31.56
C SER P 54 -37.21 78.51 31.36
N LEU P 55 -36.68 77.58 32.15
CA LEU P 55 -35.28 77.16 32.03
C LEU P 55 -34.99 76.44 30.73
N GLU P 56 -36.02 75.85 30.11
CA GLU P 56 -35.94 75.10 28.85
C GLU P 56 -34.96 73.93 28.97
N LEU P 57 -35.22 73.08 29.95
CA LEU P 57 -34.37 71.94 30.23
C LEU P 57 -34.63 70.83 29.20
N VAL P 58 -33.60 70.03 28.96
CA VAL P 58 -33.63 68.99 27.95
C VAL P 58 -33.62 67.63 28.64
N ASN P 59 -34.20 66.64 27.98
CA ASN P 59 -34.21 65.29 28.49
C ASN P 59 -32.83 64.67 28.33
N PRO P 60 -32.19 64.21 29.40
CA PRO P 60 -30.93 63.48 29.27
C PRO P 60 -31.21 62.03 28.89
N GLY P 61 -30.12 61.29 28.70
CA GLY P 61 -30.23 59.89 28.37
C GLY P 61 -30.62 59.04 29.56
N THR P 62 -30.71 57.73 29.31
CA THR P 62 -31.01 56.80 30.38
C THR P 62 -29.77 56.51 31.21
N VAL P 63 -29.96 55.72 32.27
CA VAL P 63 -28.82 55.26 33.07
C VAL P 63 -27.96 54.30 32.27
N GLU P 64 -28.60 53.46 31.44
CA GLU P 64 -27.85 52.57 30.57
C GLU P 64 -27.12 53.33 29.48
N ASN P 65 -27.65 54.49 29.06
CA ASN P 65 -27.00 55.31 28.05
C ASN P 65 -26.12 56.40 28.66
N LEU P 66 -25.65 56.21 29.88
CA LEU P 66 -24.76 57.19 30.49
C LEU P 66 -23.36 57.05 29.92
N ASN P 67 -22.85 55.82 29.86
CA ASN P 67 -21.59 55.52 29.18
C ASN P 67 -21.80 54.88 27.82
N LYS P 68 -22.81 55.32 27.07
CA LYS P 68 -23.04 54.77 25.74
C LYS P 68 -21.92 55.16 24.78
N GLU P 69 -21.36 56.35 24.95
CA GLU P 69 -20.37 56.84 24.01
C GLU P 69 -19.01 56.21 24.28
N VAL P 70 -18.59 56.14 25.54
CA VAL P 70 -17.25 55.70 25.86
C VAL P 70 -17.17 54.18 25.86
N SER P 71 -18.10 53.53 26.55
CA SER P 71 -17.96 52.10 26.76
C SER P 71 -18.41 51.28 25.56
N ARG P 72 -19.43 51.74 24.83
CA ARG P 72 -20.01 50.93 23.75
C ARG P 72 -19.64 51.44 22.36
N ASP P 73 -19.63 52.75 22.13
CA ASP P 73 -19.33 53.25 20.80
C ASP P 73 -17.84 53.17 20.49
N VAL P 74 -17.01 53.77 21.34
CA VAL P 74 -15.58 53.88 21.06
C VAL P 74 -14.87 52.56 21.32
N PHE P 75 -15.06 52.01 22.52
CA PHE P 75 -14.32 50.82 22.91
C PHE P 75 -14.90 49.57 22.26
N LEU P 76 -14.26 48.45 22.51
CA LEU P 76 -14.54 47.21 21.80
C LEU P 76 -14.88 46.05 22.74
N SER P 77 -15.07 46.34 24.04
CA SER P 77 -15.27 45.27 25.02
C SER P 77 -16.59 44.54 24.82
N GLN P 78 -17.59 45.24 24.28
CA GLN P 78 -18.81 44.57 23.86
C GLN P 78 -18.58 43.74 22.61
N TYR P 79 -17.61 44.14 21.79
CA TYR P 79 -17.51 43.61 20.43
C TYR P 79 -16.37 42.63 20.27
N PHE P 80 -15.44 42.58 21.21
CA PHE P 80 -14.29 41.70 21.09
C PHE P 80 -14.69 40.26 21.33
N PHE P 81 -14.00 39.34 20.65
CA PHE P 81 -14.26 37.91 20.78
C PHE P 81 -12.95 37.17 20.56
N THR P 82 -13.04 35.85 20.40
CA THR P 82 -11.87 35.01 20.22
C THR P 82 -12.22 33.88 19.27
N GLY P 83 -11.33 33.62 18.31
CA GLY P 83 -11.57 32.56 17.37
C GLY P 83 -12.51 32.98 16.25
N LEU P 84 -12.83 32.02 15.40
CA LEU P 84 -13.65 32.29 14.22
C LEU P 84 -15.10 32.47 14.60
N ARG P 85 -15.80 33.36 13.89
CA ARG P 85 -17.24 33.48 14.04
C ARG P 85 -17.87 33.92 12.72
N ALA P 86 -19.04 33.35 12.44
CA ALA P 86 -19.80 33.67 11.25
C ALA P 86 -21.20 34.11 11.66
N ASP P 87 -21.70 35.14 10.99
CA ASP P 87 -23.02 35.69 11.26
C ASP P 87 -23.80 35.69 9.95
N LEU P 88 -25.05 35.21 10.02
CA LEU P 88 -25.91 35.04 8.84
C LEU P 88 -27.28 35.57 9.22
N ASN P 89 -27.58 36.81 8.86
CA ASN P 89 -28.93 37.31 9.11
C ASN P 89 -29.62 37.71 7.81
N LYS P 90 -30.93 37.48 7.78
CA LYS P 90 -31.76 37.72 6.60
C LYS P 90 -32.99 38.49 7.00
N ALA P 91 -33.35 39.48 6.18
CA ALA P 91 -34.42 40.43 6.47
C ALA P 91 -35.66 40.04 5.69
N PHE P 92 -36.77 39.81 6.40
CA PHE P 92 -38.03 39.49 5.75
C PHE P 92 -38.88 40.71 5.47
N SER P 93 -38.86 41.72 6.35
CA SER P 93 -39.65 42.92 6.15
C SER P 93 -38.97 44.09 6.84
N MET P 94 -39.41 45.29 6.47
CA MET P 94 -38.83 46.52 7.02
C MET P 94 -39.81 47.44 7.71
N ASN P 95 -41.09 47.49 7.31
CA ASN P 95 -41.99 48.44 7.96
C ASN P 95 -42.40 47.93 9.34
N PRO P 96 -42.76 46.64 9.55
CA PRO P 96 -42.27 45.99 10.77
C PRO P 96 -40.90 45.37 10.50
N ALA P 97 -39.88 45.84 11.22
CA ALA P 97 -38.55 45.32 11.02
C ALA P 97 -38.44 43.91 11.60
N PHE P 98 -38.22 42.93 10.73
CA PHE P 98 -38.23 41.54 11.13
C PHE P 98 -37.10 40.80 10.44
N GLN P 99 -36.22 40.20 11.22
CA GLN P 99 -35.07 39.49 10.68
C GLN P 99 -34.70 38.35 11.60
N THR P 100 -34.16 37.28 11.02
CA THR P 100 -33.68 36.12 11.76
C THR P 100 -32.18 36.01 11.53
N SER P 101 -31.43 35.74 12.60
CA SER P 101 -29.97 35.76 12.55
C SER P 101 -29.42 34.41 13.00
N HIS P 102 -28.56 33.83 12.18
CA HIS P 102 -27.79 32.65 12.54
C HIS P 102 -26.41 33.09 13.02
N THR P 103 -25.85 32.34 13.97
CA THR P 103 -24.53 32.66 14.50
C THR P 103 -23.75 31.37 14.70
N PHE P 104 -22.64 31.25 13.99
CA PHE P 104 -21.72 30.14 14.15
C PHE P 104 -20.45 30.67 14.81
N SER P 105 -19.87 29.87 15.72
CA SER P 105 -18.63 30.25 16.37
C SER P 105 -17.90 29.01 16.86
N ILE P 106 -16.58 29.12 16.93
CA ILE P 106 -15.75 28.05 17.45
C ILE P 106 -14.47 28.68 17.99
N GLY P 107 -13.98 28.12 19.10
CA GLY P 107 -12.73 28.57 19.68
C GLY P 107 -12.86 29.60 20.77
N SER P 108 -14.06 29.86 21.27
CA SER P 108 -14.25 30.84 22.33
C SER P 108 -14.99 30.19 23.49
N GLN P 109 -14.88 30.82 24.65
CA GLN P 109 -15.60 30.33 25.83
C GLN P 109 -16.96 30.98 25.97
N ALA P 110 -17.09 32.26 25.62
CA ALA P 110 -18.35 32.96 25.79
C ALA P 110 -19.33 32.63 24.68
N LEU P 111 -18.88 32.72 23.43
CA LEU P 111 -19.80 32.50 22.32
C LEU P 111 -20.03 31.01 22.13
N PRO P 112 -21.29 30.58 21.99
CA PRO P 112 -21.59 29.16 21.80
C PRO P 112 -21.29 28.72 20.38
N LYS P 113 -21.54 27.43 20.12
CA LYS P 113 -21.26 26.87 18.80
C LYS P 113 -22.30 27.30 17.79
N TYR P 114 -23.58 27.27 18.16
CA TYR P 114 -24.65 27.65 17.27
C TYR P 114 -25.69 28.45 18.06
N ALA P 115 -26.14 29.55 17.49
CA ALA P 115 -27.12 30.41 18.13
C ALA P 115 -28.02 31.00 17.06
N PHE P 116 -29.32 30.86 17.24
CA PHE P 116 -30.30 31.37 16.29
C PHE P 116 -31.14 32.43 16.98
N SER P 117 -31.07 33.66 16.48
CA SER P 117 -31.80 34.77 17.06
C SER P 117 -32.69 35.42 16.02
N ALA P 118 -33.83 35.94 16.47
CA ALA P 118 -34.78 36.60 15.59
C ALA P 118 -35.42 37.75 16.35
N LEU P 119 -35.55 38.90 15.70
CA LEU P 119 -36.16 40.05 16.34
C LEU P 119 -37.28 40.60 15.47
N PHE P 120 -38.25 41.20 16.13
CA PHE P 120 -39.41 41.82 15.50
C PHE P 120 -39.58 43.22 16.08
N ALA P 121 -39.74 44.21 15.21
CA ALA P 121 -39.77 45.59 15.67
C ALA P 121 -40.69 46.41 14.78
N ASN P 122 -41.89 46.67 15.26
CA ASN P 122 -42.78 47.66 14.68
C ASN P 122 -42.55 49.00 15.38
N ASP P 123 -43.51 49.92 15.23
CA ASP P 123 -43.37 51.29 15.73
C ASP P 123 -43.19 51.36 17.25
N ASN P 124 -43.82 50.45 18.00
CA ASN P 124 -43.81 50.56 19.46
C ASN P 124 -43.46 49.29 20.22
N LEU P 125 -43.36 48.14 19.55
CA LEU P 125 -43.09 46.89 20.23
C LEU P 125 -41.83 46.26 19.64
N PHE P 126 -41.02 45.66 20.50
CA PHE P 126 -39.80 44.97 20.12
C PHE P 126 -39.79 43.60 20.80
N ALA P 127 -39.39 42.57 20.07
CA ALA P 127 -39.34 41.23 20.61
C ALA P 127 -38.13 40.50 20.03
N GLN P 128 -37.19 40.14 20.88
CA GLN P 128 -36.00 39.41 20.48
C GLN P 128 -35.98 38.05 21.15
N GLY P 129 -35.88 37.02 20.34
CA GLY P 129 -35.75 35.66 20.85
C GLY P 129 -34.43 35.07 20.40
N ASN P 130 -33.82 34.29 21.28
CA ASN P 130 -32.53 33.70 21.01
C ASN P 130 -32.53 32.28 21.55
N ILE P 131 -32.40 31.31 20.65
CA ILE P 131 -32.30 29.90 21.01
C ILE P 131 -30.85 29.48 20.81
N ASP P 132 -30.38 28.59 21.67
CA ASP P 132 -28.98 28.23 21.77
C ASP P 132 -28.86 26.72 21.78
N ASN P 133 -27.68 26.19 21.45
CA ASN P 133 -27.44 24.78 21.72
C ASN P 133 -27.36 24.56 23.22
N ASP P 134 -27.77 23.36 23.64
CA ASP P 134 -28.16 22.93 25.00
C ASP P 134 -29.36 23.70 25.55
N LEU P 135 -30.06 24.42 24.65
CA LEU P 135 -31.36 25.05 24.88
C LEU P 135 -31.31 26.11 25.98
N SER P 136 -30.48 27.13 25.77
CA SER P 136 -30.46 28.30 26.63
C SER P 136 -31.26 29.40 25.93
N VAL P 137 -32.47 29.64 26.41
CA VAL P 137 -33.41 30.54 25.76
C VAL P 137 -33.25 31.92 26.36
N SER P 138 -33.07 32.92 25.51
CA SER P 138 -32.99 34.32 25.93
C SER P 138 -34.07 35.11 25.22
N GLY P 139 -34.96 35.72 25.99
CA GLY P 139 -36.04 36.46 25.39
C GLY P 139 -36.23 37.84 25.98
N ARG P 140 -36.28 38.86 25.13
CA ARG P 140 -36.44 40.23 25.59
C ARG P 140 -37.60 40.87 24.85
N LEU P 141 -38.38 41.68 25.56
CA LEU P 141 -39.56 42.28 24.95
C LEU P 141 -39.68 43.72 25.44
N ASN P 142 -39.65 44.67 24.52
CA ASN P 142 -39.96 46.06 24.78
C ASN P 142 -41.38 46.34 24.32
N TYR P 143 -42.11 47.13 25.09
CA TYR P 143 -43.47 47.54 24.74
C TYR P 143 -43.58 49.04 24.95
N GLY P 144 -44.04 49.75 23.92
CA GLY P 144 -44.18 51.18 24.01
C GLY P 144 -45.60 51.61 24.32
N TRP P 145 -45.84 52.01 25.57
CA TRP P 145 -47.08 52.70 25.89
C TRP P 145 -47.11 54.08 25.26
N ASP P 146 -45.95 54.68 25.07
CA ASP P 146 -45.80 55.98 24.43
C ASP P 146 -44.39 56.01 23.86
N LYS P 147 -44.03 57.14 23.24
CA LYS P 147 -42.64 57.35 22.87
C LYS P 147 -41.77 57.62 24.09
N LYS P 148 -42.40 58.02 25.20
CA LYS P 148 -41.68 58.29 26.44
C LYS P 148 -41.67 57.07 27.35
N ASN P 149 -42.84 56.54 27.67
CA ASN P 149 -42.97 55.47 28.64
C ASN P 149 -42.92 54.11 27.94
N ILE P 150 -42.00 53.25 28.40
CA ILE P 150 -41.85 51.90 27.85
C ILE P 150 -41.72 50.91 29.00
N SER P 151 -42.11 49.66 28.72
CA SER P 151 -42.03 48.57 29.68
C SER P 151 -41.36 47.38 29.02
N LYS P 152 -40.36 46.80 29.67
CA LYS P 152 -39.62 45.71 29.07
C LYS P 152 -39.49 44.55 30.05
N VAL P 153 -39.44 43.37 29.46
CA VAL P 153 -39.35 42.10 30.18
C VAL P 153 -38.19 41.32 29.60
N ASN P 154 -37.25 40.89 30.45
CA ASN P 154 -36.12 40.10 29.99
C ASN P 154 -36.13 38.77 30.72
N LEU P 155 -35.86 37.69 29.99
CA LEU P 155 -35.99 36.34 30.49
C LEU P 155 -34.79 35.53 30.00
N GLN P 156 -34.24 34.69 30.86
CA GLN P 156 -33.10 33.85 30.50
C GLN P 156 -33.22 32.51 31.20
N ILE P 157 -33.16 31.43 30.40
CA ILE P 157 -33.18 30.06 30.89
C ILE P 157 -31.90 29.38 30.39
N SER P 158 -31.15 28.79 31.32
CA SER P 158 -29.89 28.14 30.99
C SER P 158 -29.95 26.63 31.05
N ASP P 159 -31.10 26.06 31.43
CA ASP P 159 -31.35 24.60 31.49
C ASP P 159 -30.35 23.91 32.41
N GLY P 160 -30.41 24.25 33.70
CA GLY P 160 -29.51 23.71 34.69
C GLY P 160 -29.09 24.77 35.69
N GLN P 161 -29.46 26.01 35.40
CA GLN P 161 -29.24 27.16 36.25
C GLN P 161 -30.60 27.74 36.60
N PRO P 162 -30.71 28.50 37.69
CA PRO P 162 -32.00 29.12 38.02
C PRO P 162 -32.37 30.19 37.00
N THR P 163 -33.65 30.20 36.63
CA THR P 163 -34.15 31.09 35.59
C THR P 163 -34.10 32.54 36.05
N MET P 164 -33.51 33.40 35.22
CA MET P 164 -33.29 34.80 35.59
C MET P 164 -34.18 35.69 34.75
N CYS P 165 -35.09 36.40 35.41
CA CYS P 165 -36.02 37.30 34.74
C CYS P 165 -35.99 38.66 35.42
N GLN P 166 -36.07 39.72 34.62
CA GLN P 166 -36.13 41.07 35.15
C GLN P 166 -37.23 41.85 34.45
N LEU P 167 -37.89 42.72 35.22
CA LEU P 167 -38.99 43.54 34.75
C LEU P 167 -38.57 44.99 34.92
N GLU P 168 -38.60 45.77 33.84
CA GLU P 168 -38.13 47.14 33.91
C GLU P 168 -39.15 48.10 33.32
N GLN P 169 -39.32 49.23 34.01
CA GLN P 169 -40.26 50.28 33.62
C GLN P 169 -39.47 51.57 33.46
N ASP P 170 -39.55 52.18 32.27
CA ASP P 170 -38.76 53.36 31.95
C ASP P 170 -39.70 54.49 31.54
N TYR P 171 -39.59 55.62 32.23
CA TYR P 171 -40.37 56.82 31.95
C TYR P 171 -39.40 57.97 31.69
N GLN P 172 -39.47 58.54 30.49
CA GLN P 172 -38.63 59.66 30.11
C GLN P 172 -39.47 60.92 30.09
N ALA P 173 -39.15 61.88 30.93
CA ALA P 173 -39.90 63.12 31.02
C ALA P 173 -39.23 64.20 30.18
N SER P 174 -39.65 65.45 30.38
CA SER P 174 -39.03 66.55 29.66
C SER P 174 -37.64 66.85 30.21
N ASP P 175 -37.46 66.70 31.53
CA ASP P 175 -36.19 67.04 32.16
C ASP P 175 -35.68 65.97 33.12
N PHE P 176 -36.32 64.80 33.17
CA PHE P 176 -35.77 63.73 34.00
C PHE P 176 -36.10 62.38 33.36
N SER P 177 -35.36 61.38 33.81
CA SER P 177 -35.54 60.00 33.39
C SER P 177 -35.59 59.10 34.61
N VAL P 178 -36.61 58.25 34.67
CA VAL P 178 -36.83 57.33 35.77
C VAL P 178 -36.88 55.92 35.20
N ASN P 179 -36.19 54.99 35.83
CA ASN P 179 -36.44 53.59 35.51
C ASN P 179 -36.28 52.71 36.73
N VAL P 180 -37.20 51.74 36.82
CA VAL P 180 -37.27 50.81 37.94
C VAL P 180 -37.19 49.40 37.35
N LYS P 181 -36.14 48.67 37.69
CA LYS P 181 -35.98 47.30 37.23
C LYS P 181 -35.94 46.37 38.44
N THR P 182 -36.42 45.15 38.25
CA THR P 182 -36.49 44.16 39.30
C THR P 182 -36.01 42.82 38.75
N LEU P 183 -34.99 42.27 39.39
CA LEU P 183 -34.44 40.96 39.05
C LEU P 183 -35.00 39.92 40.02
N ASN P 184 -35.71 38.94 39.46
CA ASN P 184 -36.30 37.83 40.18
C ASN P 184 -37.19 38.25 41.35
N PRO P 185 -38.38 38.79 41.08
CA PRO P 185 -39.26 39.20 42.19
C PRO P 185 -39.92 37.99 42.82
N SER P 186 -39.98 38.02 44.16
CA SER P 186 -40.57 36.95 44.94
C SER P 186 -40.96 37.49 46.29
N PHE P 187 -42.06 36.97 46.82
CA PHE P 187 -42.59 37.39 48.11
C PHE P 187 -42.51 36.23 49.09
N SER P 188 -42.10 36.54 50.32
CA SER P 188 -42.00 35.53 51.36
C SER P 188 -43.38 35.20 51.92
N GLU P 189 -43.40 34.32 52.92
CA GLU P 189 -44.66 34.00 53.60
C GLU P 189 -45.07 35.12 54.53
N LYS P 190 -44.15 36.00 54.91
CA LYS P 190 -44.46 37.17 55.73
C LYS P 190 -44.97 38.35 54.92
N GLY P 191 -45.03 38.22 53.61
CA GLY P 191 -45.43 39.33 52.76
C GLY P 191 -44.32 40.29 52.42
N GLU P 192 -43.06 39.86 52.52
CA GLU P 192 -41.91 40.72 52.32
C GLU P 192 -41.27 40.44 50.96
N PHE P 193 -40.68 41.48 50.38
CA PHE P 193 -40.03 41.36 49.08
C PHE P 193 -38.74 40.55 49.20
N THR P 194 -38.41 39.83 48.13
CA THR P 194 -37.18 39.05 48.08
C THR P 194 -36.71 39.02 46.64
N GLY P 195 -35.58 39.67 46.36
CA GLY P 195 -35.08 39.80 45.01
C GLY P 195 -34.14 40.98 44.91
N VAL P 196 -33.97 41.48 43.69
CA VAL P 196 -33.15 42.67 43.45
C VAL P 196 -34.05 43.75 42.87
N ALA P 197 -33.96 44.96 43.41
CA ALA P 197 -34.74 46.08 42.90
C ALA P 197 -33.83 47.28 42.75
N VAL P 198 -33.72 47.80 41.54
CA VAL P 198 -32.89 48.95 41.23
C VAL P 198 -33.79 50.05 40.69
N ALA P 199 -33.88 51.15 41.42
CA ALA P 199 -34.65 52.32 40.99
C ALA P 199 -33.68 53.47 40.80
N SER P 200 -33.75 54.11 39.64
CA SER P 200 -32.79 55.14 39.31
C SER P 200 -33.48 56.34 38.66
N PHE P 201 -32.91 57.51 38.94
CA PHE P 201 -33.46 58.80 38.59
C PHE P 201 -32.35 59.69 38.05
N LEU P 202 -32.68 60.54 37.08
CA LEU P 202 -31.68 61.44 36.49
C LEU P 202 -32.35 62.75 36.07
N GLN P 203 -31.96 63.85 36.71
CA GLN P 203 -32.52 65.18 36.46
C GLN P 203 -31.44 66.09 35.90
N SER P 204 -31.81 66.85 34.87
CA SER P 204 -30.95 67.90 34.34
C SER P 204 -31.14 69.15 35.19
N VAL P 205 -30.13 69.51 35.98
CA VAL P 205 -30.22 70.74 36.77
C VAL P 205 -29.93 71.95 35.90
N THR P 206 -29.31 71.75 34.73
CA THR P 206 -29.03 72.79 33.77
C THR P 206 -28.85 72.10 32.42
N PRO P 207 -29.01 72.81 31.29
CA PRO P 207 -28.89 72.15 29.97
C PRO P 207 -27.50 71.61 29.62
N GLN P 208 -26.50 71.71 30.50
CA GLN P 208 -25.23 71.02 30.29
C GLN P 208 -25.03 69.86 31.25
N LEU P 209 -25.51 69.97 32.48
CA LEU P 209 -25.32 68.92 33.48
C LEU P 209 -26.50 67.97 33.52
N ALA P 210 -26.27 66.83 34.18
CA ALA P 210 -27.31 65.85 34.46
C ALA P 210 -26.86 65.10 35.70
N LEU P 211 -27.54 65.33 36.82
CA LEU P 211 -27.20 64.69 38.08
C LEU P 211 -28.28 63.69 38.44
N GLY P 212 -27.88 62.57 39.02
CA GLY P 212 -28.86 61.55 39.34
C GLY P 212 -28.30 60.51 40.27
N LEU P 213 -29.11 59.49 40.52
CA LEU P 213 -28.73 58.46 41.47
C LEU P 213 -29.41 57.15 41.09
N GLU P 214 -28.85 56.07 41.62
CA GLU P 214 -29.43 54.74 41.49
C GLU P 214 -29.40 54.07 42.85
N THR P 215 -30.41 53.24 43.11
CA THR P 215 -30.58 52.58 44.39
C THR P 215 -30.82 51.10 44.14
N LEU P 216 -29.96 50.26 44.71
CA LEU P 216 -30.03 48.81 44.59
C LEU P 216 -30.38 48.22 45.94
N TYR P 217 -31.51 47.50 46.00
CA TYR P 217 -31.94 46.82 47.22
C TYR P 217 -31.98 45.33 46.91
N SER P 218 -31.20 44.55 47.66
CA SER P 218 -31.04 43.14 47.35
C SER P 218 -31.30 42.30 48.59
N ARG P 219 -32.22 41.35 48.47
CA ARG P 219 -32.54 40.41 49.54
C ARG P 219 -32.57 39.01 48.94
N THR P 220 -31.69 38.15 49.41
CA THR P 220 -31.46 36.86 48.76
C THR P 220 -32.53 35.83 49.14
N ASP P 221 -32.71 35.58 50.42
CA ASP P 221 -33.57 34.49 50.88
C ASP P 221 -34.69 34.93 51.80
N GLY P 222 -34.46 35.91 52.68
CA GLY P 222 -35.42 36.33 53.67
C GLY P 222 -34.97 36.04 55.09
N SER P 223 -34.03 35.12 55.27
CA SER P 223 -33.46 34.88 56.59
C SER P 223 -32.63 36.07 57.04
N ALA P 224 -31.75 36.55 56.16
CA ALA P 224 -30.96 37.74 56.43
C ALA P 224 -31.60 38.94 55.75
N PRO P 225 -31.61 40.11 56.39
CA PRO P 225 -32.17 41.30 55.73
C PRO P 225 -31.31 41.74 54.55
N GLY P 226 -31.99 42.17 53.49
CA GLY P 226 -31.28 42.62 52.31
C GLY P 226 -30.59 43.95 52.53
N ASP P 227 -29.56 44.18 51.72
CA ASP P 227 -28.75 45.38 51.82
C ASP P 227 -29.12 46.39 50.73
N ALA P 228 -28.79 47.64 51.00
CA ALA P 228 -29.09 48.75 50.11
C ALA P 228 -27.79 49.45 49.70
N GLY P 229 -27.70 49.83 48.43
CA GLY P 229 -26.55 50.53 47.91
C GLY P 229 -26.96 51.69 47.03
N VAL P 230 -26.44 52.87 47.34
CA VAL P 230 -26.78 54.09 46.61
C VAL P 230 -25.56 54.54 45.83
N SER P 231 -25.74 54.81 44.55
CA SER P 231 -24.64 55.27 43.72
C SER P 231 -25.06 56.54 43.00
N TYR P 232 -24.08 57.40 42.71
CA TYR P 232 -24.35 58.72 42.16
C TYR P 232 -23.93 58.76 40.69
N LEU P 233 -24.56 59.66 39.95
CA LEU P 233 -24.38 59.74 38.51
C LEU P 233 -24.23 61.20 38.12
N THR P 234 -23.21 61.49 37.31
CA THR P 234 -22.91 62.86 36.90
C THR P 234 -22.60 62.85 35.41
N ARG P 235 -23.22 63.75 34.66
CA ARG P 235 -22.95 63.87 33.24
C ARG P 235 -22.83 65.34 32.87
N TYR P 236 -21.86 65.65 32.02
CA TYR P 236 -21.67 67.02 31.54
C TYR P 236 -21.52 66.97 30.03
N VAL P 237 -22.47 67.59 29.33
CA VAL P 237 -22.39 67.73 27.88
C VAL P 237 -21.89 69.13 27.57
N SER P 238 -20.96 69.24 26.63
CA SER P 238 -20.47 70.54 26.24
C SER P 238 -21.51 71.29 25.41
N LYS P 239 -21.24 72.57 25.18
CA LYS P 239 -22.21 73.44 24.53
C LYS P 239 -22.33 73.13 23.04
N LYS P 240 -21.20 72.86 22.38
CA LYS P 240 -21.20 72.58 20.95
C LYS P 240 -21.23 71.09 20.64
N GLN P 241 -21.67 70.27 21.61
CA GLN P 241 -21.78 68.82 21.51
C GLN P 241 -20.46 68.14 21.14
N ASP P 242 -19.34 68.73 21.58
CA ASP P 242 -18.03 68.22 21.21
C ASP P 242 -17.60 67.11 22.16
N TRP P 243 -17.61 67.39 23.45
CA TRP P 243 -17.07 66.48 24.44
C TRP P 243 -18.05 66.29 25.58
N ILE P 244 -18.04 65.09 26.13
CA ILE P 244 -18.96 64.68 27.20
C ILE P 244 -18.15 64.04 28.32
N PHE P 245 -18.31 64.59 29.53
CA PHE P 245 -17.76 64.01 30.74
C PHE P 245 -18.83 63.16 31.40
N SER P 246 -18.43 62.03 31.97
CA SER P 246 -19.40 61.12 32.55
C SER P 246 -18.75 60.41 33.74
N GLY P 247 -19.30 60.65 34.93
CA GLY P 247 -18.76 60.03 36.12
C GLY P 247 -19.81 59.27 36.90
N GLN P 248 -19.41 58.18 37.53
CA GLN P 248 -20.28 57.46 38.45
C GLN P 248 -19.46 56.88 39.60
N LEU P 249 -19.92 57.13 40.82
CA LEU P 249 -19.31 56.58 42.03
C LEU P 249 -20.20 55.44 42.50
N GLN P 250 -19.75 54.21 42.30
CA GLN P 250 -20.58 53.05 42.59
C GLN P 250 -20.67 52.81 44.09
N ALA P 251 -21.66 52.01 44.48
CA ALA P 251 -21.88 51.70 45.89
C ALA P 251 -20.87 50.71 46.45
N ASN P 252 -20.10 50.06 45.59
CA ASN P 252 -19.05 49.13 46.01
C ASN P 252 -17.72 49.83 46.27
N GLY P 253 -17.72 51.16 46.35
CA GLY P 253 -16.50 51.92 46.40
C GLY P 253 -15.85 52.16 45.06
N ALA P 254 -16.39 51.59 43.99
CA ALA P 254 -15.82 51.76 42.67
C ALA P 254 -16.18 53.12 42.09
N LEU P 255 -15.31 53.62 41.22
CA LEU P 255 -15.48 54.89 40.54
C LEU P 255 -15.13 54.69 39.08
N ILE P 256 -15.98 55.21 38.20
CA ILE P 256 -15.78 55.15 36.76
C ILE P 256 -15.88 56.57 36.24
N ALA P 257 -14.76 57.10 35.73
CA ALA P 257 -14.71 58.44 35.16
C ALA P 257 -14.31 58.32 33.70
N SER P 258 -15.15 58.86 32.83
CA SER P 258 -14.94 58.70 31.39
C SER P 258 -15.17 60.03 30.69
N LEU P 259 -14.51 60.17 29.55
CA LEU P 259 -14.67 61.33 28.69
C LEU P 259 -14.78 60.85 27.25
N TRP P 260 -15.63 61.52 26.48
CA TRP P 260 -15.81 61.25 25.08
C TRP P 260 -15.61 62.55 24.30
N ARG P 261 -15.03 62.46 23.12
CA ARG P 261 -14.75 63.66 22.34
C ARG P 261 -14.88 63.35 20.87
N LYS P 262 -15.42 64.29 20.11
CA LYS P 262 -15.60 64.16 18.68
C LYS P 262 -14.68 65.14 17.98
N VAL P 263 -13.62 64.62 17.36
CA VAL P 263 -12.68 65.49 16.64
C VAL P 263 -13.31 65.97 15.34
N ALA P 264 -13.82 65.06 14.53
CA ALA P 264 -14.49 65.41 13.29
C ALA P 264 -15.64 64.44 13.08
N GLN P 265 -16.25 64.51 11.90
CA GLN P 265 -17.43 63.70 11.62
C GLN P 265 -17.08 62.22 11.44
N ASN P 266 -15.82 61.91 11.18
CA ASN P 266 -15.40 60.54 10.93
C ASN P 266 -14.55 59.95 12.04
N VAL P 267 -14.08 60.77 12.98
CA VAL P 267 -13.12 60.33 13.99
C VAL P 267 -13.63 60.70 15.37
N GLU P 268 -13.42 59.80 16.34
CA GLU P 268 -13.91 59.98 17.71
C GLU P 268 -12.88 59.39 18.66
N ALA P 269 -12.86 59.91 19.89
CA ALA P 269 -11.93 59.41 20.91
C ALA P 269 -12.63 59.34 22.25
N GLY P 270 -12.06 58.53 23.15
CA GLY P 270 -12.64 58.35 24.47
C GLY P 270 -11.74 57.68 25.49
N ILE P 271 -11.81 58.15 26.73
CA ILE P 271 -10.98 57.64 27.81
C ILE P 271 -11.88 57.20 28.96
N GLU P 272 -11.46 56.14 29.66
CA GLU P 272 -12.17 55.61 30.81
C GLU P 272 -11.16 55.23 31.88
N THR P 273 -11.54 55.46 33.14
CA THR P 273 -10.73 55.09 34.30
C THR P 273 -11.65 54.46 35.33
N THR P 274 -11.34 53.23 35.72
CA THR P 274 -12.15 52.45 36.64
C THR P 274 -11.30 52.04 37.83
N LEU P 275 -11.86 52.18 39.04
CA LEU P 275 -11.10 51.81 40.22
C LEU P 275 -12.03 51.29 41.30
N GLN P 276 -11.55 50.35 42.10
CA GLN P 276 -12.34 49.80 43.21
C GLN P 276 -11.64 50.05 44.54
N PRO P 295 -6.91 48.18 52.37
CA PRO P 295 -7.92 47.69 51.43
C PRO P 295 -7.32 47.14 50.14
N THR P 296 -8.17 46.59 49.28
CA THR P 296 -7.74 45.99 48.01
C THR P 296 -8.30 46.85 46.88
N VAL P 297 -7.53 47.84 46.46
CA VAL P 297 -7.96 48.79 45.44
C VAL P 297 -7.08 48.65 44.20
N GLU P 298 -7.72 48.54 43.05
CA GLU P 298 -7.02 48.48 41.77
C GLU P 298 -7.90 49.11 40.71
N GLY P 299 -7.30 49.61 39.65
CA GLY P 299 -8.04 50.26 38.59
C GLY P 299 -7.32 50.15 37.26
N SER P 300 -8.10 50.31 36.19
CA SER P 300 -7.60 50.27 34.82
C SER P 300 -7.92 51.58 34.12
N THR P 301 -6.98 52.04 33.31
CA THR P 301 -7.15 53.22 32.47
C THR P 301 -7.06 52.81 31.01
N THR P 302 -8.13 53.05 30.26
CA THR P 302 -8.20 52.66 28.86
C THR P 302 -8.52 53.88 28.01
N ILE P 303 -7.68 54.13 27.00
CA ILE P 303 -7.87 55.23 26.07
C ILE P 303 -7.98 54.67 24.66
N GLY P 304 -9.05 55.03 23.96
CA GLY P 304 -9.28 54.45 22.66
C GLY P 304 -9.88 55.45 21.69
N ALA P 305 -10.00 55.01 20.45
CA ALA P 305 -10.51 55.84 19.37
C ALA P 305 -11.29 54.98 18.39
N LYS P 306 -12.24 55.61 17.71
CA LYS P 306 -12.99 54.98 16.63
C LYS P 306 -12.91 55.88 15.41
N TYR P 307 -12.36 55.35 14.33
CA TYR P 307 -12.29 56.08 13.06
C TYR P 307 -13.25 55.38 12.12
N GLU P 308 -14.37 56.02 11.82
CA GLU P 308 -15.40 55.41 10.99
C GLU P 308 -15.35 55.97 9.58
N TYR P 309 -15.70 55.12 8.62
CA TYR P 309 -15.81 55.51 7.22
C TYR P 309 -16.96 54.74 6.59
N ARG P 310 -17.17 54.96 5.29
CA ARG P 310 -18.23 54.26 4.59
C ARG P 310 -17.85 52.81 4.30
N GLN P 311 -16.56 52.54 4.12
CA GLN P 311 -16.15 51.19 3.77
C GLN P 311 -15.76 50.36 4.99
N SER P 312 -15.36 50.99 6.08
CA SER P 312 -14.89 50.25 7.23
C SER P 312 -15.02 51.08 8.49
N VAL P 313 -14.87 50.41 9.63
CA VAL P 313 -14.86 51.02 10.95
C VAL P 313 -13.64 50.50 11.70
N TYR P 314 -12.75 51.39 12.09
CA TYR P 314 -11.57 51.06 12.88
C TYR P 314 -11.80 51.44 14.33
N ARG P 315 -11.32 50.62 15.25
CA ARG P 315 -11.37 50.92 16.67
C ARG P 315 -10.07 50.49 17.31
N GLY P 316 -9.38 51.44 17.95
CA GLY P 316 -8.12 51.16 18.62
C GLY P 316 -8.25 51.42 20.11
N THR P 317 -7.49 50.67 20.90
CA THR P 317 -7.57 50.75 22.34
C THR P 317 -6.22 50.49 22.97
N LEU P 318 -5.77 51.43 23.82
CA LEU P 318 -4.57 51.27 24.62
C LEU P 318 -4.95 51.23 26.09
N ASP P 319 -4.52 50.19 26.78
CA ASP P 319 -4.87 49.96 28.17
C ASP P 319 -3.66 50.18 29.06
N SER P 320 -3.94 50.56 30.32
CA SER P 320 -2.91 50.65 31.34
C SER P 320 -2.48 49.28 31.86
N ASN P 321 -3.19 48.22 31.49
CA ASN P 321 -2.82 46.86 31.87
C ASN P 321 -1.79 46.24 30.93
N GLY P 322 -1.12 47.03 30.11
CA GLY P 322 -0.10 46.52 29.22
C GLY P 322 -0.62 45.80 28.00
N LYS P 323 -1.88 46.00 27.63
CA LYS P 323 -2.50 45.32 26.51
C LYS P 323 -3.04 46.33 25.51
N VAL P 324 -2.89 46.01 24.23
CA VAL P 324 -3.40 46.83 23.14
C VAL P 324 -4.44 46.03 22.39
N ALA P 325 -5.36 46.74 21.73
CA ALA P 325 -6.46 46.06 21.08
C ALA P 325 -6.87 46.82 19.83
N CYS P 326 -7.30 46.06 18.83
CA CYS P 326 -7.70 46.57 17.53
C CYS P 326 -8.96 45.85 17.09
N PHE P 327 -9.82 46.57 16.39
CA PHE P 327 -11.05 46.00 15.84
C PHE P 327 -11.37 46.67 14.52
N LEU P 328 -11.27 45.92 13.44
CA LEU P 328 -11.52 46.43 12.10
C LEU P 328 -12.71 45.70 11.48
N GLU P 329 -13.77 46.44 11.19
CA GLU P 329 -14.91 45.90 10.46
C GLU P 329 -14.85 46.48 9.06
N ARG P 330 -14.41 45.68 8.10
CA ARG P 330 -14.25 46.10 6.72
C ARG P 330 -15.40 45.58 5.89
N LYS P 331 -16.25 46.49 5.43
CA LYS P 331 -17.35 46.14 4.53
C LYS P 331 -16.82 46.08 3.11
N VAL P 332 -16.61 44.88 2.59
CA VAL P 332 -16.09 44.69 1.24
C VAL P 332 -17.22 44.56 0.22
N LEU P 333 -18.36 44.03 0.63
CA LEU P 333 -19.52 43.85 -0.23
C LEU P 333 -20.72 44.54 0.40
N PRO P 334 -21.76 44.85 -0.39
CA PRO P 334 -23.01 45.30 0.23
C PRO P 334 -23.69 44.23 1.06
N THR P 335 -23.41 42.96 0.78
CA THR P 335 -23.91 41.86 1.61
C THR P 335 -22.85 41.36 2.59
N LEU P 336 -21.67 41.01 2.09
CA LEU P 336 -20.64 40.45 2.95
C LEU P 336 -19.89 41.57 3.68
N SER P 337 -19.43 41.27 4.89
CA SER P 337 -18.56 42.19 5.61
C SER P 337 -17.62 41.38 6.49
N VAL P 338 -16.31 41.64 6.38
CA VAL P 338 -15.32 40.95 7.18
C VAL P 338 -15.09 41.74 8.47
N LEU P 339 -14.77 41.03 9.55
CA LEU P 339 -14.43 41.71 10.78
C LEU P 339 -13.30 40.96 11.49
N PHE P 340 -12.40 41.75 12.07
CA PHE P 340 -11.16 41.29 12.67
C PHE P 340 -10.99 41.96 14.03
N CYS P 341 -10.46 41.21 14.99
CA CYS P 341 -10.18 41.79 16.30
C CYS P 341 -8.91 41.15 16.87
N GLY P 342 -8.04 41.98 17.43
CA GLY P 342 -6.77 41.50 17.92
C GLY P 342 -6.36 42.15 19.23
N GLU P 343 -5.80 41.35 20.14
CA GLU P 343 -5.39 41.84 21.45
C GLU P 343 -4.02 41.30 21.78
N ILE P 344 -3.12 42.17 22.21
CA ILE P 344 -1.78 41.78 22.64
C ILE P 344 -1.58 42.20 24.09
N ASP P 345 -1.20 41.24 24.93
CA ASP P 345 -0.82 41.53 26.32
C ASP P 345 0.70 41.44 26.42
N HIS P 346 1.32 42.56 26.77
CA HIS P 346 2.77 42.68 26.85
C HIS P 346 3.33 42.26 28.20
N PHE P 347 2.51 42.31 29.26
CA PHE P 347 3.00 41.92 30.59
C PHE P 347 3.25 40.42 30.68
N LYS P 348 2.51 39.63 29.91
CA LYS P 348 2.75 38.19 29.84
C LYS P 348 2.94 37.71 28.40
N ASN P 349 2.90 38.64 27.43
CA ASN P 349 3.37 38.45 26.05
C ASN P 349 2.59 37.34 25.33
N ASP P 350 1.30 37.58 25.16
CA ASP P 350 0.49 36.65 24.38
C ASP P 350 -0.53 37.43 23.56
N THR P 351 -1.26 36.71 22.71
CA THR P 351 -2.07 37.36 21.69
C THR P 351 -3.37 36.58 21.51
N LYS P 352 -4.48 37.31 21.52
CA LYS P 352 -5.80 36.77 21.24
C LYS P 352 -6.27 37.32 19.91
N ILE P 353 -6.56 36.43 18.97
CA ILE P 353 -6.95 36.80 17.61
C ILE P 353 -8.32 36.23 17.31
N GLY P 354 -9.23 37.08 16.87
CA GLY P 354 -10.54 36.63 16.42
C GLY P 354 -10.85 37.18 15.06
N CYS P 355 -11.43 36.32 14.22
CA CYS P 355 -11.87 36.72 12.89
C CYS P 355 -13.31 36.31 12.71
N GLY P 356 -13.98 36.94 11.77
CA GLY P 356 -15.37 36.57 11.54
C GLY P 356 -15.96 37.33 10.37
N LEU P 357 -17.21 37.01 10.09
CA LEU P 357 -17.87 37.58 8.93
C LEU P 357 -19.34 37.82 9.23
N GLN P 358 -19.96 38.66 8.41
CA GLN P 358 -21.40 38.91 8.47
C GLN P 358 -21.95 38.94 7.05
N PHE P 359 -22.83 37.98 6.74
CA PHE P 359 -23.73 38.10 5.60
C PHE P 359 -25.05 38.67 6.09
N GLU P 360 -25.55 39.67 5.37
CA GLU P 360 -26.95 40.07 5.46
C GLU P 360 -27.60 39.84 4.10
N THR P 361 -28.69 39.07 4.10
CA THR P 361 -29.39 38.68 2.89
C THR P 361 -30.87 39.01 3.04
N ALA P 362 -31.58 39.05 1.92
CA ALA P 362 -32.99 39.39 1.97
C ALA P 362 -33.86 38.13 2.02
N GLY P 363 -35.09 38.33 2.46
CA GLY P 363 -36.08 37.27 2.48
C GLY P 363 -36.97 37.28 1.25
N ASN P 364 -37.45 38.45 0.87
CA ASN P 364 -38.29 38.60 -0.31
C ASN P 364 -37.53 39.23 -1.47
N GLN P 365 -38.21 39.34 -2.60
CA GLN P 365 -37.57 39.84 -3.82
C GLN P 365 -37.34 41.35 -3.76
N GLU P 366 -38.24 42.07 -3.08
CA GLU P 366 -38.18 43.53 -3.05
C GLU P 366 -36.96 44.02 -2.26
N LEU P 367 -36.69 43.40 -1.11
CA LEU P 367 -35.53 43.79 -0.33
C LEU P 367 -34.24 43.29 -0.96
N LEU P 368 -34.33 42.26 -1.83
CA LEU P 368 -33.15 41.84 -2.58
C LEU P 368 -32.73 42.87 -3.61
N MET P 369 -33.70 43.51 -4.26
CA MET P 369 -33.38 44.61 -5.16
C MET P 369 -33.03 45.88 -4.41
N LEU P 370 -33.62 46.08 -3.23
CA LEU P 370 -33.31 47.26 -2.45
C LEU P 370 -31.91 47.15 -1.82
N GLN P 371 -31.44 45.93 -1.59
CA GLN P 371 -30.18 45.73 -0.90
C GLN P 371 -28.98 46.02 -1.81
N GLN P 372 -29.04 45.55 -3.05
CA GLN P 372 -27.95 45.81 -3.99
C GLN P 372 -28.02 47.23 -4.55
N GLY P 373 -29.21 47.65 -5.00
CA GLY P 373 -29.38 48.97 -5.56
C GLY P 373 -30.72 49.15 -6.24
N SER Q 86 27.18 43.64 31.21
CA SER Q 86 27.40 44.68 32.21
C SER Q 86 26.18 45.58 32.34
N PHE Q 87 26.39 46.79 32.88
CA PHE Q 87 25.30 47.74 32.98
C PHE Q 87 24.92 48.30 31.61
N VAL Q 88 25.93 48.51 30.75
CA VAL Q 88 25.67 49.06 29.43
C VAL Q 88 24.95 48.03 28.56
N ARG Q 89 25.31 46.75 28.71
CA ARG Q 89 24.61 45.70 27.98
C ARG Q 89 23.18 45.53 28.49
N ASN Q 90 22.97 45.76 29.79
CA ASN Q 90 21.61 45.78 30.34
C ASN Q 90 20.81 46.94 29.78
N ALA Q 91 21.47 48.08 29.56
CA ALA Q 91 20.80 49.22 28.94
C ALA Q 91 20.42 48.94 27.49
N PHE Q 92 21.31 48.27 26.74
CA PHE Q 92 20.99 47.87 25.38
C PHE Q 92 19.84 46.85 25.34
N THR Q 93 19.81 45.93 26.32
CA THR Q 93 18.74 44.94 26.36
C THR Q 93 17.40 45.58 26.70
N LYS Q 94 17.40 46.52 27.65
CA LYS Q 94 16.18 47.26 28.00
C LYS Q 94 15.70 48.11 26.85
N SER Q 95 16.63 48.76 26.13
CA SER Q 95 16.25 49.59 24.99
C SER Q 95 15.72 48.75 23.84
N GLY Q 96 16.32 47.58 23.61
CA GLY Q 96 15.83 46.71 22.55
C GLY Q 96 14.46 46.12 22.86
N ASN Q 97 14.22 45.79 24.14
CA ASN Q 97 12.91 45.26 24.52
C ASN Q 97 11.85 46.35 24.41
N LEU Q 98 12.16 47.57 24.85
CA LEU Q 98 11.23 48.69 24.72
C LEU Q 98 10.95 49.02 23.26
N ALA Q 99 11.98 48.96 22.41
CA ALA Q 99 11.86 49.20 20.99
C ALA Q 99 10.98 48.15 20.32
N TRP Q 100 11.16 46.88 20.71
CA TRP Q 100 10.35 45.79 20.20
C TRP Q 100 8.88 45.97 20.56
N THR Q 101 8.60 46.34 21.82
CA THR Q 101 7.23 46.54 22.26
C THR Q 101 6.58 47.71 21.52
N LEU Q 102 7.30 48.83 21.40
CA LEU Q 102 6.74 49.98 20.69
C LEU Q 102 6.58 49.68 19.20
N THR Q 103 7.44 48.85 18.64
CA THR Q 103 7.35 48.51 17.22
C THR Q 103 6.13 47.64 16.94
N THR Q 104 5.93 46.58 17.74
CA THR Q 104 4.77 45.72 17.49
C THR Q 104 3.47 46.43 17.85
N THR Q 105 3.51 47.36 18.82
CA THR Q 105 2.33 48.14 19.14
C THR Q 105 1.98 49.10 18.02
N ALA Q 106 2.99 49.76 17.45
CA ALA Q 106 2.75 50.69 16.36
C ALA Q 106 2.27 49.96 15.11
N LEU Q 107 2.78 48.76 14.86
CA LEU Q 107 2.30 47.98 13.71
C LEU Q 107 0.85 47.55 13.90
N LEU Q 108 0.51 47.04 15.09
CA LEU Q 108 -0.86 46.57 15.32
C LEU Q 108 -1.86 47.72 15.31
N LEU Q 109 -1.46 48.88 15.81
CA LEU Q 109 -2.38 50.02 15.79
C LEU Q 109 -2.34 50.80 14.48
N GLY Q 110 -1.38 50.53 13.61
CA GLY Q 110 -1.28 51.33 12.41
C GLY Q 110 -1.69 50.65 11.12
N VAL Q 111 -1.38 49.35 10.97
CA VAL Q 111 -1.58 48.68 9.68
C VAL Q 111 -3.05 48.49 9.30
N PRO Q 112 -3.99 48.04 10.19
CA PRO Q 112 -5.39 48.05 9.75
C PRO Q 112 -5.96 49.43 9.51
N LEU Q 113 -5.51 50.42 10.29
CA LEU Q 113 -5.92 51.80 10.07
C LEU Q 113 -5.38 52.31 8.74
N SER Q 114 -4.14 51.95 8.38
CA SER Q 114 -3.59 52.38 7.11
C SER Q 114 -4.31 51.72 5.94
N LEU Q 115 -4.71 50.45 6.10
CA LEU Q 115 -5.50 49.79 5.08
C LEU Q 115 -6.87 50.45 4.91
N SER Q 116 -7.51 50.81 6.02
CA SER Q 116 -8.82 51.47 5.96
C SER Q 116 -8.72 52.84 5.30
N ILE Q 117 -7.72 53.63 5.68
CA ILE Q 117 -7.56 54.98 5.12
C ILE Q 117 -7.18 54.91 3.64
N LEU Q 118 -6.35 53.92 3.27
CA LEU Q 118 -5.94 53.83 1.86
C LEU Q 118 -7.09 53.34 0.98
N ALA Q 119 -7.91 52.42 1.51
CA ALA Q 119 -9.09 51.99 0.78
C ALA Q 119 -10.11 53.11 0.63
N GLU Q 120 -10.23 53.94 1.67
CA GLU Q 120 -11.16 55.06 1.60
C GLU Q 120 -10.65 56.14 0.64
N GLN Q 121 -9.33 56.32 0.56
CA GLN Q 121 -8.74 57.22 -0.43
C GLN Q 121 -8.97 56.71 -1.84
N GLN Q 122 -8.85 55.39 -2.04
CA GLN Q 122 -9.13 54.81 -3.35
C GLN Q 122 -10.59 54.96 -3.72
N LEU Q 123 -11.49 54.85 -2.74
CA LEU Q 123 -12.91 55.02 -3.01
C LEU Q 123 -13.23 56.48 -3.35
N ILE Q 124 -12.58 57.43 -2.66
CA ILE Q 124 -12.74 58.85 -2.98
C ILE Q 124 -12.20 59.16 -4.38
N GLU Q 125 -11.07 58.55 -4.74
CA GLU Q 125 -10.51 58.77 -6.07
C GLU Q 125 -11.40 58.18 -7.16
N MET Q 126 -12.01 57.03 -6.89
CA MET Q 126 -12.95 56.44 -7.85
C MET Q 126 -14.21 57.30 -7.98
N GLU Q 127 -14.69 57.87 -6.88
CA GLU Q 127 -15.84 58.78 -6.96
C GLU Q 127 -15.49 60.05 -7.73
N LYS Q 128 -14.25 60.55 -7.57
CA LYS Q 128 -13.84 61.75 -8.31
C LYS Q 128 -13.72 61.46 -9.81
N THR Q 129 -13.19 60.29 -10.17
CA THR Q 129 -13.07 59.94 -11.59
C THR Q 129 -14.44 59.66 -12.20
N PHE Q 130 -15.38 59.13 -11.41
CA PHE Q 130 -16.73 58.95 -11.92
C PHE Q 130 -17.48 60.28 -12.02
N ASP Q 131 -17.13 61.25 -11.17
CA ASP Q 131 -17.78 62.55 -11.24
C ASP Q 131 -17.25 63.35 -12.42
N LEU Q 132 -15.95 63.26 -12.70
CA LEU Q 132 -15.38 64.03 -13.81
C LEU Q 132 -15.78 63.46 -15.16
N GLN Q 133 -15.94 62.14 -15.25
CA GLN Q 133 -16.39 61.55 -16.52
C GLN Q 133 -17.88 61.81 -16.75
N SER Q 134 -18.65 61.99 -15.67
CA SER Q 134 -20.06 62.32 -15.82
C SER Q 134 -20.27 63.75 -16.29
N ASP Q 135 -19.50 64.68 -15.74
CA ASP Q 135 -19.60 66.08 -16.13
C ASP Q 135 -18.71 66.38 -17.33
N GLU R 13 -30.46 41.75 66.48
CA GLU R 13 -29.23 42.21 65.82
C GLU R 13 -29.51 42.59 64.38
N LYS R 14 -30.37 41.82 63.72
CA LYS R 14 -30.70 42.09 62.33
C LYS R 14 -31.63 43.30 62.19
N ARG R 15 -32.31 43.68 63.27
CA ARG R 15 -33.23 44.81 63.22
C ARG R 15 -32.47 46.12 63.06
N ALA R 16 -31.28 46.22 63.66
CA ALA R 16 -30.46 47.41 63.48
C ALA R 16 -29.93 47.51 62.05
N HIS R 17 -29.60 46.37 61.44
CA HIS R 17 -29.20 46.35 60.04
C HIS R 17 -30.35 46.74 59.13
N GLN R 18 -31.56 46.27 59.44
CA GLN R 18 -32.75 46.65 58.68
C GLN R 18 -33.04 48.13 58.82
N GLU R 19 -32.85 48.69 60.01
CA GLU R 19 -33.07 50.11 60.23
C GLU R 19 -32.01 50.94 59.52
N GLN R 20 -30.78 50.43 59.44
CA GLN R 20 -29.72 51.13 58.72
C GLN R 20 -30.00 51.14 57.21
N THR R 21 -30.48 50.02 56.67
CA THR R 21 -30.85 49.99 55.25
C THR R 21 -32.05 50.88 54.96
N GLU R 22 -33.02 50.92 55.87
CA GLU R 22 -34.17 51.79 55.68
C GLU R 22 -33.78 53.26 55.78
N LYS R 23 -32.83 53.57 56.66
CA LYS R 23 -32.29 54.92 56.75
C LYS R 23 -31.54 55.30 55.47
N THR R 24 -30.83 54.34 54.89
CA THR R 24 -30.14 54.58 53.62
C THR R 24 -31.14 54.85 52.49
N LEU R 25 -32.25 54.10 52.47
CA LEU R 25 -33.29 54.33 51.47
C LEU R 25 -33.95 55.69 51.65
N LYS R 26 -34.22 56.08 52.90
CA LYS R 26 -34.83 57.39 53.15
C LYS R 26 -33.88 58.52 52.80
N GLN R 27 -32.58 58.34 53.06
CA GLN R 27 -31.60 59.35 52.68
C GLN R 27 -31.49 59.47 51.17
N ALA R 28 -31.57 58.34 50.46
CA ALA R 28 -31.56 58.37 48.99
C ALA R 28 -32.79 59.07 48.43
N ALA R 29 -33.95 58.84 49.06
CA ALA R 29 -35.17 59.52 48.64
C ALA R 29 -35.08 61.03 48.89
N TYR R 30 -34.44 61.41 50.01
CA TYR R 30 -34.23 62.83 50.30
C TYR R 30 -33.30 63.48 49.29
N VAL R 31 -32.24 62.76 48.89
CA VAL R 31 -31.31 63.29 47.89
C VAL R 31 -31.98 63.40 46.53
N ALA R 32 -32.87 62.45 46.20
CA ALA R 32 -33.59 62.52 44.93
C ALA R 32 -34.56 63.69 44.90
N ALA R 33 -35.25 63.94 46.02
CA ALA R 33 -36.14 65.10 46.10
C ALA R 33 -35.36 66.41 46.03
N PHE R 34 -34.19 66.46 46.67
CA PHE R 34 -33.36 67.66 46.60
C PHE R 34 -32.82 67.88 45.20
N LEU R 35 -32.54 66.80 44.47
CA LEU R 35 -32.11 66.94 43.08
C LEU R 35 -33.25 67.43 42.19
N TRP R 36 -34.49 67.04 42.51
CA TRP R 36 -35.61 67.58 41.75
C TRP R 36 -35.83 69.06 42.07
N VAL R 37 -35.57 69.46 43.30
CA VAL R 37 -35.66 70.88 43.67
C VAL R 37 -34.53 71.71 43.04
N SER R 38 -33.34 71.12 42.92
CA SER R 38 -32.12 71.86 42.60
C SER R 38 -32.08 72.69 41.30
N PRO R 39 -32.87 72.44 40.23
CA PRO R 39 -32.91 73.44 39.14
C PRO R 39 -33.40 74.81 39.57
N MET R 40 -34.43 74.87 40.42
CA MET R 40 -34.92 76.15 40.95
C MET R 40 -33.83 76.84 41.77
N ILE R 41 -33.14 76.07 42.61
CA ILE R 41 -32.10 76.61 43.48
C ILE R 41 -30.93 77.14 42.65
N TRP R 42 -30.51 76.38 41.64
CA TRP R 42 -29.39 76.78 40.81
C TRP R 42 -29.73 78.00 39.95
N HIS R 43 -30.97 78.07 39.45
CA HIS R 43 -31.36 79.23 38.65
C HIS R 43 -31.51 80.48 39.52
N LEU R 44 -31.98 80.32 40.76
CA LEU R 44 -32.13 81.49 41.62
C LEU R 44 -30.80 81.95 42.18
N VAL R 45 -29.82 81.04 42.29
CA VAL R 45 -28.46 81.46 42.62
C VAL R 45 -27.85 82.21 41.42
N LYS R 46 -28.12 81.73 40.21
CA LYS R 46 -27.64 82.44 39.02
C LYS R 46 -28.37 83.76 38.82
N LYS R 47 -29.61 83.88 39.32
CA LYS R 47 -30.30 85.16 39.28
C LYS R 47 -29.75 86.13 40.32
N GLN R 48 -29.17 85.61 41.40
CA GLN R 48 -28.69 86.46 42.49
C GLN R 48 -27.47 87.26 42.06
N TRP R 49 -26.63 86.69 41.20
CA TRP R 49 -25.45 87.39 40.72
C TRP R 49 -25.70 87.97 39.33
N PHE S 27 9.19 55.06 47.75
CA PHE S 27 8.80 53.65 47.79
C PHE S 27 7.60 53.47 48.72
N LYS S 28 6.41 53.34 48.13
CA LYS S 28 5.18 53.20 48.88
C LYS S 28 4.48 51.86 48.65
N GLU S 29 4.24 51.50 47.38
CA GLU S 29 3.58 50.23 46.97
C GLU S 29 2.24 50.01 47.67
N SER S 30 1.40 51.04 47.61
CA SER S 30 0.14 51.06 48.34
C SER S 30 -1.01 51.03 47.33
N PRO S 31 -2.26 50.87 47.76
CA PRO S 31 -3.38 51.16 46.85
C PRO S 31 -3.43 52.62 46.43
N LEU S 32 -2.95 53.53 47.27
CA LEU S 32 -2.86 54.94 46.88
C LEU S 32 -1.88 55.15 45.73
N TYR S 33 -0.86 54.30 45.61
CA TYR S 33 0.08 54.36 44.50
C TYR S 33 -0.62 54.10 43.17
N THR S 34 -1.40 53.02 43.08
CA THR S 34 -2.07 52.74 41.82
C THR S 34 -3.26 53.67 41.59
N ILE S 35 -3.85 54.23 42.65
CA ILE S 35 -4.86 55.26 42.48
C ILE S 35 -4.25 56.51 41.84
N ALA S 36 -3.09 56.95 42.36
CA ALA S 36 -2.42 58.11 41.79
C ALA S 36 -1.90 57.83 40.39
N LEU S 37 -1.53 56.56 40.11
CA LEU S 37 -1.07 56.19 38.78
C LEU S 37 -2.20 56.24 37.75
N ASN S 38 -3.37 55.69 38.10
CA ASN S 38 -4.53 55.76 37.23
C ASN S 38 -5.02 57.19 37.05
N GLY S 39 -4.96 58.00 38.11
CA GLY S 39 -5.36 59.39 38.00
C GLY S 39 -4.43 60.20 37.13
N ALA S 40 -3.12 59.94 37.23
CA ALA S 40 -2.17 60.62 36.37
C ALA S 40 -2.32 60.19 34.92
N PHE S 41 -2.61 58.90 34.68
CA PHE S 41 -2.90 58.44 33.33
C PHE S 41 -4.16 59.10 32.77
N PHE S 42 -5.17 59.29 33.61
CA PHE S 42 -6.40 59.94 33.17
C PHE S 42 -6.16 61.41 32.83
N VAL S 43 -5.39 62.10 33.67
CA VAL S 43 -5.10 63.52 33.43
C VAL S 43 -4.25 63.68 32.18
N ALA S 44 -3.29 62.77 31.97
CA ALA S 44 -2.47 62.81 30.76
C ALA S 44 -3.29 62.53 29.51
N GLY S 45 -4.25 61.61 29.61
CA GLY S 45 -5.10 61.35 28.47
C GLY S 45 -6.05 62.49 28.15
N VAL S 46 -6.55 63.18 29.18
CA VAL S 46 -7.36 64.38 28.96
C VAL S 46 -6.53 65.48 28.32
N ALA S 47 -5.28 65.64 28.77
CA ALA S 47 -4.39 66.63 28.16
C ALA S 47 -4.01 66.25 26.73
N PHE S 48 -3.98 64.96 26.42
CA PHE S 48 -3.65 64.53 25.06
C PHE S 48 -4.85 64.72 24.13
N ILE S 49 -6.05 64.44 24.62
CA ILE S 49 -7.24 64.55 23.77
C ILE S 49 -7.58 66.02 23.51
N GLN S 50 -7.55 66.85 24.57
CA GLN S 50 -7.96 68.24 24.42
C GLN S 50 -6.92 69.07 23.67
N SER S 51 -5.71 68.56 23.52
CA SER S 51 -4.69 69.25 22.74
C SER S 51 -5.02 69.15 21.25
N PRO S 52 -4.51 70.07 20.44
CA PRO S 52 -4.65 69.92 18.98
C PRO S 52 -3.76 68.83 18.39
N LEU S 53 -2.91 68.17 19.19
CA LEU S 53 -2.16 67.03 18.70
C LEU S 53 -3.09 65.87 18.37
N MET S 54 -4.17 65.72 19.14
CA MET S 54 -5.21 64.74 18.80
C MET S 54 -5.89 65.10 17.49
N ASP S 55 -6.01 66.39 17.21
CA ASP S 55 -6.51 66.82 15.91
C ASP S 55 -5.50 66.51 14.81
N MET S 56 -4.21 66.55 15.14
CA MET S 56 -3.18 66.19 14.17
C MET S 56 -3.17 64.69 13.87
N LEU S 57 -3.54 63.86 14.86
CA LEU S 57 -3.70 62.43 14.59
C LEU S 57 -4.95 62.11 13.77
N ALA S 58 -5.86 63.07 13.62
CA ALA S 58 -7.03 62.86 12.77
C ALA S 58 -6.70 63.23 11.33
N PRO S 59 -7.06 62.40 10.35
CA PRO S 59 -6.81 62.78 8.95
C PRO S 59 -7.71 63.94 8.53
N GLN S 60 -7.23 64.69 7.53
CA GLN S 60 -7.98 65.84 7.05
C GLN S 60 -9.18 65.42 6.22
N LEU S 61 -9.00 64.45 5.34
CA LEU S 61 -10.08 63.97 4.49
C LEU S 61 -11.10 63.16 5.29
N ASP T 11 -49.55 26.27 51.14
CA ASP T 11 -51.00 26.18 51.10
C ASP T 11 -51.50 25.76 49.72
N GLU T 12 -52.82 25.81 49.52
CA GLU T 12 -53.38 25.45 48.21
C GLU T 12 -53.09 26.54 47.18
N SER T 13 -53.10 27.80 47.61
CA SER T 13 -52.76 28.89 46.70
C SER T 13 -51.29 28.88 46.32
N LYS T 14 -50.43 28.41 47.23
CA LYS T 14 -49.02 28.26 46.92
C LYS T 14 -48.80 27.16 45.89
N GLU T 15 -49.53 26.06 46.01
CA GLU T 15 -49.44 24.99 45.01
C GLU T 15 -50.00 25.45 43.67
N ARG T 16 -51.06 26.27 43.68
CA ARG T 16 -51.64 26.79 42.44
C ARG T 16 -50.67 27.75 41.74
N ILE T 17 -50.05 28.67 42.50
CA ILE T 17 -49.14 29.62 41.89
C ILE T 17 -47.86 28.92 41.44
N SER T 18 -47.45 27.86 42.15
CA SER T 18 -46.28 27.09 41.72
C SER T 18 -46.57 26.32 40.43
N LYS T 19 -47.77 25.74 40.33
CA LYS T 19 -48.14 25.00 39.13
C LYS T 19 -48.27 25.92 37.92
N ILE T 20 -48.88 27.09 38.09
CA ILE T 20 -49.03 27.97 36.93
C ILE T 20 -47.71 28.66 36.59
N LEU T 21 -46.81 28.87 37.55
CA LEU T 21 -45.48 29.37 37.19
C LEU T 21 -44.65 28.29 36.50
N THR T 22 -44.85 27.01 36.85
CA THR T 22 -44.17 25.93 36.15
C THR T 22 -44.67 25.82 34.72
N LEU T 23 -45.99 25.97 34.52
CA LEU T 23 -46.56 25.95 33.18
C LEU T 23 -46.10 27.16 32.37
N THR T 24 -46.02 28.33 33.02
CA THR T 24 -45.53 29.53 32.35
C THR T 24 -44.06 29.40 31.97
N HIS T 25 -43.26 28.77 32.83
CA HIS T 25 -41.86 28.49 32.54
C HIS T 25 -41.71 27.55 31.36
N ASN T 26 -42.57 26.53 31.29
CA ASN T 26 -42.49 25.57 30.18
C ASN T 26 -42.89 26.21 28.86
N VAL T 27 -43.95 27.03 28.88
CA VAL T 27 -44.39 27.71 27.65
C VAL T 27 -43.36 28.74 27.20
N ALA T 28 -42.80 29.52 28.13
CA ALA T 28 -41.79 30.51 27.76
C ALA T 28 -40.47 29.85 27.36
N HIS T 29 -40.20 28.64 27.84
CA HIS T 29 -39.01 27.93 27.40
C HIS T 29 -39.18 27.41 25.98
N TYR T 30 -40.25 26.67 25.73
CA TYR T 30 -40.36 26.00 24.44
C TYR T 30 -40.99 26.88 23.35
N GLY T 31 -41.80 27.86 23.74
CA GLY T 31 -42.61 28.56 22.74
C GLY T 31 -42.46 30.06 22.67
N TRP T 32 -41.31 30.60 23.09
CA TRP T 32 -41.09 32.04 22.98
C TRP T 32 -40.73 32.44 21.55
N ILE T 33 -39.61 31.94 21.06
CA ILE T 33 -39.16 32.22 19.70
C ILE T 33 -40.09 31.66 18.61
N PRO T 34 -40.83 30.54 18.75
CA PRO T 34 -41.85 30.28 17.72
C PRO T 34 -43.02 31.25 17.75
N PHE T 35 -43.34 31.82 18.92
CA PHE T 35 -44.35 32.87 18.96
C PHE T 35 -43.86 34.14 18.26
N VAL T 36 -42.58 34.47 18.44
CA VAL T 36 -42.00 35.64 17.76
C VAL T 36 -41.97 35.41 16.25
N LEU T 37 -41.61 34.20 15.82
CA LEU T 37 -41.62 33.87 14.40
C LEU T 37 -43.03 33.84 13.84
N TYR T 38 -44.03 33.47 14.64
CA TYR T 38 -45.42 33.52 14.19
C TYR T 38 -45.88 34.95 14.01
N LEU T 39 -45.47 35.84 14.92
CA LEU T 39 -45.77 37.27 14.76
C LEU T 39 -45.12 37.84 13.49
N GLY T 40 -43.87 37.47 13.25
CA GLY T 40 -43.17 37.88 12.05
C GLY T 40 -43.80 37.37 10.77
N TRP T 41 -44.15 36.08 10.74
CA TRP T 41 -44.79 35.50 9.56
C TRP T 41 -46.19 36.06 9.33
N ALA T 42 -46.88 36.44 10.40
CA ALA T 42 -48.16 37.10 10.24
C ALA T 42 -47.98 38.52 9.72
N HIS T 43 -46.87 39.16 10.05
CA HIS T 43 -46.64 40.56 9.70
C HIS T 43 -45.74 40.74 8.49
N THR T 44 -45.69 39.77 7.58
CA THR T 44 -45.05 39.95 6.29
C THR T 44 -46.10 39.95 5.18
N SER T 45 -45.79 40.68 4.11
CA SER T 45 -46.66 40.68 2.94
C SER T 45 -46.42 39.48 2.05
N ASN T 46 -45.25 38.86 2.14
CA ASN T 46 -44.92 37.69 1.33
C ASN T 46 -45.46 36.41 1.97
N ARG T 47 -45.33 36.28 3.29
CA ARG T 47 -45.70 35.12 4.12
C ARG T 47 -45.08 33.84 3.59
N PRO T 48 -43.76 33.63 3.78
CA PRO T 48 -43.13 32.43 3.21
C PRO T 48 -43.48 31.16 3.97
N ASN T 49 -43.06 30.02 3.43
CA ASN T 49 -43.29 28.74 4.09
C ASN T 49 -42.28 28.52 5.21
N PHE T 50 -42.32 27.32 5.79
CA PHE T 50 -41.50 27.03 6.97
C PHE T 50 -40.03 26.83 6.62
N LEU T 51 -39.73 26.32 5.43
CA LEU T 51 -38.35 26.05 5.06
C LEU T 51 -37.60 27.34 4.76
N ASN T 52 -38.25 28.29 4.07
CA ASN T 52 -37.62 29.56 3.77
C ASN T 52 -37.44 30.42 5.02
N LEU T 53 -38.26 30.18 6.04
CA LEU T 53 -38.16 30.96 7.27
C LEU T 53 -36.97 30.52 8.13
N LEU T 54 -36.44 29.31 7.89
CA LEU T 54 -35.29 28.83 8.64
C LEU T 54 -34.02 28.69 7.82
N SER T 55 -34.11 28.59 6.51
CA SER T 55 -32.91 28.47 5.69
C SER T 55 -32.27 29.83 5.53
N PRO T 56 -30.95 29.95 5.72
CA PRO T 56 -30.27 31.25 5.58
C PRO T 56 -30.04 31.68 4.14
N LEU T 57 -30.51 30.93 3.15
CA LEU T 57 -30.26 31.24 1.76
C LEU T 57 -31.15 32.38 1.28
N PRO T 58 -30.72 33.10 0.23
CA PRO T 58 -31.59 34.12 -0.38
C PRO T 58 -32.58 33.56 -1.37
N SER T 59 -32.88 32.26 -1.30
CA SER T 59 -33.61 31.53 -2.34
C SER T 59 -35.06 31.98 -2.53
N VAL T 60 -35.58 32.84 -1.65
CA VAL T 60 -36.95 33.42 -1.63
C VAL T 60 -38.12 32.50 -2.04
#